data_3THK
# 
_entry.id   3THK 
# 
_audit_conform.dict_name       mmcif_pdbx.dic 
_audit_conform.dict_version    5.379 
_audit_conform.dict_location   http://mmcif.pdb.org/dictionaries/ascii/mmcif_pdbx.dic 
# 
loop_
_database_2.database_id 
_database_2.database_code 
_database_2.pdbx_database_accession 
_database_2.pdbx_DOI 
PDB   3THK         pdb_00003thk 10.2210/pdb3thk/pdb 
RCSB  RCSB067485   ?            ?                   
WWPDB D_1000067485 ?            ?                   
# 
_pdbx_database_PDB_obs_spr.id               SPRSDE 
_pdbx_database_PDB_obs_spr.date             2011-11-23 
_pdbx_database_PDB_obs_spr.pdb_id           3THK 
_pdbx_database_PDB_obs_spr.replace_pdb_id   2PQH 
_pdbx_database_PDB_obs_spr.details          ? 
# 
loop_
_pdbx_database_related.db_name 
_pdbx_database_related.db_id 
_pdbx_database_related.details 
_pdbx_database_related.content_type 
PDB 1PWT 
;THERMODYNAMIC ANALYSIS OF ALPHA-SPECTRIN SH3 AND TWO OF ITS CIRCULAR PERMUTANTS WITH DIFFERENT LOOP LENGTHS: DISCERNING THE REASONS FOR RAPID FOLDING IN PROTEINS
;
unspecified 
PDB 1SHG 'CRYSTAL STRUCTURE OF A SRC-HOMOLOGY 3 (SH3) DOMAIN' unspecified 
# 
_pdbx_database_status.status_code                     REL 
_pdbx_database_status.entry_id                        3THK 
_pdbx_database_status.recvd_initial_deposition_date   2011-08-19 
_pdbx_database_status.deposit_site                    RCSB 
_pdbx_database_status.process_site                    RCSB 
_pdbx_database_status.status_code_sf                  REL 
_pdbx_database_status.status_code_mr                  ? 
_pdbx_database_status.SG_entry                        ? 
_pdbx_database_status.status_code_cs                  ? 
_pdbx_database_status.pdb_format_compatible           Y 
_pdbx_database_status.status_code_nmr_data            ? 
_pdbx_database_status.methods_development_category    ? 
# 
loop_
_audit_author.name 
_audit_author.pdbx_ordinal 
'Gabdulkhakov, A.G.' 1 
'Gushchina, L.V.'    2 
'Nikulin, A.D.'      3 
'Nikonov, S.V.'      4 
'Filimonov, V.V.'    5 
# 
_citation.id                        primary 
_citation.title                     'High-Resolution Crystal Structure of Spectrin SH3 Domain Fused with a Proline-Rich Peptide.' 
_citation.journal_abbrev            J.Biomol.Struct.Dyn. 
_citation.journal_volume            29 
_citation.page_first                485 
_citation.page_last                 495 
_citation.year                      2011 
_citation.journal_id_ASTM           JBSDD6 
_citation.country                   US 
_citation.journal_id_ISSN           0739-1102 
_citation.journal_id_CSD            0646 
_citation.book_publisher            ? 
_citation.pdbx_database_id_PubMed   22066535 
_citation.pdbx_database_id_DOI      ? 
# 
loop_
_citation_author.citation_id 
_citation_author.name 
_citation_author.ordinal 
_citation_author.identifier_ORCID 
primary 'Gushchina, L.V.'    1 ? 
primary 'Gabdulkhakov, A.G.' 2 ? 
primary 'Nikonov, S.V.'      3 ? 
primary 'Filimonov, V.V.'    4 ? 
# 
_cell.entry_id           3THK 
_cell.length_a           36.380 
_cell.length_b           36.380 
_cell.length_c           112.140 
_cell.angle_alpha        90.00 
_cell.angle_beta         90.00 
_cell.angle_gamma        120.00 
_cell.Z_PDB              6 
_cell.pdbx_unique_axis   ? 
_cell.length_a_esd       ? 
_cell.length_b_esd       ? 
_cell.length_c_esd       ? 
_cell.angle_alpha_esd    ? 
_cell.angle_beta_esd     ? 
_cell.angle_gamma_esd    ? 
# 
_symmetry.entry_id                         3THK 
_symmetry.space_group_name_H-M             'P 32' 
_symmetry.pdbx_full_space_group_name_H-M   ? 
_symmetry.cell_setting                     ? 
_symmetry.Int_Tables_number                145 
_symmetry.space_group_name_Hall            ? 
# 
loop_
_entity.id 
_entity.type 
_entity.src_method 
_entity.pdbx_description 
_entity.formula_weight 
_entity.pdbx_number_of_molecules 
_entity.pdbx_ec 
_entity.pdbx_mutation 
_entity.pdbx_fragment 
_entity.details 
1 polymer     man 'Spectrin alpha chain, brain' 8211.320 2  ? ? 'SH3 DOMAIN, UNP residues 967 - 1035' ? 
2 polymer     syn 'Proline-rich peptide'        981.101  2  ? ? ?                                     ? 
3 non-polymer syn BETA-MERCAPTOETHANOL          78.133   2  ? ? ?                                     ? 
4 non-polymer syn 'SULFATE ION'                 96.063   1  ? ? ?                                     ? 
5 water       nat water                         18.015   45 ? ? ?                                     ? 
# 
_entity_name_com.entity_id   1 
_entity_name_com.name        'Alpha-II spectrin, Fodrin alpha chain, Spectrin, non-erythroid alpha chain' 
# 
loop_
_entity_poly.entity_id 
_entity_poly.type 
_entity_poly.nstd_linkage 
_entity_poly.nstd_monomer 
_entity_poly.pdbx_seq_one_letter_code 
_entity_poly.pdbx_seq_one_letter_code_can 
_entity_poly.pdbx_strand_id 
_entity_poly.pdbx_target_identifier 
1 'polypeptide(L)' no no MGTGKELVLALYDYQEKSPREVTMKKGDILTLLNSTNKDWWKVEVNDRQGFVPAAYVKKLDPAQSASRENLGG 
MGTGKELVLALYDYQEKSPREVTMKKGDILTLLNSTNKDWWKVEVNDRQGFVPAAYVKKLDPAQSASRENLGG A,B ? 
2 'polypeptide(L)' no no PPPVPPYSAG                                                                PPPVPPYSAG C,D ? 
# 
loop_
_entity_poly_seq.entity_id 
_entity_poly_seq.num 
_entity_poly_seq.mon_id 
_entity_poly_seq.hetero 
1 1  MET n 
1 2  GLY n 
1 3  THR n 
1 4  GLY n 
1 5  LYS n 
1 6  GLU n 
1 7  LEU n 
1 8  VAL n 
1 9  LEU n 
1 10 ALA n 
1 11 LEU n 
1 12 TYR n 
1 13 ASP n 
1 14 TYR n 
1 15 GLN n 
1 16 GLU n 
1 17 LYS n 
1 18 SER n 
1 19 PRO n 
1 20 ARG n 
1 21 GLU n 
1 22 VAL n 
1 23 THR n 
1 24 MET n 
1 25 LYS n 
1 26 LYS n 
1 27 GLY n 
1 28 ASP n 
1 29 ILE n 
1 30 LEU n 
1 31 THR n 
1 32 LEU n 
1 33 LEU n 
1 34 ASN n 
1 35 SER n 
1 36 THR n 
1 37 ASN n 
1 38 LYS n 
1 39 ASP n 
1 40 TRP n 
1 41 TRP n 
1 42 LYS n 
1 43 VAL n 
1 44 GLU n 
1 45 VAL n 
1 46 ASN n 
1 47 ASP n 
1 48 ARG n 
1 49 GLN n 
1 50 GLY n 
1 51 PHE n 
1 52 VAL n 
1 53 PRO n 
1 54 ALA n 
1 55 ALA n 
1 56 TYR n 
1 57 VAL n 
1 58 LYS n 
1 59 LYS n 
1 60 LEU n 
1 61 ASP n 
1 62 PRO n 
1 63 ALA n 
1 64 GLN n 
1 65 SER n 
1 66 ALA n 
1 67 SER n 
1 68 ARG n 
1 69 GLU n 
1 70 ASN n 
1 71 LEU n 
1 72 GLY n 
1 73 GLY n 
2 1  PRO n 
2 2  PRO n 
2 3  PRO n 
2 4  VAL n 
2 5  PRO n 
2 6  PRO n 
2 7  TYR n 
2 8  SER n 
2 9  ALA n 
2 10 GLY n 
# 
_entity_src_gen.entity_id                          1 
_entity_src_gen.pdbx_src_id                        1 
_entity_src_gen.pdbx_alt_source_flag               sample 
_entity_src_gen.pdbx_seq_type                      ? 
_entity_src_gen.pdbx_beg_seq_num                   ? 
_entity_src_gen.pdbx_end_seq_num                   ? 
_entity_src_gen.gene_src_common_name               'brown rat,rat,rats' 
_entity_src_gen.gene_src_genus                     ? 
_entity_src_gen.pdbx_gene_src_gene                 'Sptan1, Spna2, Spta2' 
_entity_src_gen.gene_src_species                   ? 
_entity_src_gen.gene_src_strain                    ? 
_entity_src_gen.gene_src_tissue                    ? 
_entity_src_gen.gene_src_tissue_fraction           ? 
_entity_src_gen.gene_src_details                   ? 
_entity_src_gen.pdbx_gene_src_fragment             ? 
_entity_src_gen.pdbx_gene_src_scientific_name      'Rattus norvegicus' 
_entity_src_gen.pdbx_gene_src_ncbi_taxonomy_id     10116 
_entity_src_gen.pdbx_gene_src_variant              ? 
_entity_src_gen.pdbx_gene_src_cell_line            ? 
_entity_src_gen.pdbx_gene_src_atcc                 ? 
_entity_src_gen.pdbx_gene_src_organ                ? 
_entity_src_gen.pdbx_gene_src_organelle            ? 
_entity_src_gen.pdbx_gene_src_cell                 ? 
_entity_src_gen.pdbx_gene_src_cellular_location    ? 
_entity_src_gen.host_org_common_name               ? 
_entity_src_gen.pdbx_host_org_scientific_name      'Escherichia coli' 
_entity_src_gen.pdbx_host_org_ncbi_taxonomy_id     469008 
_entity_src_gen.host_org_genus                     ? 
_entity_src_gen.pdbx_host_org_gene                 ? 
_entity_src_gen.pdbx_host_org_organ                ? 
_entity_src_gen.host_org_species                   ? 
_entity_src_gen.pdbx_host_org_tissue               ? 
_entity_src_gen.pdbx_host_org_tissue_fraction      ? 
_entity_src_gen.pdbx_host_org_strain               BL21/DE3 
_entity_src_gen.pdbx_host_org_variant              ? 
_entity_src_gen.pdbx_host_org_cell_line            ? 
_entity_src_gen.pdbx_host_org_atcc                 ? 
_entity_src_gen.pdbx_host_org_culture_collection   ? 
_entity_src_gen.pdbx_host_org_cell                 ? 
_entity_src_gen.pdbx_host_org_organelle            ? 
_entity_src_gen.pdbx_host_org_cellular_location    ? 
_entity_src_gen.pdbx_host_org_vector_type          pBAT-4 
_entity_src_gen.pdbx_host_org_vector               ? 
_entity_src_gen.host_org_details                   ? 
_entity_src_gen.expression_system_id               ? 
_entity_src_gen.plasmid_name                       pBAT-4/WT-CIIA 
_entity_src_gen.plasmid_details                    ? 
_entity_src_gen.pdbx_description                   ? 
# 
_pdbx_entity_src_syn.entity_id              2 
_pdbx_entity_src_syn.pdbx_src_id            1 
_pdbx_entity_src_syn.pdbx_alt_source_flag   sample 
_pdbx_entity_src_syn.pdbx_beg_seq_num       ? 
_pdbx_entity_src_syn.pdbx_end_seq_num       ? 
_pdbx_entity_src_syn.organism_scientific    ? 
_pdbx_entity_src_syn.organism_common_name   ? 
_pdbx_entity_src_syn.ncbi_taxonomy_id       ? 
_pdbx_entity_src_syn.details                'This sequence was synthesized' 
# 
loop_
_struct_ref.id 
_struct_ref.db_name 
_struct_ref.db_code 
_struct_ref.pdbx_db_accession 
_struct_ref.entity_id 
_struct_ref.pdbx_seq_one_letter_code 
_struct_ref.pdbx_align_begin 
_struct_ref.pdbx_db_isoform 
1 UNP SPTA2_RAT P16086 1 TGKELVLALYDYQEKSPREVTMKKGDILTLLNSTNKDWWKVEVNDRQGFVPAAYVKKLDPAQSASRENL 967 ? 
2 PDB 3THK      3THK   2 ?                                                                     ?   ? 
# 
loop_
_struct_ref_seq.align_id 
_struct_ref_seq.ref_id 
_struct_ref_seq.pdbx_PDB_id_code 
_struct_ref_seq.pdbx_strand_id 
_struct_ref_seq.seq_align_beg 
_struct_ref_seq.pdbx_seq_align_beg_ins_code 
_struct_ref_seq.seq_align_end 
_struct_ref_seq.pdbx_seq_align_end_ins_code 
_struct_ref_seq.pdbx_db_accession 
_struct_ref_seq.db_align_beg 
_struct_ref_seq.pdbx_db_align_beg_ins_code 
_struct_ref_seq.db_align_end 
_struct_ref_seq.pdbx_db_align_end_ins_code 
_struct_ref_seq.pdbx_auth_seq_align_beg 
_struct_ref_seq.pdbx_auth_seq_align_end 
1 1 3THK A 3 ? 71 ? P16086 967 ? 1035 ? 3  71 
2 1 3THK B 3 ? 71 ? P16086 967 ? 1035 ? 3  71 
3 2 3THK C 1 ? 10 ? 3THK   74  ? 83   ? 74 83 
4 2 3THK D 1 ? 10 ? 3THK   74  ? 83   ? 74 83 
# 
loop_
_struct_ref_seq_dif.align_id 
_struct_ref_seq_dif.pdbx_pdb_id_code 
_struct_ref_seq_dif.mon_id 
_struct_ref_seq_dif.pdbx_pdb_strand_id 
_struct_ref_seq_dif.seq_num 
_struct_ref_seq_dif.pdbx_pdb_ins_code 
_struct_ref_seq_dif.pdbx_seq_db_name 
_struct_ref_seq_dif.pdbx_seq_db_accession_code 
_struct_ref_seq_dif.db_mon_id 
_struct_ref_seq_dif.pdbx_seq_db_seq_num 
_struct_ref_seq_dif.details 
_struct_ref_seq_dif.pdbx_auth_seq_num 
_struct_ref_seq_dif.pdbx_ordinal 
1 3THK MET A 1  ? UNP P16086 ? ? 'expression tag' 1  1 
1 3THK GLY A 2  ? UNP P16086 ? ? 'expression tag' 2  2 
1 3THK GLY A 72 ? UNP P16086 ? ? linker           72 3 
1 3THK GLY A 73 ? UNP P16086 ? ? linker           73 4 
2 3THK MET B 1  ? UNP P16086 ? ? 'expression tag' 1  5 
2 3THK GLY B 2  ? UNP P16086 ? ? 'expression tag' 2  6 
2 3THK GLY B 72 ? UNP P16086 ? ? linker           72 7 
2 3THK GLY B 73 ? UNP P16086 ? ? linker           73 8 
# 
loop_
_chem_comp.id 
_chem_comp.type 
_chem_comp.mon_nstd_flag 
_chem_comp.name 
_chem_comp.pdbx_synonyms 
_chem_comp.formula 
_chem_comp.formula_weight 
ALA 'L-peptide linking' y ALANINE              ? 'C3 H7 N O2'     89.093  
ARG 'L-peptide linking' y ARGININE             ? 'C6 H15 N4 O2 1' 175.209 
ASN 'L-peptide linking' y ASPARAGINE           ? 'C4 H8 N2 O3'    132.118 
ASP 'L-peptide linking' y 'ASPARTIC ACID'      ? 'C4 H7 N O4'     133.103 
BME non-polymer         . BETA-MERCAPTOETHANOL ? 'C2 H6 O S'      78.133  
GLN 'L-peptide linking' y GLUTAMINE            ? 'C5 H10 N2 O3'   146.144 
GLU 'L-peptide linking' y 'GLUTAMIC ACID'      ? 'C5 H9 N O4'     147.129 
GLY 'peptide linking'   y GLYCINE              ? 'C2 H5 N O2'     75.067  
HOH non-polymer         . WATER                ? 'H2 O'           18.015  
ILE 'L-peptide linking' y ISOLEUCINE           ? 'C6 H13 N O2'    131.173 
LEU 'L-peptide linking' y LEUCINE              ? 'C6 H13 N O2'    131.173 
LYS 'L-peptide linking' y LYSINE               ? 'C6 H15 N2 O2 1' 147.195 
MET 'L-peptide linking' y METHIONINE           ? 'C5 H11 N O2 S'  149.211 
PHE 'L-peptide linking' y PHENYLALANINE        ? 'C9 H11 N O2'    165.189 
PRO 'L-peptide linking' y PROLINE              ? 'C5 H9 N O2'     115.130 
SER 'L-peptide linking' y SERINE               ? 'C3 H7 N O3'     105.093 
SO4 non-polymer         . 'SULFATE ION'        ? 'O4 S -2'        96.063  
THR 'L-peptide linking' y THREONINE            ? 'C4 H9 N O3'     119.119 
TRP 'L-peptide linking' y TRYPTOPHAN           ? 'C11 H12 N2 O2'  204.225 
TYR 'L-peptide linking' y TYROSINE             ? 'C9 H11 N O3'    181.189 
VAL 'L-peptide linking' y VALINE               ? 'C5 H11 N O2'    117.146 
# 
_exptl.entry_id          3THK 
_exptl.method            'X-RAY DIFFRACTION' 
_exptl.crystals_number   1 
# 
_exptl_crystal.id                    1 
_exptl_crystal.density_meas          ? 
_exptl_crystal.density_Matthews      2.33 
_exptl_crystal.density_percent_sol   47.22 
_exptl_crystal.description           ? 
_exptl_crystal.F_000                 ? 
_exptl_crystal.preparation           ? 
# 
_exptl_crystal_grow.crystal_id      1 
_exptl_crystal_grow.method          'VAPOR DIFFUSION, HANGING DROP' 
_exptl_crystal_grow.temp            295 
_exptl_crystal_grow.temp_details    ? 
_exptl_crystal_grow.pH              4.6 
_exptl_crystal_grow.pdbx_details    
;2M ammonium sulfate, 20 mM sodium acetate trihydrate, 5mM B-mercaptoethanol, pH 4.6, VAPOR DIFFUSION, HANGING DROP, temperature 295K
;
_exptl_crystal_grow.pdbx_pH_range   ? 
# 
_diffrn.id                     1 
_diffrn.ambient_temp           100 
_diffrn.ambient_temp_details   ? 
_diffrn.crystal_id             1 
# 
_diffrn_detector.diffrn_id              1 
_diffrn_detector.detector               CCD 
_diffrn_detector.type                   'MARMOSAIC 225 mm CCD' 
_diffrn_detector.pdbx_collection_date   2005-10-28 
_diffrn_detector.details                ? 
# 
_diffrn_radiation.diffrn_id                        1 
_diffrn_radiation.wavelength_id                    1 
_diffrn_radiation.pdbx_monochromatic_or_laue_m_l   M 
_diffrn_radiation.monochromator                    GRAPHITE 
_diffrn_radiation.pdbx_diffrn_protocol             'SINGLE WAVELENGTH' 
_diffrn_radiation.pdbx_scattering_type             x-ray 
# 
_diffrn_radiation_wavelength.id           1 
_diffrn_radiation_wavelength.wavelength   1.072 
_diffrn_radiation_wavelength.wt           1.0 
# 
_diffrn_source.diffrn_id                   1 
_diffrn_source.source                      SYNCHROTRON 
_diffrn_source.type                        'EMBL/DESY, HAMBURG BEAMLINE X12' 
_diffrn_source.pdbx_synchrotron_site       'EMBL/DESY, HAMBURG' 
_diffrn_source.pdbx_synchrotron_beamline   X12 
_diffrn_source.pdbx_wavelength             ? 
_diffrn_source.pdbx_wavelength_list        1.072 
# 
_reflns.entry_id                     3THK 
_reflns.observed_criterion_sigma_I   0 
_reflns.observed_criterion_sigma_F   0 
_reflns.d_resolution_low             30 
_reflns.d_resolution_high            1.7 
_reflns.number_obs                   17902 
_reflns.number_all                   18279 
_reflns.percent_possible_obs         97.9 
_reflns.pdbx_Rmerge_I_obs            0.036 
_reflns.pdbx_Rsym_value              0.039 
_reflns.pdbx_netI_over_sigmaI        23.5 
_reflns.B_iso_Wilson_estimate        ? 
_reflns.pdbx_redundancy              5.48 
_reflns.R_free_details               ? 
_reflns.limit_h_max                  ? 
_reflns.limit_h_min                  ? 
_reflns.limit_k_max                  ? 
_reflns.limit_k_min                  ? 
_reflns.limit_l_max                  ? 
_reflns.limit_l_min                  ? 
_reflns.observed_criterion_F_max     ? 
_reflns.observed_criterion_F_min     ? 
_reflns.pdbx_chi_squared             ? 
_reflns.pdbx_scaling_rejects         ? 
_reflns.pdbx_ordinal                 1 
_reflns.pdbx_diffrn_id               1 
# 
_reflns_shell.d_res_high             1.7 
_reflns_shell.d_res_low              1.8 
_reflns_shell.percent_possible_all   94.4 
_reflns_shell.Rmerge_I_obs           0.523 
_reflns_shell.pdbx_Rsym_value        0.391 
_reflns_shell.meanI_over_sigI_obs    3.49 
_reflns_shell.pdbx_redundancy        5.26 
_reflns_shell.percent_possible_obs   ? 
_reflns_shell.number_unique_all      2892 
_reflns_shell.number_measured_all    ? 
_reflns_shell.number_measured_obs    ? 
_reflns_shell.number_unique_obs      ? 
_reflns_shell.pdbx_chi_squared       ? 
_reflns_shell.pdbx_ordinal           1 
_reflns_shell.pdbx_diffrn_id         1 
# 
_refine.entry_id                                 3THK 
_refine.ls_number_reflns_obs                     16972 
_refine.ls_number_reflns_all                     18279 
_refine.pdbx_ls_sigma_I                          ? 
_refine.pdbx_ls_sigma_F                          0 
_refine.pdbx_data_cutoff_high_absF               ? 
_refine.pdbx_data_cutoff_low_absF                ? 
_refine.pdbx_data_cutoff_high_rms_absF           ? 
_refine.ls_d_res_low                             27.47 
_refine.ls_d_res_high                            1.70 
_refine.ls_percent_reflns_obs                    97.95 
_refine.ls_R_factor_obs                          0.18076 
_refine.ls_R_factor_all                          ? 
_refine.ls_R_factor_R_work                       0.17960 
_refine.ls_R_factor_R_free                       0.20113 
_refine.ls_R_factor_R_free_error                 ? 
_refine.ls_R_factor_R_free_error_details         ? 
_refine.ls_percent_reflns_R_free                 5.2 
_refine.ls_number_reflns_R_free                  929 
_refine.ls_number_parameters                     ? 
_refine.ls_number_restraints                     ? 
_refine.occupancy_min                            ? 
_refine.occupancy_max                            ? 
_refine.correlation_coeff_Fo_to_Fc               0.966 
_refine.correlation_coeff_Fo_to_Fc_free          0.956 
_refine.B_iso_mean                               33.111 
_refine.aniso_B[1][1]                            1.76 
_refine.aniso_B[2][2]                            1.76 
_refine.aniso_B[3][3]                            -3.52 
_refine.aniso_B[1][2]                            0.00 
_refine.aniso_B[1][3]                            0.00 
_refine.aniso_B[2][3]                            0.00 
_refine.solvent_model_details                    MASK 
_refine.solvent_model_param_ksol                 ? 
_refine.solvent_model_param_bsol                 ? 
_refine.pdbx_solvent_vdw_probe_radii             1.40 
_refine.pdbx_solvent_ion_probe_radii             0.80 
_refine.pdbx_solvent_shrinkage_radii             0.80 
_refine.pdbx_ls_cross_valid_method               THROUGHOUT 
_refine.details                                  ? 
_refine.pdbx_starting_model                      'PDB ENTRY 1SHG' 
_refine.pdbx_method_to_determine_struct          'MOLECULAR REPLACEMENT' 
_refine.pdbx_isotropic_thermal_model             ? 
_refine.pdbx_stereochemistry_target_values       'MAXIMUM LIKELIHOOD' 
_refine.pdbx_stereochem_target_val_spec_case     ? 
_refine.pdbx_R_Free_selection_details            RANDOM 
_refine.pdbx_overall_ESU_R_Free                  0.019 
_refine.overall_SU_ML                            0.056 
_refine.pdbx_overall_phase_error                 ? 
_refine.overall_SU_B                             1.747 
_refine.overall_SU_R_Cruickshank_DPI             ? 
_refine.ls_redundancy_reflns_obs                 ? 
_refine.B_iso_min                                ? 
_refine.B_iso_max                                ? 
_refine.overall_SU_R_free                        ? 
_refine.ls_wR_factor_R_free                      ? 
_refine.ls_wR_factor_R_work                      ? 
_refine.overall_FOM_free_R_set                   ? 
_refine.overall_FOM_work_R_set                   ? 
_refine.pdbx_diffrn_id                           1 
_refine.pdbx_refine_id                           'X-RAY DIFFRACTION' 
_refine.pdbx_overall_ESU_R                       ? 
_refine.pdbx_TLS_residual_ADP_flag               ? 
_refine.pdbx_overall_SU_R_free_Cruickshank_DPI   ? 
_refine.pdbx_overall_SU_R_Blow_DPI               ? 
_refine.pdbx_overall_SU_R_free_Blow_DPI          ? 
# 
_refine_hist.pdbx_refine_id                   'X-RAY DIFFRACTION' 
_refine_hist.cycle_id                         LAST 
_refine_hist.pdbx_number_atoms_protein        1040 
_refine_hist.pdbx_number_atoms_nucleic_acid   0 
_refine_hist.pdbx_number_atoms_ligand         13 
_refine_hist.number_atoms_solvent             45 
_refine_hist.number_atoms_total               1098 
_refine_hist.d_res_high                       1.70 
_refine_hist.d_res_low                        27.47 
# 
loop_
_refine_ls_restr.type 
_refine_ls_restr.dev_ideal 
_refine_ls_restr.dev_ideal_target 
_refine_ls_restr.weight 
_refine_ls_restr.number 
_refine_ls_restr.pdbx_restraint_function 
_refine_ls_restr.pdbx_refine_id 
r_bond_refined_d       0.006  0.022  ? 1138 ? 'X-RAY DIFFRACTION' 
r_angle_refined_deg    1.016  1.999  ? 1554 ? 'X-RAY DIFFRACTION' 
r_dihedral_angle_1_deg 5.186  5.000  ? 137  ? 'X-RAY DIFFRACTION' 
r_dihedral_angle_2_deg 42.800 26.078 ? 51   ? 'X-RAY DIFFRACTION' 
r_dihedral_angle_3_deg 14.874 15.000 ? 201  ? 'X-RAY DIFFRACTION' 
r_dihedral_angle_4_deg 15.485 15.000 ? 4    ? 'X-RAY DIFFRACTION' 
r_chiral_restr         0.065  0.200  ? 169  ? 'X-RAY DIFFRACTION' 
r_gen_planes_refined   0.005  0.022  ? 854  ? 'X-RAY DIFFRACTION' 
r_mcbond_it            0.518  1.500  ? 682  ? 'X-RAY DIFFRACTION' 
r_mcangle_it           0.950  2.000  ? 1125 ? 'X-RAY DIFFRACTION' 
r_scbond_it            1.095  3.000  ? 456  ? 'X-RAY DIFFRACTION' 
r_scangle_it           1.903  4.500  ? 425  ? 'X-RAY DIFFRACTION' 
# 
_refine_ls_shell.pdbx_total_number_of_bins_used   20 
_refine_ls_shell.d_res_high                       1.700 
_refine_ls_shell.d_res_low                        1.744 
_refine_ls_shell.number_reflns_R_work             1195 
_refine_ls_shell.R_factor_R_work                  0.220 
_refine_ls_shell.percent_reflns_obs               92.03 
_refine_ls_shell.R_factor_R_free                  0.247 
_refine_ls_shell.R_factor_R_free_error            ? 
_refine_ls_shell.percent_reflns_R_free            ? 
_refine_ls_shell.number_reflns_R_free             64 
_refine_ls_shell.number_reflns_all                ? 
_refine_ls_shell.R_factor_all                     ? 
_refine_ls_shell.number_reflns_obs                1195 
_refine_ls_shell.redundancy_reflns_obs            ? 
_refine_ls_shell.pdbx_refine_id                   'X-RAY DIFFRACTION' 
# 
_struct.entry_id                  3THK 
_struct.title                     'Structure of SH3 chimera with a type II ligand linked to the chain C-terminal' 
_struct.pdbx_model_details        ? 
_struct.pdbx_CASP_flag            ? 
_struct.pdbx_model_type_details   ? 
# 
_struct_keywords.entry_id        3THK 
_struct_keywords.pdbx_keywords   'STRUCTURAL PROTEIN' 
_struct_keywords.text            'SH3 domain, chimera, STRUCTURAL PROTEIN' 
# 
loop_
_struct_asym.id 
_struct_asym.pdbx_blank_PDB_chainid_flag 
_struct_asym.pdbx_modified 
_struct_asym.entity_id 
_struct_asym.details 
A N N 1 ? 
B N N 1 ? 
C N N 2 ? 
D N N 2 ? 
E N N 3 ? 
F N N 4 ? 
G N N 3 ? 
H N N 5 ? 
I N N 5 ? 
J N N 5 ? 
K N N 5 ? 
# 
_struct_biol.id        1 
_struct_biol.details   ? 
# 
loop_
_struct_sheet.id 
_struct_sheet.type 
_struct_sheet.number_strands 
_struct_sheet.details 
A ? 5 ? 
B ? 5 ? 
# 
loop_
_struct_sheet_order.sheet_id 
_struct_sheet_order.range_id_1 
_struct_sheet_order.range_id_2 
_struct_sheet_order.offset 
_struct_sheet_order.sense 
A 1 2 ? anti-parallel 
A 2 3 ? anti-parallel 
A 3 4 ? anti-parallel 
A 4 5 ? anti-parallel 
B 1 2 ? anti-parallel 
B 2 3 ? anti-parallel 
B 3 4 ? anti-parallel 
B 4 5 ? anti-parallel 
# 
loop_
_struct_sheet_range.sheet_id 
_struct_sheet_range.id 
_struct_sheet_range.beg_label_comp_id 
_struct_sheet_range.beg_label_asym_id 
_struct_sheet_range.beg_label_seq_id 
_struct_sheet_range.pdbx_beg_PDB_ins_code 
_struct_sheet_range.end_label_comp_id 
_struct_sheet_range.end_label_asym_id 
_struct_sheet_range.end_label_seq_id 
_struct_sheet_range.pdbx_end_PDB_ins_code 
_struct_sheet_range.beg_auth_comp_id 
_struct_sheet_range.beg_auth_asym_id 
_struct_sheet_range.beg_auth_seq_id 
_struct_sheet_range.end_auth_comp_id 
_struct_sheet_range.end_auth_asym_id 
_struct_sheet_range.end_auth_seq_id 
A 1 ARG A 48 ? PRO A 53 ? ARG A 48 PRO A 53 
A 2 TRP A 40 ? VAL A 45 ? TRP A 40 VAL A 45 
A 3 ILE A 29 ? ASN A 34 ? ILE A 29 ASN A 34 
A 4 LEU A 7  ? ALA A 10 ? LEU A 7  ALA A 10 
A 5 VAL A 57 ? LYS A 59 ? VAL A 57 LYS A 59 
B 1 ARG B 48 ? PRO B 53 ? ARG B 48 PRO B 53 
B 2 TRP B 40 ? VAL B 45 ? TRP B 40 VAL B 45 
B 3 ILE B 29 ? ASN B 34 ? ILE B 29 ASN B 34 
B 4 LEU B 7  ? ALA B 10 ? LEU B 7  ALA B 10 
B 5 VAL B 57 ? LYS B 59 ? VAL B 57 LYS B 59 
# 
loop_
_pdbx_struct_sheet_hbond.sheet_id 
_pdbx_struct_sheet_hbond.range_id_1 
_pdbx_struct_sheet_hbond.range_id_2 
_pdbx_struct_sheet_hbond.range_1_label_atom_id 
_pdbx_struct_sheet_hbond.range_1_label_comp_id 
_pdbx_struct_sheet_hbond.range_1_label_asym_id 
_pdbx_struct_sheet_hbond.range_1_label_seq_id 
_pdbx_struct_sheet_hbond.range_1_PDB_ins_code 
_pdbx_struct_sheet_hbond.range_1_auth_atom_id 
_pdbx_struct_sheet_hbond.range_1_auth_comp_id 
_pdbx_struct_sheet_hbond.range_1_auth_asym_id 
_pdbx_struct_sheet_hbond.range_1_auth_seq_id 
_pdbx_struct_sheet_hbond.range_2_label_atom_id 
_pdbx_struct_sheet_hbond.range_2_label_comp_id 
_pdbx_struct_sheet_hbond.range_2_label_asym_id 
_pdbx_struct_sheet_hbond.range_2_label_seq_id 
_pdbx_struct_sheet_hbond.range_2_PDB_ins_code 
_pdbx_struct_sheet_hbond.range_2_auth_atom_id 
_pdbx_struct_sheet_hbond.range_2_auth_comp_id 
_pdbx_struct_sheet_hbond.range_2_auth_asym_id 
_pdbx_struct_sheet_hbond.range_2_auth_seq_id 
A 1 2 O GLY A 50 ? O GLY A 50 N VAL A 43 ? N VAL A 43 
A 2 3 O LYS A 42 ? O LYS A 42 N LEU A 33 ? N LEU A 33 
A 3 4 O LEU A 30 ? O LEU A 30 N VAL A 8  ? N VAL A 8  
A 4 5 N LEU A 9  ? N LEU A 9  O LYS A 58 ? O LYS A 58 
B 1 2 O GLY B 50 ? O GLY B 50 N VAL B 43 ? N VAL B 43 
B 2 3 O LYS B 42 ? O LYS B 42 N LEU B 33 ? N LEU B 33 
B 3 4 O LEU B 30 ? O LEU B 30 N VAL B 8  ? N VAL B 8  
B 4 5 N LEU B 9  ? N LEU B 9  O LYS B 58 ? O LYS B 58 
# 
loop_
_struct_site.id 
_struct_site.pdbx_evidence_code 
_struct_site.pdbx_auth_asym_id 
_struct_site.pdbx_auth_comp_id 
_struct_site.pdbx_auth_seq_id 
_struct_site.pdbx_auth_ins_code 
_struct_site.pdbx_num_residues 
_struct_site.details 
AC1 Software A BME 84 ? 2 'BINDING SITE FOR RESIDUE BME A 84' 
AC2 Software B SO4 84 ? 4 'BINDING SITE FOR RESIDUE SO4 B 84' 
# 
loop_
_struct_site_gen.id 
_struct_site_gen.site_id 
_struct_site_gen.pdbx_num_res 
_struct_site_gen.label_comp_id 
_struct_site_gen.label_asym_id 
_struct_site_gen.label_seq_id 
_struct_site_gen.pdbx_auth_ins_code 
_struct_site_gen.auth_comp_id 
_struct_site_gen.auth_asym_id 
_struct_site_gen.auth_seq_id 
_struct_site_gen.label_atom_id 
_struct_site_gen.label_alt_id 
_struct_site_gen.symmetry 
_struct_site_gen.details 
1 AC1 2 GLU A 21 ? GLU A 21 . ? 1_555 ? 
2 AC1 2 TRP A 40 ? TRP A 40 . ? 1_555 ? 
3 AC2 4 TRP B 41 ? TRP B 41 . ? 1_555 ? 
4 AC2 4 LYS B 58 ? LYS B 58 . ? 1_555 ? 
5 AC2 4 LYS B 59 ? LYS B 59 . ? 1_555 ? 
6 AC2 4 HOH I .  ? HOH B 89 . ? 1_555 ? 
# 
_atom_sites.entry_id                    3THK 
_atom_sites.fract_transf_matrix[1][1]   -0.01263493 
_atom_sites.fract_transf_matrix[1][2]   0.00754583 
_atom_sites.fract_transf_matrix[1][3]   -0.02812234 
_atom_sites.fract_transf_matrix[2][1]   -0.02922278 
_atom_sites.fract_transf_matrix[2][2]   0.01229877 
_atom_sites.fract_transf_matrix[2][3]   -0.00148214 
_atom_sites.fract_transf_matrix[3][1]   0.00342063 
_atom_sites.fract_transf_matrix[3][2]   0.00820788 
_atom_sites.fract_transf_matrix[3][3]   0.00066551 
_atom_sites.fract_transf_vector[1]      0.581988 
_atom_sites.fract_transf_vector[2]      0.281969 
_atom_sites.fract_transf_vector[3]      0.060826 
# 
loop_
_atom_type.symbol 
C 
N 
O 
S 
# 
loop_
_atom_site.group_PDB 
_atom_site.id 
_atom_site.type_symbol 
_atom_site.label_atom_id 
_atom_site.label_alt_id 
_atom_site.label_comp_id 
_atom_site.label_asym_id 
_atom_site.label_entity_id 
_atom_site.label_seq_id 
_atom_site.pdbx_PDB_ins_code 
_atom_site.Cartn_x 
_atom_site.Cartn_y 
_atom_site.Cartn_z 
_atom_site.occupancy 
_atom_site.B_iso_or_equiv 
_atom_site.pdbx_formal_charge 
_atom_site.auth_seq_id 
_atom_site.auth_comp_id 
_atom_site.auth_asym_id 
_atom_site.auth_atom_id 
_atom_site.pdbx_PDB_model_num 
ATOM   1    N N   . LYS A 1 5  ? 12.342  -18.591 -16.632 1.00 38.41 ? 5   LYS A N   1 
ATOM   2    C CA  . LYS A 1 5  ? 11.288  -17.676 -16.106 1.00 38.18 ? 5   LYS A CA  1 
ATOM   3    C C   . LYS A 1 5  ? 10.945  -17.970 -14.645 1.00 37.69 ? 5   LYS A C   1 
ATOM   4    O O   . LYS A 1 5  ? 10.587  -19.099 -14.293 1.00 38.01 ? 5   LYS A O   1 
ATOM   5    C CB  . LYS A 1 5  ? 10.023  -17.757 -16.973 1.00 38.48 ? 5   LYS A CB  1 
ATOM   6    C CG  . LYS A 1 5  ? 9.794   -16.578 -17.922 1.00 39.32 ? 5   LYS A CG  1 
ATOM   7    C CD  . LYS A 1 5  ? 10.813  -16.502 -19.049 1.00 41.43 ? 5   LYS A CD  1 
ATOM   8    C CE  . LYS A 1 5  ? 10.329  -15.559 -20.145 1.00 42.19 ? 5   LYS A CE  1 
ATOM   9    N NZ  . LYS A 1 5  ? 11.382  -15.311 -21.169 1.00 42.96 ? 5   LYS A NZ  1 
ATOM   10   N N   . GLU A 1 6  ? 11.068  -16.945 -13.803 1.00 36.91 ? 6   GLU A N   1 
ATOM   11   C CA  . GLU A 1 6  ? 10.598  -17.003 -12.420 1.00 35.82 ? 6   GLU A CA  1 
ATOM   12   C C   . GLU A 1 6  ? 9.195   -16.400 -12.371 1.00 34.84 ? 6   GLU A C   1 
ATOM   13   O O   . GLU A 1 6  ? 8.917   -15.405 -13.042 1.00 34.36 ? 6   GLU A O   1 
ATOM   14   C CB  . GLU A 1 6  ? 11.551  -16.259 -11.481 1.00 36.28 ? 6   GLU A CB  1 
ATOM   15   C CG  . GLU A 1 6  ? 12.945  -16.886 -11.392 1.00 38.00 ? 6   GLU A CG  1 
ATOM   16   C CD  . GLU A 1 6  ? 13.910  -16.111 -10.506 1.00 40.28 ? 6   GLU A CD  1 
ATOM   17   O OE1 . GLU A 1 6  ? 13.483  -15.572 -9.457  1.00 41.49 ? 6   GLU A OE1 1 
ATOM   18   O OE2 . GLU A 1 6  ? 15.108  -16.052 -10.857 1.00 41.76 ? 6   GLU A OE2 1 
ATOM   19   N N   . LEU A 1 7  ? 8.314   -17.016 -11.587 1.00 33.49 ? 7   LEU A N   1 
ATOM   20   C CA  . LEU A 1 7  ? 6.893   -16.660 -11.594 1.00 32.13 ? 7   LEU A CA  1 
ATOM   21   C C   . LEU A 1 7  ? 6.395   -16.193 -10.236 1.00 31.40 ? 7   LEU A C   1 
ATOM   22   O O   . LEU A 1 7  ? 6.905   -16.614 -9.200  1.00 31.15 ? 7   LEU A O   1 
ATOM   23   C CB  . LEU A 1 7  ? 6.043   -17.854 -12.048 1.00 32.25 ? 7   LEU A CB  1 
ATOM   24   C CG  . LEU A 1 7  ? 6.213   -18.412 -13.465 1.00 32.31 ? 7   LEU A CG  1 
ATOM   25   C CD1 . LEU A 1 7  ? 5.457   -19.731 -13.604 1.00 33.54 ? 7   LEU A CD1 1 
ATOM   26   C CD2 . LEU A 1 7  ? 5.767   -17.422 -14.531 1.00 32.16 ? 7   LEU A CD2 1 
ATOM   27   N N   . VAL A 1 8  ? 5.386   -15.327 -10.257 1.00 30.24 ? 8   VAL A N   1 
ATOM   28   C CA  . VAL A 1 8  ? 4.705   -14.894 -9.041  1.00 29.41 ? 8   VAL A CA  1 
ATOM   29   C C   . VAL A 1 8  ? 3.196   -15.047 -9.201  1.00 29.34 ? 8   VAL A C   1 
ATOM   30   O O   . VAL A 1 8  ? 2.671   -14.940 -10.311 1.00 29.16 ? 8   VAL A O   1 
ATOM   31   C CB  . VAL A 1 8  ? 5.058   -13.429 -8.629  1.00 29.21 ? 8   VAL A CB  1 
ATOM   32   C CG1 . VAL A 1 8  ? 6.515   -13.325 -8.189  1.00 28.44 ? 8   VAL A CG1 1 
ATOM   33   C CG2 . VAL A 1 8  ? 4.748   -12.433 -9.749  1.00 28.30 ? 8   VAL A CG2 1 
ATOM   34   N N   . LEU A 1 9  ? 2.519   -15.310 -8.083  1.00 29.48 ? 9   LEU A N   1 
ATOM   35   C CA  . LEU A 1 9  ? 1.064   -15.403 -8.038  1.00 29.49 ? 9   LEU A CA  1 
ATOM   36   C C   . LEU A 1 9  ? 0.477   -14.124 -7.457  1.00 29.46 ? 9   LEU A C   1 
ATOM   37   O O   . LEU A 1 9  ? 0.931   -13.644 -6.423  1.00 29.26 ? 9   LEU A O   1 
ATOM   38   C CB  . LEU A 1 9  ? 0.616   -16.603 -7.185  1.00 29.63 ? 9   LEU A CB  1 
ATOM   39   C CG  . LEU A 1 9  ? -0.883  -16.734 -6.852  1.00 29.90 ? 9   LEU A CG  1 
ATOM   40   C CD1 . LEU A 1 9  ? -1.731  -16.952 -8.105  1.00 30.05 ? 9   LEU A CD1 1 
ATOM   41   C CD2 . LEU A 1 9  ? -1.113  -17.861 -5.850  1.00 30.71 ? 9   LEU A CD2 1 
ATOM   42   N N   . ALA A 1 10 ? -0.530  -13.576 -8.127  1.00 29.90 ? 10  ALA A N   1 
ATOM   43   C CA  . ALA A 1 10 ? -1.288  -12.454 -7.576  1.00 30.37 ? 10  ALA A CA  1 
ATOM   44   C C   . ALA A 1 10 ? -2.177  -12.929 -6.427  1.00 31.04 ? 10  ALA A C   1 
ATOM   45   O O   . ALA A 1 10 ? -3.067  -13.767 -6.613  1.00 31.05 ? 10  ALA A O   1 
ATOM   46   C CB  . ALA A 1 10 ? -2.113  -11.787 -8.659  1.00 30.28 ? 10  ALA A CB  1 
ATOM   47   N N   . LEU A 1 11 ? -1.917  -12.400 -5.236  1.00 31.51 ? 11  LEU A N   1 
ATOM   48   C CA  . LEU A 1 11 ? -2.661  -12.793 -4.041  1.00 32.23 ? 11  LEU A CA  1 
ATOM   49   C C   . LEU A 1 11 ? -3.926  -11.959 -3.877  1.00 32.60 ? 11  LEU A C   1 
ATOM   50   O O   . LEU A 1 11 ? -4.927  -12.429 -3.328  1.00 32.95 ? 11  LEU A O   1 
ATOM   51   C CB  . LEU A 1 11 ? -1.778  -12.683 -2.795  1.00 32.21 ? 11  LEU A CB  1 
ATOM   52   C CG  . LEU A 1 11 ? -0.535  -13.574 -2.688  1.00 32.72 ? 11  LEU A CG  1 
ATOM   53   C CD1 . LEU A 1 11 ? 0.350   -13.114 -1.538  1.00 33.66 ? 11  LEU A CD1 1 
ATOM   54   C CD2 . LEU A 1 11 ? -0.908  -15.048 -2.537  1.00 32.73 ? 11  LEU A CD2 1 
ATOM   55   N N   . TYR A 1 12 ? -3.865  -10.718 -4.353  1.00 32.95 ? 12  TYR A N   1 
ATOM   56   C CA  . TYR A 1 12 ? -4.983  -9.784  -4.310  1.00 33.44 ? 12  TYR A CA  1 
ATOM   57   C C   . TYR A 1 12 ? -5.051  -9.051  -5.638  1.00 33.36 ? 12  TYR A C   1 
ATOM   58   O O   . TYR A 1 12 ? -4.062  -8.995  -6.375  1.00 33.59 ? 12  TYR A O   1 
ATOM   59   C CB  . TYR A 1 12 ? -4.798  -8.768  -3.177  1.00 33.60 ? 12  TYR A CB  1 
ATOM   60   C CG  . TYR A 1 12 ? -4.362  -9.376  -1.864  1.00 34.91 ? 12  TYR A CG  1 
ATOM   61   C CD1 . TYR A 1 12 ? -5.302  -9.772  -0.909  1.00 35.98 ? 12  TYR A CD1 1 
ATOM   62   C CD2 . TYR A 1 12 ? -3.013  -9.565  -1.577  1.00 35.69 ? 12  TYR A CD2 1 
ATOM   63   C CE1 . TYR A 1 12 ? -4.901  -10.337 0.299   1.00 37.09 ? 12  TYR A CE1 1 
ATOM   64   C CE2 . TYR A 1 12 ? -2.602  -10.131 -0.377  1.00 37.31 ? 12  TYR A CE2 1 
ATOM   65   C CZ  . TYR A 1 12 ? -3.550  -10.513 0.556   1.00 37.51 ? 12  TYR A CZ  1 
ATOM   66   O OH  . TYR A 1 12 ? -3.137  -11.065 1.749   0.77 38.63 ? 12  TYR A OH  1 
ATOM   67   N N   . ASP A 1 13 ? -6.221  -8.504  -5.949  1.00 33.17 ? 13  ASP A N   1 
ATOM   68   C CA  . ASP A 1 13 ? -6.369  -7.620  -7.094  1.00 32.94 ? 13  ASP A CA  1 
ATOM   69   C C   . ASP A 1 13 ? -5.527  -6.365  -6.867  1.00 32.26 ? 13  ASP A C   1 
ATOM   70   O O   . ASP A 1 13 ? -5.403  -5.889  -5.732  1.00 31.93 ? 13  ASP A O   1 
ATOM   71   C CB  . ASP A 1 13 ? -7.843  -7.247  -7.298  1.00 33.55 ? 13  ASP A CB  1 
ATOM   72   C CG  . ASP A 1 13 ? -8.744  -8.468  -7.406  1.00 34.47 ? 13  ASP A CG  1 
ATOM   73   O OD1 . ASP A 1 13 ? -8.738  -9.133  -8.465  1.00 34.44 ? 13  ASP A OD1 1 
ATOM   74   O OD2 . ASP A 1 13 ? -9.457  -8.768  -6.424  1.00 37.27 ? 13  ASP A OD2 1 
ATOM   75   N N   . TYR A 1 14 ? -4.925  -5.856  -7.938  1.00 31.56 ? 14  TYR A N   1 
ATOM   76   C CA  . TYR A 1 14 ? -4.255  -4.563  -7.893  1.00 31.02 ? 14  TYR A CA  1 
ATOM   77   C C   . TYR A 1 14 ? -4.557  -3.717  -9.122  1.00 31.40 ? 14  TYR A C   1 
ATOM   78   O O   . TYR A 1 14 ? -4.335  -4.151  -10.251 1.00 31.33 ? 14  TYR A O   1 
ATOM   79   C CB  . TYR A 1 14 ? -2.739  -4.702  -7.717  1.00 30.52 ? 14  TYR A CB  1 
ATOM   80   C CG  . TYR A 1 14 ? -2.086  -3.353  -7.510  1.00 29.83 ? 14  TYR A CG  1 
ATOM   81   C CD1 . TYR A 1 14 ? -2.240  -2.670  -6.305  1.00 29.57 ? 14  TYR A CD1 1 
ATOM   82   C CD2 . TYR A 1 14 ? -1.349  -2.746  -8.521  1.00 28.61 ? 14  TYR A CD2 1 
ATOM   83   C CE1 . TYR A 1 14 ? -1.665  -1.427  -6.104  1.00 29.75 ? 14  TYR A CE1 1 
ATOM   84   C CE2 . TYR A 1 14 ? -0.762  -1.496  -8.333  1.00 28.89 ? 14  TYR A CE2 1 
ATOM   85   C CZ  . TYR A 1 14 ? -0.926  -0.843  -7.118  1.00 29.40 ? 14  TYR A CZ  1 
ATOM   86   O OH  . TYR A 1 14 ? -0.367  0.392   -6.902  1.00 30.69 ? 14  TYR A OH  1 
ATOM   87   N N   . GLN A 1 15 ? -5.057  -2.506  -8.881  1.00 31.90 ? 15  GLN A N   1 
ATOM   88   C CA  . GLN A 1 15 ? -5.332  -1.535  -9.936  1.00 32.40 ? 15  GLN A CA  1 
ATOM   89   C C   . GLN A 1 15 ? -4.161  -0.558  -10.054 1.00 32.18 ? 15  GLN A C   1 
ATOM   90   O O   . GLN A 1 15 ? -3.745  0.025   -9.054  1.00 32.05 ? 15  GLN A O   1 
ATOM   91   C CB  . GLN A 1 15 ? -6.628  -0.775  -9.619  1.00 32.91 ? 15  GLN A CB  1 
ATOM   92   C CG  . GLN A 1 15 ? -6.933  0.407   -10.541 1.00 35.37 ? 15  GLN A CG  1 
ATOM   93   C CD  . GLN A 1 15 ? -7.789  0.037   -11.742 1.00 38.43 ? 15  GLN A CD  1 
ATOM   94   O OE1 . GLN A 1 15 ? -7.630  -1.029  -12.344 1.00 39.69 ? 15  GLN A OE1 1 
ATOM   95   N NE2 . GLN A 1 15 ? -8.707  0.931   -12.100 1.00 39.44 ? 15  GLN A NE2 1 
ATOM   96   N N   . GLU A 1 16 ? -3.647  -0.375  -11.272 1.00 32.07 ? 16  GLU A N   1 
ATOM   97   C CA  . GLU A 1 16 ? -2.574  0.595   -11.536 1.00 32.09 ? 16  GLU A CA  1 
ATOM   98   C C   . GLU A 1 16 ? -2.925  2.023   -11.080 1.00 32.03 ? 16  GLU A C   1 
ATOM   99   O O   . GLU A 1 16 ? -4.011  2.539   -11.381 1.00 32.14 ? 16  GLU A O   1 
ATOM   100  C CB  . GLU A 1 16 ? -2.192  0.586   -13.027 1.00 31.99 ? 16  GLU A CB  1 
ATOM   101  C CG  . GLU A 1 16 ? -3.279  1.115   -13.965 1.00 33.26 ? 16  GLU A CG  1 
ATOM   102  C CD  . GLU A 1 16 ? -3.189  0.567   -15.378 1.00 34.99 ? 16  GLU A CD  1 
ATOM   103  O OE1 . GLU A 1 16 ? -3.084  -0.667  -15.545 1.00 36.35 ? 16  GLU A OE1 1 
ATOM   104  O OE2 . GLU A 1 16 ? -3.261  1.372   -16.330 1.00 37.03 ? 16  GLU A OE2 1 
ATOM   105  N N   . LYS A 1 17 ? -2.007  2.654   -10.352 1.00 31.80 ? 17  LYS A N   1 
ATOM   106  C CA  . LYS A 1 17 ? -2.232  4.016   -9.853  1.00 31.98 ? 17  LYS A CA  1 
ATOM   107  C C   . LYS A 1 17 ? -1.221  5.037   -10.373 1.00 31.46 ? 17  LYS A C   1 
ATOM   108  O O   . LYS A 1 17 ? -1.328  6.228   -10.084 1.00 31.59 ? 17  LYS A O   1 
ATOM   109  C CB  . LYS A 1 17 ? -2.269  4.023   -8.319  1.00 32.27 ? 17  LYS A CB  1 
ATOM   110  C CG  . LYS A 1 17 ? -3.308  3.076   -7.743  1.00 33.05 ? 17  LYS A CG  1 
ATOM   111  C CD  . LYS A 1 17 ? -3.249  2.990   -6.224  1.00 34.23 ? 17  LYS A CD  1 
ATOM   112  C CE  . LYS A 1 17 ? -3.557  1.574   -5.730  1.00 35.27 ? 17  LYS A CE  1 
ATOM   113  N NZ  . LYS A 1 17 ? -4.740  0.923   -6.377  1.00 34.16 ? 17  LYS A NZ  1 
ATOM   114  N N   . SER A 1 18 ? -0.233  4.568   -11.131 1.00 30.71 ? 18  SER A N   1 
ATOM   115  C CA  . SER A 1 18 ? 0.755   5.456   -11.741 1.00 30.02 ? 18  SER A CA  1 
ATOM   116  C C   . SER A 1 18 ? 1.246   4.853   -13.059 1.00 29.23 ? 18  SER A C   1 
ATOM   117  O O   . SER A 1 18 ? 0.976   3.682   -13.328 1.00 28.60 ? 18  SER A O   1 
ATOM   118  C CB  . SER A 1 18 ? 1.918   5.742   -10.778 1.00 30.23 ? 18  SER A CB  1 
ATOM   119  O OG  . SER A 1 18 ? 2.746   4.608   -10.601 1.00 31.12 ? 18  SER A OG  1 
ATOM   120  N N   . PRO A 1 19 ? 1.959   5.648   -13.885 1.00 28.65 ? 19  PRO A N   1 
ATOM   121  C CA  . PRO A 1 19 ? 2.291   5.220   -15.251 1.00 28.13 ? 19  PRO A CA  1 
ATOM   122  C C   . PRO A 1 19 ? 3.104   3.929   -15.406 1.00 27.95 ? 19  PRO A C   1 
ATOM   123  O O   . PRO A 1 19 ? 2.966   3.257   -16.423 1.00 27.07 ? 19  PRO A O   1 
ATOM   124  C CB  . PRO A 1 19 ? 3.088   6.408   -15.793 1.00 28.47 ? 19  PRO A CB  1 
ATOM   125  C CG  . PRO A 1 19 ? 2.527   7.565   -15.069 1.00 28.74 ? 19  PRO A CG  1 
ATOM   126  C CD  . PRO A 1 19 ? 2.359   7.054   -13.672 1.00 28.42 ? 19  PRO A CD  1 
ATOM   127  N N   . ARG A 1 20 ? 3.943   3.595   -14.427 1.00 27.70 ? 20  ARG A N   1 
ATOM   128  C CA  . ARG A 1 20 ? 4.793   2.403   -14.544 1.00 27.82 ? 20  ARG A CA  1 
ATOM   129  C C   . ARG A 1 20 ? 4.244   1.177   -13.811 1.00 27.01 ? 20  ARG A C   1 
ATOM   130  O O   . ARG A 1 20 ? 4.936   0.169   -13.690 1.00 26.60 ? 20  ARG A O   1 
ATOM   131  C CB  . ARG A 1 20 ? 6.245   2.699   -14.144 1.00 28.28 ? 20  ARG A CB  1 
ATOM   132  C CG  . ARG A 1 20 ? 6.921   3.728   -15.060 1.00 31.22 ? 20  ARG A CG  1 
ATOM   133  C CD  . ARG A 1 20 ? 8.366   3.372   -15.391 1.00 34.90 ? 20  ARG A CD  1 
ATOM   134  N NE  . ARG A 1 20 ? 9.274   3.721   -14.303 1.00 37.99 ? 20  ARG A NE  1 
ATOM   135  C CZ  . ARG A 1 20 ? 10.449  3.139   -14.077 1.00 39.85 ? 20  ARG A CZ  1 
ATOM   136  N NH1 . ARG A 1 20 ? 10.879  2.151   -14.857 1.00 40.41 ? 20  ARG A NH1 1 
ATOM   137  N NH2 . ARG A 1 20 ? 11.193  3.541   -13.055 1.00 41.31 ? 20  ARG A NH2 1 
ATOM   138  N N   . GLU A 1 21 ? 2.999   1.262   -13.345 1.00 26.68 ? 21  GLU A N   1 
ATOM   139  C CA  . GLU A 1 21 ? 2.363   0.164   -12.628 1.00 26.69 ? 21  GLU A CA  1 
ATOM   140  C C   . GLU A 1 21 ? 1.500   -0.693  -13.545 1.00 27.12 ? 21  GLU A C   1 
ATOM   141  O O   . GLU A 1 21 ? 0.954   -0.203  -14.545 1.00 26.91 ? 21  GLU A O   1 
ATOM   142  C CB  . GLU A 1 21 ? 1.528   0.695   -11.458 1.00 26.68 ? 21  GLU A CB  1 
ATOM   143  C CG  . GLU A 1 21 ? 2.362   1.296   -10.339 1.00 26.46 ? 21  GLU A CG  1 
ATOM   144  C CD  . GLU A 1 21 ? 1.526   1.968   -9.261  1.00 26.34 ? 21  GLU A CD  1 
ATOM   145  O OE1 . GLU A 1 21 ? 0.358   1.570   -9.058  1.00 27.57 ? 21  GLU A OE1 1 
ATOM   146  O OE2 . GLU A 1 21 ? 2.049   2.902   -8.616  1.00 27.65 ? 21  GLU A OE2 1 
ATOM   147  N N   . VAL A 1 22 ? 1.383   -1.974  -13.206 1.00 27.43 ? 22  VAL A N   1 
ATOM   148  C CA  A VAL A 1 22 ? 0.533   -2.877  -13.976 0.86 28.13 ? 22  VAL A CA  1 
ATOM   149  C CA  B VAL A 1 22 ? 0.563   -2.917  -13.967 0.14 27.97 ? 22  VAL A CA  1 
ATOM   150  C C   . VAL A 1 22 ? -0.656  -3.343  -13.146 1.00 28.39 ? 22  VAL A C   1 
ATOM   151  O O   . VAL A 1 22 ? -0.558  -3.509  -11.933 1.00 28.11 ? 22  VAL A O   1 
ATOM   152  C CB  A VAL A 1 22 ? 1.299   -4.087  -14.568 0.86 28.26 ? 22  VAL A CB  1 
ATOM   153  C CB  B VAL A 1 22 ? 1.390   -4.164  -14.395 0.14 27.96 ? 22  VAL A CB  1 
ATOM   154  C CG1 A VAL A 1 22 ? 2.462   -3.628  -15.426 0.86 28.49 ? 22  VAL A CG1 1 
ATOM   155  C CG1 B VAL A 1 22 ? 0.524   -5.191  -15.115 0.14 27.86 ? 22  VAL A CG1 1 
ATOM   156  C CG2 A VAL A 1 22 ? 1.774   -5.017  -13.486 0.86 28.46 ? 22  VAL A CG2 1 
ATOM   157  C CG2 B VAL A 1 22 ? 2.548   -3.756  -15.285 0.14 27.99 ? 22  VAL A CG2 1 
ATOM   158  N N   . THR A 1 23 ? -1.786  -3.524  -13.821 1.00 28.99 ? 23  THR A N   1 
ATOM   159  C CA  . THR A 1 23 ? -2.986  -4.037  -13.188 1.00 29.93 ? 23  THR A CA  1 
ATOM   160  C C   . THR A 1 23 ? -2.965  -5.564  -13.232 1.00 30.20 ? 23  THR A C   1 
ATOM   161  O O   . THR A 1 23 ? -2.554  -6.159  -14.230 1.00 30.57 ? 23  THR A O   1 
ATOM   162  C CB  . THR A 1 23 ? -4.248  -3.479  -13.888 1.00 29.94 ? 23  THR A CB  1 
ATOM   163  O OG1 . THR A 1 23 ? -4.261  -2.053  -13.764 1.00 30.71 ? 23  THR A OG1 1 
ATOM   164  C CG2 . THR A 1 23 ? -5.538  -4.052  -13.294 1.00 29.79 ? 23  THR A CG2 1 
ATOM   165  N N   . MET A 1 24 ? -3.376  -6.190  -12.135 1.00 30.71 ? 24  MET A N   1 
ATOM   166  C CA  . MET A 1 24 ? -3.560  -7.639  -12.100 1.00 31.44 ? 24  MET A CA  1 
ATOM   167  C C   . MET A 1 24 ? -4.814  -8.017  -11.309 1.00 31.98 ? 24  MET A C   1 
ATOM   168  O O   . MET A 1 24 ? -5.284  -7.251  -10.464 1.00 32.23 ? 24  MET A O   1 
ATOM   169  C CB  . MET A 1 24 ? -2.314  -8.346  -11.542 1.00 31.39 ? 24  MET A CB  1 
ATOM   170  C CG  . MET A 1 24 ? -1.955  -7.966  -10.112 1.00 30.79 ? 24  MET A CG  1 
ATOM   171  S SD  . MET A 1 24 ? -0.311  -8.502  -9.577  1.00 29.32 ? 24  MET A SD  1 
ATOM   172  C CE  . MET A 1 24 ? -0.378  -7.901  -7.892  1.00 31.48 ? 24  MET A CE  1 
ATOM   173  N N   . LYS A 1 25 ? -5.353  -9.196  -11.603 1.00 32.78 ? 25  LYS A N   1 
ATOM   174  C CA  . LYS A 1 25 ? -6.468  -9.749  -10.845 1.00 33.46 ? 25  LYS A CA  1 
ATOM   175  C C   . LYS A 1 25 ? -5.953  -10.846 -9.935  1.00 33.52 ? 25  LYS A C   1 
ATOM   176  O O   . LYS A 1 25 ? -4.987  -11.527 -10.275 1.00 33.46 ? 25  LYS A O   1 
ATOM   177  C CB  . LYS A 1 25 ? -7.529  -10.340 -11.775 1.00 33.71 ? 25  LYS A CB  1 
ATOM   178  C CG  . LYS A 1 25 ? -8.168  -9.350  -12.734 1.00 34.69 ? 25  LYS A CG  1 
ATOM   179  C CD  . LYS A 1 25 ? -9.457  -9.938  -13.306 1.00 36.21 ? 25  LYS A CD  1 
ATOM   180  C CE  . LYS A 1 25 ? -9.514  -9.780  -14.814 1.00 36.48 ? 25  LYS A CE  1 
ATOM   181  N NZ  . LYS A 1 25 ? -8.595  -10.736 -15.506 1.00 36.23 ? 25  LYS A NZ  1 
ATOM   182  N N   . LYS A 1 26 ? -6.603  -11.015 -8.786  1.00 33.84 ? 26  LYS A N   1 
ATOM   183  C CA  . LYS A 1 26 ? -6.265  -12.091 -7.859  1.00 34.21 ? 26  LYS A CA  1 
ATOM   184  C C   . LYS A 1 26 ? -6.265  -13.421 -8.600  1.00 34.37 ? 26  LYS A C   1 
ATOM   185  O O   . LYS A 1 26 ? -7.225  -13.746 -9.305  1.00 34.32 ? 26  LYS A O   1 
ATOM   186  C CB  . LYS A 1 26 ? -7.259  -12.136 -6.692  1.00 34.45 ? 26  LYS A CB  1 
ATOM   187  C CG  . LYS A 1 26 ? -7.036  -13.300 -5.740  1.00 35.29 ? 26  LYS A CG  1 
ATOM   188  C CD  . LYS A 1 26 ? -8.102  -13.377 -4.657  1.00 36.31 ? 26  LYS A CD  1 
ATOM   189  C CE  . LYS A 1 26 ? -7.888  -14.609 -3.792  1.00 38.17 ? 26  LYS A CE  1 
ATOM   190  N NZ  . LYS A 1 26 ? -8.937  -14.762 -2.739  1.00 39.00 ? 26  LYS A NZ  1 
ATOM   191  N N   . GLY A 1 27 ? -5.180  -14.174 -8.451  1.00 34.28 ? 27  GLY A N   1 
ATOM   192  C CA  . GLY A 1 27 ? -5.047  -15.475 -9.100  1.00 34.23 ? 27  GLY A CA  1 
ATOM   193  C C   . GLY A 1 27 ? -4.163  -15.445 -10.332 1.00 34.11 ? 27  GLY A C   1 
ATOM   194  O O   . GLY A 1 27 ? -3.682  -16.493 -10.768 1.00 34.03 ? 27  GLY A O   1 
ATOM   195  N N   . ASP A 1 28 ? -3.949  -14.247 -10.886 1.00 33.98 ? 28  ASP A N   1 
ATOM   196  C CA  . ASP A 1 28 ? -3.075  -14.058 -12.048 1.00 33.61 ? 28  ASP A CA  1 
ATOM   197  C C   . ASP A 1 28 ? -1.680  -14.620 -11.776 1.00 33.25 ? 28  ASP A C   1 
ATOM   198  O O   . ASP A 1 28 ? -1.144  -14.478 -10.674 1.00 33.28 ? 28  ASP A O   1 
ATOM   199  C CB  . ASP A 1 28 ? -2.939  -12.571 -12.410 1.00 33.84 ? 28  ASP A CB  1 
ATOM   200  C CG  . ASP A 1 28 ? -4.124  -12.029 -13.210 1.00 34.57 ? 28  ASP A CG  1 
ATOM   201  O OD1 . ASP A 1 28 ? -5.036  -12.797 -13.581 1.00 35.48 ? 28  ASP A OD1 1 
ATOM   202  O OD2 . ASP A 1 28 ? -4.124  -10.810 -13.482 1.00 35.59 ? 28  ASP A OD2 1 
ATOM   203  N N   . ILE A 1 29 ? -1.112  -15.270 -12.785 1.00 32.70 ? 29  ILE A N   1 
ATOM   204  C CA  . ILE A 1 29 ? 0.279   -15.712 -12.751 1.00 32.28 ? 29  ILE A CA  1 
ATOM   205  C C   . ILE A 1 29 ? 1.087   -14.730 -13.595 1.00 31.60 ? 29  ILE A C   1 
ATOM   206  O O   . ILE A 1 29 ? 0.703   -14.416 -14.725 1.00 31.55 ? 29  ILE A O   1 
ATOM   207  C CB  . ILE A 1 29 ? 0.434   -17.162 -13.296 1.00 32.42 ? 29  ILE A CB  1 
ATOM   208  C CG1 . ILE A 1 29 ? -0.478  -18.149 -12.544 1.00 32.91 ? 29  ILE A CG1 1 
ATOM   209  C CG2 . ILE A 1 29 ? 1.905   -17.611 -13.286 1.00 33.40 ? 29  ILE A CG2 1 
ATOM   210  C CD1 . ILE A 1 29 ? -0.161  -18.358 -11.071 1.00 33.57 ? 29  ILE A CD1 1 
ATOM   211  N N   . LEU A 1 30 ? 2.184   -14.222 -13.034 1.00 30.55 ? 30  LEU A N   1 
ATOM   212  C CA  . LEU A 1 30 ? 3.003   -13.211 -13.705 1.00 29.54 ? 30  LEU A CA  1 
ATOM   213  C C   . LEU A 1 30 ? 4.469   -13.626 -13.703 1.00 28.88 ? 30  LEU A C   1 
ATOM   214  O O   . LEU A 1 30 ? 4.917   -14.344 -12.810 1.00 28.84 ? 30  LEU A O   1 
ATOM   215  C CB  . LEU A 1 30 ? 2.860   -11.838 -13.028 1.00 29.80 ? 30  LEU A CB  1 
ATOM   216  C CG  . LEU A 1 30 ? 1.485   -11.164 -12.931 1.00 29.62 ? 30  LEU A CG  1 
ATOM   217  C CD1 . LEU A 1 30 ? 0.781   -11.526 -11.637 1.00 29.77 ? 30  LEU A CD1 1 
ATOM   218  C CD2 . LEU A 1 30 ? 1.633   -9.662  -13.021 1.00 30.45 ? 30  LEU A CD2 1 
ATOM   219  N N   . THR A 1 31 ? 5.211   -13.177 -14.707 1.00 28.25 ? 31  THR A N   1 
ATOM   220  C CA  . THR A 1 31 ? 6.653   -13.389 -14.740 1.00 27.68 ? 31  THR A CA  1 
ATOM   221  C C   . THR A 1 31 ? 7.333   -12.328 -13.873 1.00 27.53 ? 31  THR A C   1 
ATOM   222  O O   . THR A 1 31 ? 7.080   -11.137 -14.035 1.00 27.15 ? 31  THR A O   1 
ATOM   223  C CB  . THR A 1 31 ? 7.191   -13.334 -16.186 1.00 27.86 ? 31  THR A CB  1 
ATOM   224  O OG1 . THR A 1 31 ? 6.677   -14.449 -16.926 1.00 27.59 ? 31  THR A OG1 1 
ATOM   225  C CG2 . THR A 1 31 ? 8.724   -13.378 -16.207 1.00 28.22 ? 31  THR A CG2 1 
ATOM   226  N N   . LEU A 1 32 ? 8.176   -12.768 -12.940 1.00 27.34 ? 32  LEU A N   1 
ATOM   227  C CA  . LEU A 1 32 ? 8.968   -11.843 -12.130 1.00 27.26 ? 32  LEU A CA  1 
ATOM   228  C C   . LEU A 1 32 ? 10.160  -11.334 -12.929 1.00 27.37 ? 32  LEU A C   1 
ATOM   229  O O   . LEU A 1 32 ? 10.919  -12.125 -13.504 1.00 27.73 ? 32  LEU A O   1 
ATOM   230  C CB  . LEU A 1 32 ? 9.430   -12.502 -10.823 1.00 27.02 ? 32  LEU A CB  1 
ATOM   231  C CG  . LEU A 1 32 ? 10.221  -11.642 -9.827  1.00 27.13 ? 32  LEU A CG  1 
ATOM   232  C CD1 . LEU A 1 32 ? 9.368   -10.509 -9.230  1.00 27.86 ? 32  LEU A CD1 1 
ATOM   233  C CD2 . LEU A 1 32 ? 10.804  -12.525 -8.729  1.00 27.79 ? 32  LEU A CD2 1 
ATOM   234  N N   . LEU A 1 33 ? 10.307  -10.011 -12.982 1.00 27.26 ? 33  LEU A N   1 
ATOM   235  C CA  . LEU A 1 33 ? 11.451  -9.387  -13.651 1.00 27.42 ? 33  LEU A CA  1 
ATOM   236  C C   . LEU A 1 33 ? 12.494  -8.887  -12.661 1.00 27.37 ? 33  LEU A C   1 
ATOM   237  O O   . LEU A 1 33 ? 13.693  -9.012  -12.914 1.00 28.00 ? 33  LEU A O   1 
ATOM   238  C CB  . LEU A 1 33 ? 11.009  -8.249  -14.577 1.00 27.72 ? 33  LEU A CB  1 
ATOM   239  C CG  . LEU A 1 33 ? 10.294  -8.634  -15.873 1.00 27.93 ? 33  LEU A CG  1 
ATOM   240  C CD1 . LEU A 1 33 ? 10.031  -7.386  -16.698 1.00 28.53 ? 33  LEU A CD1 1 
ATOM   241  C CD2 . LEU A 1 33 ? 11.114  -9.631  -16.675 1.00 28.23 ? 33  LEU A CD2 1 
ATOM   242  N N   . ASN A 1 34 ? 12.044  -8.325  -11.539 1.00 27.08 ? 34  ASN A N   1 
ATOM   243  C CA  . ASN A 1 34 ? 12.967  -7.796  -10.534 1.00 27.24 ? 34  ASN A CA  1 
ATOM   244  C C   . ASN A 1 34 ? 12.346  -7.581  -9.164  1.00 26.96 ? 34  ASN A C   1 
ATOM   245  O O   . ASN A 1 34 ? 11.276  -6.981  -9.046  1.00 27.15 ? 34  ASN A O   1 
ATOM   246  C CB  . ASN A 1 34 ? 13.638  -6.512  -11.021 1.00 27.09 ? 34  ASN A CB  1 
ATOM   247  C CG  . ASN A 1 34 ? 14.917  -6.221  -10.278 1.00 28.49 ? 34  ASN A CG  1 
ATOM   248  O OD1 . ASN A 1 34 ? 14.890  -5.656  -9.190  1.00 28.25 ? 34  ASN A OD1 1 
ATOM   249  N ND2 . ASN A 1 34 ? 16.049  -6.623  -10.856 1.00 28.47 ? 34  ASN A ND2 1 
ATOM   250  N N   . SER A 1 35 ? 13.041  -8.068  -8.139  1.00 26.62 ? 35  SER A N   1 
ATOM   251  C CA  . SER A 1 35 ? 12.531  -8.078  -6.767  1.00 27.02 ? 35  SER A CA  1 
ATOM   252  C C   . SER A 1 35 ? 13.474  -7.407  -5.765  1.00 27.00 ? 35  SER A C   1 
ATOM   253  O O   . SER A 1 35 ? 13.394  -7.663  -4.551  1.00 26.66 ? 35  SER A O   1 
ATOM   254  C CB  . SER A 1 35 ? 12.239  -9.521  -6.338  1.00 27.06 ? 35  SER A CB  1 
ATOM   255  O OG  . SER A 1 35 ? 13.399  -10.344 -6.424  1.00 27.80 ? 35  SER A OG  1 
ATOM   256  N N   . THR A 1 36 ? 14.340  -6.527  -6.264  1.00 26.98 ? 36  THR A N   1 
ATOM   257  C CA  . THR A 1 36 ? 15.339  -5.859  -5.421  1.00 27.52 ? 36  THR A CA  1 
ATOM   258  C C   . THR A 1 36 ? 14.806  -4.705  -4.576  1.00 27.75 ? 36  THR A C   1 
ATOM   259  O O   . THR A 1 36 ? 15.365  -4.400  -3.523  1.00 27.81 ? 36  THR A O   1 
ATOM   260  C CB  . THR A 1 36 ? 16.563  -5.377  -6.219  1.00 27.39 ? 36  THR A CB  1 
ATOM   261  O OG1 . THR A 1 36 ? 16.144  -4.495  -7.268  1.00 28.10 ? 36  THR A OG1 1 
ATOM   262  C CG2 . THR A 1 36 ? 17.318  -6.563  -6.807  1.00 27.09 ? 36  THR A CG2 1 
ATOM   263  N N   . ASN A 1 37 ? 13.735  -4.064  -5.041  1.00 27.62 ? 37  ASN A N   1 
ATOM   264  C CA  . ASN A 1 37 ? 13.038  -3.049  -4.251  1.00 28.28 ? 37  ASN A CA  1 
ATOM   265  C C   . ASN A 1 37 ? 12.126  -3.746  -3.251  1.00 28.52 ? 37  ASN A C   1 
ATOM   266  O O   . ASN A 1 37 ? 11.431  -4.696  -3.604  1.00 28.46 ? 37  ASN A O   1 
ATOM   267  C CB  . ASN A 1 37 ? 12.249  -2.108  -5.176  1.00 28.12 ? 37  ASN A CB  1 
ATOM   268  C CG  . ASN A 1 37 ? 11.556  -0.975  -4.429  1.00 28.05 ? 37  ASN A CG  1 
ATOM   269  O OD1 . ASN A 1 37 ? 10.626  -1.197  -3.647  1.00 28.55 ? 37  ASN A OD1 1 
ATOM   270  N ND2 . ASN A 1 37 ? 11.987  0.254   -4.695  1.00 30.25 ? 37  ASN A ND2 1 
ATOM   271  N N   . LYS A 1 38 ? 12.130  -3.284  -2.002  1.00 29.15 ? 38  LYS A N   1 
ATOM   272  C CA  . LYS A 1 38 ? 11.363  -3.951  -0.948  1.00 29.69 ? 38  LYS A CA  1 
ATOM   273  C C   . LYS A 1 38 ? 9.849   -3.791  -1.122  1.00 29.82 ? 38  LYS A C   1 
ATOM   274  O O   . LYS A 1 38 ? 9.073   -4.677  -0.747  1.00 30.33 ? 38  LYS A O   1 
ATOM   275  C CB  . LYS A 1 38 ? 11.770  -3.432  0.431   1.00 30.16 ? 38  LYS A CB  1 
ATOM   276  C CG  . LYS A 1 38 ? 11.273  -4.312  1.577   1.00 31.77 ? 38  LYS A CG  1 
ATOM   277  C CD  . LYS A 1 38 ? 10.979  -3.489  2.818   1.00 35.13 ? 38  LYS A CD  1 
ATOM   278  C CE  . LYS A 1 38 ? 10.341  -4.329  3.911   1.00 36.09 ? 38  LYS A CE  1 
ATOM   279  N NZ  . LYS A 1 38 ? 9.754   -3.479  4.988   1.00 38.57 ? 38  LYS A NZ  1 
ATOM   280  N N   . ASP A 1 39 ? 9.453   -2.666  -1.709  1.00 29.42 ? 39  ASP A N   1 
ATOM   281  C CA  . ASP A 1 39 ? 8.053   -2.266  -1.809  1.00 29.27 ? 39  ASP A CA  1 
ATOM   282  C C   . ASP A 1 39 ? 7.391   -2.595  -3.147  1.00 28.65 ? 39  ASP A C   1 
ATOM   283  O O   . ASP A 1 39 ? 6.195   -2.907  -3.196  1.00 28.26 ? 39  ASP A O   1 
ATOM   284  C CB  . ASP A 1 39 ? 7.931   -0.763  -1.539  1.00 30.08 ? 39  ASP A CB  1 
ATOM   285  C CG  . ASP A 1 39 ? 8.302   -0.386  -0.112  1.00 31.71 ? 39  ASP A CG  1 
ATOM   286  O OD1 . ASP A 1 39 ? 8.203   -1.242  0.791   1.00 35.16 ? 39  ASP A OD1 1 
ATOM   287  O OD2 . ASP A 1 39 ? 8.688   0.779   0.107   1.00 34.08 ? 39  ASP A OD2 1 
ATOM   288  N N   . TRP A 1 40 ? 8.164   -2.503  -4.229  1.00 27.86 ? 40  TRP A N   1 
ATOM   289  C CA  . TRP A 1 40 ? 7.637   -2.666  -5.581  1.00 27.29 ? 40  TRP A CA  1 
ATOM   290  C C   . TRP A 1 40 ? 8.435   -3.697  -6.360  1.00 26.63 ? 40  TRP A C   1 
ATOM   291  O O   . TRP A 1 40 ? 9.642   -3.571  -6.489  1.00 27.15 ? 40  TRP A O   1 
ATOM   292  C CB  . TRP A 1 40 ? 7.698   -1.343  -6.342  1.00 27.47 ? 40  TRP A CB  1 
ATOM   293  C CG  . TRP A 1 40 ? 6.895   -0.245  -5.742  1.00 28.22 ? 40  TRP A CG  1 
ATOM   294  C CD1 . TRP A 1 40 ? 7.346   0.738   -4.911  1.00 29.97 ? 40  TRP A CD1 1 
ATOM   295  C CD2 . TRP A 1 40 ? 5.501   0.004   -5.941  1.00 29.74 ? 40  TRP A CD2 1 
ATOM   296  N NE1 . TRP A 1 40 ? 6.317   1.582   -4.572  1.00 30.95 ? 40  TRP A NE1 1 
ATOM   297  C CE2 . TRP A 1 40 ? 5.172   1.155   -5.192  1.00 30.90 ? 40  TRP A CE2 1 
ATOM   298  C CE3 . TRP A 1 40 ? 4.494   -0.635  -6.680  1.00 29.95 ? 40  TRP A CE3 1 
ATOM   299  C CZ2 . TRP A 1 40 ? 3.878   1.684   -5.158  1.00 31.48 ? 40  TRP A CZ2 1 
ATOM   300  C CZ3 . TRP A 1 40 ? 3.200   -0.108  -6.643  1.00 31.09 ? 40  TRP A CZ3 1 
ATOM   301  C CH2 . TRP A 1 40 ? 2.909   1.041   -5.888  1.00 29.76 ? 40  TRP A CH2 1 
ATOM   302  N N   . TRP A 1 41 ? 7.749   -4.706  -6.887  1.00 26.10 ? 41  TRP A N   1 
ATOM   303  C CA  . TRP A 1 41 ? 8.378   -5.689  -7.761  1.00 25.41 ? 41  TRP A CA  1 
ATOM   304  C C   . TRP A 1 41 ? 8.003   -5.472  -9.224  1.00 25.74 ? 41  TRP A C   1 
ATOM   305  O O   . TRP A 1 41 ? 6.838   -5.220  -9.546  1.00 25.92 ? 41  TRP A O   1 
ATOM   306  C CB  . TRP A 1 41 ? 8.013   -7.103  -7.316  1.00 25.81 ? 41  TRP A CB  1 
ATOM   307  C CG  . TRP A 1 41 ? 8.741   -7.528  -6.072  1.00 25.22 ? 41  TRP A CG  1 
ATOM   308  C CD1 . TRP A 1 41 ? 9.566   -6.755  -5.298  1.00 25.01 ? 41  TRP A CD1 1 
ATOM   309  C CD2 . TRP A 1 41 ? 8.701   -8.815  -5.454  1.00 26.50 ? 41  TRP A CD2 1 
ATOM   310  N NE1 . TRP A 1 41 ? 10.046  -7.491  -4.240  1.00 25.94 ? 41  TRP A NE1 1 
ATOM   311  C CE2 . TRP A 1 41 ? 9.531   -8.757  -4.310  1.00 26.46 ? 41  TRP A CE2 1 
ATOM   312  C CE3 . TRP A 1 41 ? 8.047   -10.016 -5.755  1.00 27.78 ? 41  TRP A CE3 1 
ATOM   313  C CZ2 . TRP A 1 41 ? 9.718   -9.856  -3.463  1.00 26.97 ? 41  TRP A CZ2 1 
ATOM   314  C CZ3 . TRP A 1 41 ? 8.228   -11.107 -4.912  1.00 28.70 ? 41  TRP A CZ3 1 
ATOM   315  C CH2 . TRP A 1 41 ? 9.062   -11.019 -3.778  1.00 28.29 ? 41  TRP A CH2 1 
ATOM   316  N N   . LYS A 1 42 ? 9.004   -5.568  -10.096 1.00 25.56 ? 42  LYS A N   1 
ATOM   317  C CA  . LYS A 1 42 ? 8.784   -5.474  -11.536 1.00 26.27 ? 42  LYS A CA  1 
ATOM   318  C C   . LYS A 1 42 ? 8.348   -6.834  -12.060 1.00 26.16 ? 42  LYS A C   1 
ATOM   319  O O   . LYS A 1 42 ? 8.979   -7.856  -11.774 1.00 25.92 ? 42  LYS A O   1 
ATOM   320  C CB  . LYS A 1 42 ? 10.036  -4.972  -12.255 1.00 26.52 ? 42  LYS A CB  1 
ATOM   321  C CG  . LYS A 1 42 ? 9.772   -4.527  -13.691 1.00 27.93 ? 42  LYS A CG  1 
ATOM   322  C CD  . LYS A 1 42 ? 11.010  -3.963  -14.352 1.00 29.96 ? 42  LYS A CD  1 
ATOM   323  C CE  . LYS A 1 42 ? 10.655  -3.346  -15.699 1.00 31.60 ? 42  LYS A CE  1 
ATOM   324  N NZ  . LYS A 1 42 ? 11.778  -2.552  -16.279 1.00 33.03 ? 42  LYS A NZ  1 
ATOM   325  N N   . VAL A 1 43 ? 7.246   -6.832  -12.807 1.00 26.55 ? 43  VAL A N   1 
ATOM   326  C CA  . VAL A 1 43 ? 6.646   -8.053  -13.331 1.00 27.37 ? 43  VAL A CA  1 
ATOM   327  C C   . VAL A 1 43 ? 6.319   -7.894  -14.809 1.00 28.76 ? 43  VAL A C   1 
ATOM   328  O O   . VAL A 1 43 ? 6.380   -6.786  -15.351 1.00 28.67 ? 43  VAL A O   1 
ATOM   329  C CB  . VAL A 1 43 ? 5.371   -8.451  -12.549 1.00 27.41 ? 43  VAL A CB  1 
ATOM   330  C CG1 . VAL A 1 43 ? 5.717   -8.824  -11.107 1.00 26.11 ? 43  VAL A CG1 1 
ATOM   331  C CG2 . VAL A 1 43 ? 4.333   -7.334  -12.595 1.00 27.02 ? 43  VAL A CG2 1 
ATOM   332  N N   . GLU A 1 44 ? 5.970   -9.008  -15.446 1.00 30.40 ? 44  GLU A N   1 
ATOM   333  C CA  . GLU A 1 44 ? 5.622   -9.024  -16.857 1.00 32.43 ? 44  GLU A CA  1 
ATOM   334  C C   . GLU A 1 44 ? 4.382   -9.878  -17.079 1.00 33.06 ? 44  GLU A C   1 
ATOM   335  O O   . GLU A 1 44 ? 4.320   -11.024 -16.633 1.00 33.33 ? 44  GLU A O   1 
ATOM   336  C CB  . GLU A 1 44 ? 6.807   -9.553  -17.672 1.00 32.85 ? 44  GLU A CB  1 
ATOM   337  C CG  . GLU A 1 44 ? 6.576   -9.661  -19.170 1.00 35.20 ? 44  GLU A CG  1 
ATOM   338  C CD  . GLU A 1 44 ? 7.854   -9.960  -19.936 1.00 37.68 ? 44  GLU A CD  1 
ATOM   339  O OE1 . GLU A 1 44 ? 8.552   -10.939 -19.590 1.00 39.74 ? 44  GLU A OE1 1 
ATOM   340  O OE2 . GLU A 1 44 ? 8.158   -9.220  -20.893 1.00 39.06 ? 44  GLU A OE2 1 
ATOM   341  N N   . VAL A 1 45 ? 3.385   -9.301  -17.743 1.00 34.02 ? 45  VAL A N   1 
ATOM   342  C CA  . VAL A 1 45 ? 2.245   -10.063 -18.256 1.00 34.97 ? 45  VAL A CA  1 
ATOM   343  C C   . VAL A 1 45 ? 1.898   -9.572  -19.656 1.00 35.32 ? 45  VAL A C   1 
ATOM   344  O O   . VAL A 1 45 ? 1.711   -8.365  -19.864 1.00 35.57 ? 45  VAL A O   1 
ATOM   345  C CB  . VAL A 1 45 ? 0.984   -9.998  -17.348 1.00 35.03 ? 45  VAL A CB  1 
ATOM   346  C CG1 . VAL A 1 45 ? 0.898   -11.227 -16.458 1.00 35.80 ? 45  VAL A CG1 1 
ATOM   347  C CG2 . VAL A 1 45 ? 0.932   -8.705  -16.540 1.00 35.35 ? 45  VAL A CG2 1 
ATOM   348  N N   A ASN A 1 46 ? 1.793   -10.505 -20.602 0.54 35.57 ? 46  ASN A N   1 
ATOM   349  N N   B ASN A 1 46 ? 1.859   -10.518 -20.595 0.46 35.35 ? 46  ASN A N   1 
ATOM   350  C CA  A ASN A 1 46 ? 1.520   -10.191 -22.010 0.54 35.68 ? 46  ASN A CA  1 
ATOM   351  C CA  B ASN A 1 46 ? 1.545   -10.298 -22.017 0.46 35.33 ? 46  ASN A CA  1 
ATOM   352  C C   A ASN A 1 46 ? 2.605   -9.297  -22.617 0.54 35.46 ? 46  ASN A C   1 
ATOM   353  C C   B ASN A 1 46 ? 1.597   -8.859  -22.536 0.46 35.11 ? 46  ASN A C   1 
ATOM   354  O O   A ASN A 1 46 ? 3.788   -9.644  -22.589 0.54 35.51 ? 46  ASN A O   1 
ATOM   355  O O   B ASN A 1 46 ? 0.610   -8.125  -22.464 0.46 35.25 ? 46  ASN A O   1 
ATOM   356  C CB  A ASN A 1 46 ? 0.124   -9.566  -22.186 0.54 35.88 ? 46  ASN A CB  1 
ATOM   357  C CB  B ASN A 1 46 ? 0.194   -10.934 -22.363 0.46 35.33 ? 46  ASN A CB  1 
ATOM   358  C CG  A ASN A 1 46 ? -0.992  -10.463 -21.680 0.54 36.42 ? 46  ASN A CG  1 
ATOM   359  C CG  B ASN A 1 46 ? 0.229   -12.450 -22.298 0.46 35.64 ? 46  ASN A CG  1 
ATOM   360  O OD1 A ASN A 1 46 ? -1.183  -11.578 -22.169 0.54 36.96 ? 46  ASN A OD1 1 
ATOM   361  O OD1 B ASN A 1 46 ? 0.904   -13.102 -23.094 0.46 36.17 ? 46  ASN A OD1 1 
ATOM   362  N ND2 A ASN A 1 46 ? -1.745  -9.972  -20.701 0.54 37.20 ? 46  ASN A ND2 1 
ATOM   363  N ND2 B ASN A 1 46 ? -0.510  -13.017 -21.352 0.46 35.92 ? 46  ASN A ND2 1 
ATOM   364  N N   A ASP A 1 47 ? 2.196   -8.150  -23.159 0.54 35.03 ? 47  ASP A N   1 
ATOM   365  N N   B ASP A 1 47 ? 2.754   -8.466  -23.062 0.46 34.86 ? 47  ASP A N   1 
ATOM   366  C CA  A ASP A 1 47 ? 3.130   -7.168  -23.702 0.54 34.65 ? 47  ASP A CA  1 
ATOM   367  C CA  B ASP A 1 47 ? 2.902   -7.161  -23.704 0.46 34.58 ? 47  ASP A CA  1 
ATOM   368  C C   A ASP A 1 47 ? 3.408   -6.040  -22.704 0.54 34.00 ? 47  ASP A C   1 
ATOM   369  C C   B ASP A 1 47 ? 3.184   -6.007  -22.734 0.46 33.94 ? 47  ASP A C   1 
ATOM   370  O O   A ASP A 1 47 ? 3.920   -4.982  -23.083 0.54 34.08 ? 47  ASP A O   1 
ATOM   371  O O   B ASP A 1 47 ? 3.503   -4.900  -23.170 0.46 33.95 ? 47  ASP A O   1 
ATOM   372  C CB  A ASP A 1 47 ? 2.601   -6.595  -25.023 0.54 34.59 ? 47  ASP A CB  1 
ATOM   373  C CB  B ASP A 1 47 ? 1.664   -6.844  -24.551 0.46 34.73 ? 47  ASP A CB  1 
ATOM   374  C CG  A ASP A 1 47 ? 2.557   -7.626  -26.141 0.54 35.22 ? 47  ASP A CG  1 
ATOM   375  C CG  B ASP A 1 47 ? 1.731   -7.457  -25.940 0.46 35.24 ? 47  ASP A CG  1 
ATOM   376  O OD1 A ASP A 1 47 ? 3.196   -8.695  -26.013 0.54 35.18 ? 47  ASP A OD1 1 
ATOM   377  O OD1 B ASP A 1 47 ? 2.849   -7.773  -26.399 0.46 36.01 ? 47  ASP A OD1 1 
ATOM   378  O OD2 A ASP A 1 47 ? 1.885   -7.358  -27.159 0.54 35.76 ? 47  ASP A OD2 1 
ATOM   379  O OD2 B ASP A 1 47 ? 0.665   -7.611  -26.577 0.46 35.40 ? 47  ASP A OD2 1 
ATOM   380  N N   . ARG A 1 48 ? 3.076   -6.273  -21.433 1.00 33.52 ? 48  ARG A N   1 
ATOM   381  C CA  . ARG A 1 48 ? 3.285   -5.258  -20.385 1.00 32.26 ? 48  ARG A CA  1 
ATOM   382  C C   . ARG A 1 48 ? 4.404   -5.606  -19.401 1.00 31.13 ? 48  ARG A C   1 
ATOM   383  O O   . ARG A 1 48 ? 4.519   -6.743  -18.949 1.00 30.92 ? 48  ARG A O   1 
ATOM   384  C CB  . ARG A 1 48 ? 1.992   -4.988  -19.605 1.00 32.40 ? 48  ARG A CB  1 
ATOM   385  C CG  . ARG A 1 48 ? 0.873   -4.328  -20.410 1.00 32.93 ? 48  ARG A CG  1 
ATOM   386  C CD  . ARG A 1 48 ? -0.383  -4.161  -19.564 1.00 34.78 ? 48  ARG A CD  1 
ATOM   387  N NE  . ARG A 1 48 ? -0.283  -3.026  -18.647 1.00 35.98 ? 48  ARG A NE  1 
ATOM   388  C CZ  . ARG A 1 48 ? -1.191  -2.705  -17.726 1.00 36.35 ? 48  ARG A CZ  1 
ATOM   389  N NH1 . ARG A 1 48 ? -2.290  -3.438  -17.573 1.00 37.25 ? 48  ARG A NH1 1 
ATOM   390  N NH2 . ARG A 1 48 ? -0.998  -1.645  -16.953 1.00 36.15 ? 48  ARG A NH2 1 
ATOM   391  N N   . GLN A 1 49 ? 5.222   -4.609  -19.083 1.00 29.85 ? 49  GLN A N   1 
ATOM   392  C CA  . GLN A 1 49 ? 6.254   -4.733  -18.052 1.00 28.78 ? 49  GLN A CA  1 
ATOM   393  C C   . GLN A 1 49 ? 6.163   -3.536  -17.130 1.00 27.76 ? 49  GLN A C   1 
ATOM   394  O O   . GLN A 1 49 ? 6.239   -2.394  -17.581 1.00 27.19 ? 49  GLN A O   1 
ATOM   395  C CB  . GLN A 1 49 ? 7.653   -4.785  -18.668 1.00 29.20 ? 49  GLN A CB  1 
ATOM   396  C CG  . GLN A 1 49 ? 7.913   -5.952  -19.610 1.00 30.73 ? 49  GLN A CG  1 
ATOM   397  C CD  . GLN A 1 49 ? 9.322   -5.928  -20.197 1.00 33.25 ? 49  GLN A CD  1 
ATOM   398  O OE1 . GLN A 1 49 ? 9.999   -4.898  -20.197 1.00 35.07 ? 49  GLN A OE1 1 
ATOM   399  N NE2 . GLN A 1 49 ? 9.766   -7.070  -20.704 1.00 35.33 ? 49  GLN A NE2 1 
ATOM   400  N N   . GLY A 1 50 ? 6.000   -3.796  -15.836 1.00 26.66 ? 50  GLY A N   1 
ATOM   401  C CA  . GLY A 1 50 ? 5.947   -2.713  -14.862 1.00 26.09 ? 50  GLY A CA  1 
ATOM   402  C C   . GLY A 1 50 ? 5.862   -3.230  -13.445 1.00 25.83 ? 50  GLY A C   1 
ATOM   403  O O   . GLY A 1 50 ? 6.157   -4.398  -13.184 1.00 25.73 ? 50  GLY A O   1 
ATOM   404  N N   . PHE A 1 51 ? 5.418   -2.367  -12.537 1.00 25.07 ? 51  PHE A N   1 
ATOM   405  C CA  . PHE A 1 51 ? 5.523   -2.643  -11.106 1.00 25.05 ? 51  PHE A CA  1 
ATOM   406  C C   . PHE A 1 51 ? 4.190   -2.934  -10.430 1.00 24.84 ? 51  PHE A C   1 
ATOM   407  O O   . PHE A 1 51 ? 3.152   -2.399  -10.819 1.00 24.72 ? 51  PHE A O   1 
ATOM   408  C CB  . PHE A 1 51 ? 6.215   -1.472  -10.410 1.00 24.92 ? 51  PHE A CB  1 
ATOM   409  C CG  . PHE A 1 51 ? 7.652   -1.321  -10.776 1.00 25.49 ? 51  PHE A CG  1 
ATOM   410  C CD1 . PHE A 1 51 ? 8.030   -0.530  -11.860 1.00 26.24 ? 51  PHE A CD1 1 
ATOM   411  C CD2 . PHE A 1 51 ? 8.636   -1.983  -10.050 1.00 26.60 ? 51  PHE A CD2 1 
ATOM   412  C CE1 . PHE A 1 51 ? 9.375   -0.395  -12.207 1.00 27.27 ? 51  PHE A CE1 1 
ATOM   413  C CE2 . PHE A 1 51 ? 9.974   -1.849  -10.390 1.00 27.35 ? 51  PHE A CE2 1 
ATOM   414  C CZ  . PHE A 1 51 ? 10.343  -1.059  -11.465 1.00 27.51 ? 51  PHE A CZ  1 
ATOM   415  N N   . VAL A 1 52 ? 4.236   -3.802  -9.417  1.00 24.43 ? 52  VAL A N   1 
ATOM   416  C CA  . VAL A 1 52 ? 3.099   -4.059  -8.527  1.00 24.55 ? 52  VAL A CA  1 
ATOM   417  C C   . VAL A 1 52 ? 3.645   -4.094  -7.099  1.00 24.49 ? 52  VAL A C   1 
ATOM   418  O O   . VAL A 1 52 ? 4.851   -4.246  -6.914  1.00 24.18 ? 52  VAL A O   1 
ATOM   419  C CB  . VAL A 1 52 ? 2.359   -5.394  -8.855  1.00 24.54 ? 52  VAL A CB  1 
ATOM   420  C CG1 . VAL A 1 52 ? 1.822   -5.371  -10.268 1.00 24.69 ? 52  VAL A CG1 1 
ATOM   421  C CG2 . VAL A 1 52 ? 3.263   -6.612  -8.651  1.00 25.58 ? 52  VAL A CG2 1 
ATOM   422  N N   . PRO A 1 53 ? 2.775   -3.959  -6.086  1.00 24.61 ? 53  PRO A N   1 
ATOM   423  C CA  . PRO A 1 53 ? 3.349   -4.049  -4.747  1.00 24.76 ? 53  PRO A CA  1 
ATOM   424  C C   . PRO A 1 53 ? 3.877   -5.450  -4.449  1.00 24.59 ? 53  PRO A C   1 
ATOM   425  O O   . PRO A 1 53 ? 3.234   -6.448  -4.797  1.00 24.36 ? 53  PRO A O   1 
ATOM   426  C CB  . PRO A 1 53 ? 2.165   -3.702  -3.834  1.00 24.52 ? 53  PRO A CB  1 
ATOM   427  C CG  . PRO A 1 53 ? 1.199   -2.976  -4.706  1.00 25.64 ? 53  PRO A CG  1 
ATOM   428  C CD  . PRO A 1 53 ? 1.339   -3.622  -6.046  1.00 24.55 ? 53  PRO A CD  1 
ATOM   429  N N   . ALA A 1 54 ? 5.058   -5.514  -3.832  1.00 24.99 ? 54  ALA A N   1 
ATOM   430  C CA  . ALA A 1 54 ? 5.668   -6.783  -3.443  1.00 25.90 ? 54  ALA A CA  1 
ATOM   431  C C   . ALA A 1 54 ? 4.750   -7.608  -2.540  1.00 26.15 ? 54  ALA A C   1 
ATOM   432  O O   . ALA A 1 54 ? 4.687   -8.833  -2.666  1.00 26.63 ? 54  ALA A O   1 
ATOM   433  C CB  . ALA A 1 54 ? 7.018   -6.539  -2.771  1.00 25.62 ? 54  ALA A CB  1 
ATOM   434  N N   . ALA A 1 55 ? 4.019   -6.925  -1.657  1.00 26.67 ? 55  ALA A N   1 
ATOM   435  C CA  . ALA A 1 55 ? 3.110   -7.576  -0.711  1.00 27.26 ? 55  ALA A CA  1 
ATOM   436  C C   . ALA A 1 55 ? 1.887   -8.230  -1.363  1.00 27.81 ? 55  ALA A C   1 
ATOM   437  O O   . ALA A 1 55 ? 1.223   -9.062  -0.740  1.00 28.34 ? 55  ALA A O   1 
ATOM   438  C CB  . ALA A 1 55 ? 2.685   -6.581  0.367   1.00 27.08 ? 55  ALA A CB  1 
ATOM   439  N N   . TYR A 1 56 ? 1.607   -7.875  -2.620  1.00 28.13 ? 56  TYR A N   1 
ATOM   440  C CA  . TYR A 1 56 ? 0.457   -8.411  -3.355  1.00 28.90 ? 56  TYR A CA  1 
ATOM   441  C C   . TYR A 1 56 ? 0.786   -9.648  -4.184  1.00 29.64 ? 56  TYR A C   1 
ATOM   442  O O   . TYR A 1 56 ? -0.101  -10.217 -4.829  1.00 29.94 ? 56  TYR A O   1 
ATOM   443  C CB  . TYR A 1 56 ? -0.121  -7.346  -4.287  1.00 28.63 ? 56  TYR A CB  1 
ATOM   444  C CG  . TYR A 1 56 ? -0.959  -6.296  -3.609  1.00 28.52 ? 56  TYR A CG  1 
ATOM   445  C CD1 . TYR A 1 56 ? -0.451  -5.541  -2.555  1.00 29.44 ? 56  TYR A CD1 1 
ATOM   446  C CD2 . TYR A 1 56 ? -2.258  -6.032  -4.047  1.00 28.75 ? 56  TYR A CD2 1 
ATOM   447  C CE1 . TYR A 1 56 ? -1.211  -4.568  -1.947  1.00 29.17 ? 56  TYR A CE1 1 
ATOM   448  C CE2 . TYR A 1 56 ? -3.034  -5.056  -3.438  1.00 29.17 ? 56  TYR A CE2 1 
ATOM   449  C CZ  . TYR A 1 56 ? -2.504  -4.331  -2.391  1.00 30.44 ? 56  TYR A CZ  1 
ATOM   450  O OH  . TYR A 1 56 ? -3.266  -3.365  -1.783  1.00 31.36 ? 56  TYR A OH  1 
ATOM   451  N N   . VAL A 1 57 ? 2.054   -10.041 -4.191  1.00 30.16 ? 57  VAL A N   1 
ATOM   452  C CA  . VAL A 1 57 ? 2.480   -11.221 -4.942  1.00 31.39 ? 57  VAL A CA  1 
ATOM   453  C C   . VAL A 1 57 ? 3.249   -12.197 -4.060  1.00 32.23 ? 57  VAL A C   1 
ATOM   454  O O   . VAL A 1 57 ? 3.833   -11.807 -3.046  1.00 32.11 ? 57  VAL A O   1 
ATOM   455  C CB  . VAL A 1 57 ? 3.310   -10.863 -6.214  1.00 31.12 ? 57  VAL A CB  1 
ATOM   456  C CG1 . VAL A 1 57 ? 2.447   -10.139 -7.236  1.00 31.65 ? 57  VAL A CG1 1 
ATOM   457  C CG2 . VAL A 1 57 ? 4.544   -10.045 -5.863  1.00 31.55 ? 57  VAL A CG2 1 
ATOM   458  N N   . LYS A 1 58 ? 3.233   -13.467 -4.456  1.00 33.58 ? 58  LYS A N   1 
ATOM   459  C CA  . LYS A 1 58 ? 3.998   -14.510 -3.785  1.00 35.13 ? 58  LYS A CA  1 
ATOM   460  C C   . LYS A 1 58 ? 4.858   -15.220 -4.824  1.00 35.86 ? 58  LYS A C   1 
ATOM   461  O O   . LYS A 1 58 ? 4.355   -15.609 -5.876  1.00 35.97 ? 58  LYS A O   1 
ATOM   462  C CB  . LYS A 1 58 ? 3.053   -15.508 -3.105  1.00 35.23 ? 58  LYS A CB  1 
ATOM   463  C CG  . LYS A 1 58 ? 3.736   -16.460 -2.120  1.00 36.38 ? 58  LYS A CG  1 
ATOM   464  C CD  . LYS A 1 58 ? 2.775   -17.510 -1.568  1.00 37.84 ? 58  LYS A CD  1 
ATOM   465  C CE  . LYS A 1 58 ? 2.511   -18.636 -2.564  1.00 37.81 ? 58  LYS A CE  1 
ATOM   466  N NZ  . LYS A 1 58 ? 1.727   -19.750 -1.954  1.00 38.50 ? 58  LYS A NZ  1 
ATOM   467  N N   . LYS A 1 59 ? 6.151   -15.366 -4.540  1.00 36.94 ? 59  LYS A N   1 
ATOM   468  C CA  . LYS A 1 59 ? 7.037   -16.150 -5.403  1.00 38.43 ? 59  LYS A CA  1 
ATOM   469  C C   . LYS A 1 59 ? 6.567   -17.602 -5.417  1.00 39.24 ? 59  LYS A C   1 
ATOM   470  O O   . LYS A 1 59 ? 6.238   -18.164 -4.371  1.00 39.28 ? 59  LYS A O   1 
ATOM   471  C CB  . LYS A 1 59 ? 8.491   -16.084 -4.923  1.00 38.32 ? 59  LYS A CB  1 
ATOM   472  C CG  . LYS A 1 59 ? 9.196   -14.751 -5.123  1.00 39.59 ? 59  LYS A CG  1 
ATOM   473  C CD  . LYS A 1 59 ? 10.687  -14.889 -4.792  1.00 41.29 ? 59  LYS A CD  1 
ATOM   474  C CE  . LYS A 1 59 ? 11.359  -13.541 -4.577  1.00 42.25 ? 59  LYS A CE  1 
ATOM   475  N NZ  . LYS A 1 59 ? 12.788  -13.682 -4.151  1.00 43.46 ? 59  LYS A NZ  1 
ATOM   476  N N   . LEU A 1 60 ? 6.530   -18.201 -6.602  1.00 40.43 ? 60  LEU A N   1 
ATOM   477  C CA  . LEU A 1 60 ? 6.060   -19.574 -6.755  1.00 41.80 ? 60  LEU A CA  1 
ATOM   478  C C   . LEU A 1 60 ? 7.216   -20.577 -6.728  1.00 42.83 ? 60  LEU A C   1 
ATOM   479  O O   . LEU A 1 60 ? 7.539   -21.205 -7.740  1.00 43.20 ? 60  LEU A O   1 
ATOM   480  C CB  . LEU A 1 60 ? 5.209   -19.716 -8.025  1.00 41.62 ? 60  LEU A CB  1 
ATOM   481  C CG  . LEU A 1 60 ? 3.890   -18.930 -8.028  1.00 41.63 ? 60  LEU A CG  1 
ATOM   482  C CD1 . LEU A 1 60 ? 3.282   -18.866 -9.423  1.00 41.56 ? 60  LEU A CD1 1 
ATOM   483  C CD2 . LEU A 1 60 ? 2.894   -19.513 -7.033  1.00 42.19 ? 60  LEU A CD2 1 
ATOM   484  N N   . ASP A 1 61 ? 7.832   -20.708 -5.554  1.00 44.05 ? 61  ASP A N   1 
ATOM   485  C CA  . ASP A 1 61 ? 8.913   -21.668 -5.319  1.00 45.17 ? 61  ASP A CA  1 
ATOM   486  C C   . ASP A 1 61 ? 8.423   -22.869 -4.505  1.00 45.66 ? 61  ASP A C   1 
ATOM   487  O O   . ASP A 1 61 ? 7.649   -22.697 -3.558  1.00 45.81 ? 61  ASP A O   1 
ATOM   488  C CB  . ASP A 1 61 ? 10.087  -20.993 -4.598  1.00 45.34 ? 61  ASP A CB  1 
ATOM   489  C CG  . ASP A 1 61 ? 10.934  -20.129 -5.519  1.00 46.28 ? 61  ASP A CG  1 
ATOM   490  O OD1 . ASP A 1 61 ? 11.842  -19.439 -5.005  1.00 47.48 ? 61  ASP A OD1 1 
ATOM   491  O OD2 . ASP A 1 61 ? 10.706  -20.133 -6.752  1.00 47.33 ? 61  ASP A OD2 1 
ATOM   492  N N   . PRO A 1 62 ? 8.872   -24.089 -4.868  1.00 46.04 ? 62  PRO A N   1 
ATOM   493  C CA  . PRO A 1 62 ? 8.454   -25.313 -4.171  1.00 46.20 ? 62  PRO A CA  1 
ATOM   494  C C   . PRO A 1 62 ? 8.981   -25.396 -2.737  1.00 46.29 ? 62  PRO A C   1 
ATOM   495  O O   . PRO A 1 62 ? 10.021  -24.813 -2.428  1.00 46.39 ? 62  PRO A O   1 
ATOM   496  C CB  . PRO A 1 62 ? 9.063   -26.431 -5.025  1.00 46.18 ? 62  PRO A CB  1 
ATOM   497  C CG  . PRO A 1 62 ? 10.215  -25.793 -5.721  1.00 46.31 ? 62  PRO A CG  1 
ATOM   498  C CD  . PRO A 1 62 ? 9.774   -24.388 -5.998  1.00 46.06 ? 62  PRO A CD  1 
ATOM   499  N N   . LYS B 1 5  ? -0.192  12.594  24.558  1.00 39.51 ? 5   LYS B N   1 
ATOM   500  C CA  . LYS B 1 5  ? -0.931  12.543  23.258  1.00 39.41 ? 5   LYS B CA  1 
ATOM   501  C C   . LYS B 1 5  ? 0.045   12.487  22.080  1.00 38.66 ? 5   LYS B C   1 
ATOM   502  O O   . LYS B 1 5  ? 0.657   13.499  21.717  1.00 39.01 ? 5   LYS B O   1 
ATOM   503  C CB  . LYS B 1 5  ? -1.873  13.748  23.132  1.00 39.77 ? 5   LYS B CB  1 
ATOM   504  C CG  . LYS B 1 5  ? -2.922  13.627  22.029  1.00 40.72 ? 5   LYS B CG  1 
ATOM   505  C CD  . LYS B 1 5  ? -3.839  14.853  21.967  1.00 42.22 ? 5   LYS B CD  1 
ATOM   506  C CE  . LYS B 1 5  ? -3.327  15.927  21.004  1.00 42.96 ? 5   LYS B CE  1 
ATOM   507  N NZ  . LYS B 1 5  ? -2.165  16.707  21.531  1.00 43.86 ? 5   LYS B NZ  1 
ATOM   508  N N   . GLU B 1 6  ? 0.176   11.290  21.502  1.00 37.90 ? 6   GLU B N   1 
ATOM   509  C CA  A GLU B 1 6  ? 1.081   11.054  20.376  0.49 37.27 ? 6   GLU B CA  1 
ATOM   510  C CA  B GLU B 1 6  ? 1.082   11.051  20.380  0.51 37.31 ? 6   GLU B CA  1 
ATOM   511  C C   . GLU B 1 6  ? 0.453   11.499  19.062  1.00 36.75 ? 6   GLU B C   1 
ATOM   512  O O   . GLU B 1 6  ? -0.717  11.218  18.800  1.00 36.68 ? 6   GLU B O   1 
ATOM   513  C CB  A GLU B 1 6  ? 1.474   9.577   20.282  0.49 37.38 ? 6   GLU B CB  1 
ATOM   514  C CB  B GLU B 1 6  ? 1.473   9.573   20.306  0.51 37.45 ? 6   GLU B CB  1 
ATOM   515  C CG  A GLU B 1 6  ? 2.554   9.138   21.257  0.49 37.79 ? 6   GLU B CG  1 
ATOM   516  C CG  B GLU B 1 6  ? 2.281   9.057   21.502  0.51 38.05 ? 6   GLU B CG  1 
ATOM   517  C CD  A GLU B 1 6  ? 3.191   7.818   20.858  0.49 38.04 ? 6   GLU B CD  1 
ATOM   518  C CD  B GLU B 1 6  ? 1.420   8.525   22.646  0.51 38.62 ? 6   GLU B CD  1 
ATOM   519  O OE1 A GLU B 1 6  ? 3.096   6.847   21.638  0.49 38.58 ? 6   GLU B OE1 1 
ATOM   520  O OE1 B GLU B 1 6  ? 0.202   8.808   22.689  0.51 38.91 ? 6   GLU B OE1 1 
ATOM   521  O OE2 A GLU B 1 6  ? 3.781   7.749   19.759  0.49 38.31 ? 6   GLU B OE2 1 
ATOM   522  O OE2 B GLU B 1 6  ? 1.970   7.812   23.512  0.51 39.08 ? 6   GLU B OE2 1 
ATOM   523  N N   . LEU B 1 7  ? 1.243   12.183  18.242  1.00 35.90 ? 7   LEU B N   1 
ATOM   524  C CA  . LEU B 1 7  ? 0.771   12.723  16.973  1.00 34.75 ? 7   LEU B CA  1 
ATOM   525  C C   . LEU B 1 7  ? 1.560   12.160  15.800  1.00 34.06 ? 7   LEU B C   1 
ATOM   526  O O   . LEU B 1 7  ? 2.745   11.849  15.929  1.00 33.79 ? 7   LEU B O   1 
ATOM   527  C CB  . LEU B 1 7  ? 0.866   14.252  16.970  1.00 34.82 ? 7   LEU B CB  1 
ATOM   528  C CG  . LEU B 1 7  ? 0.066   15.074  17.989  1.00 34.78 ? 7   LEU B CG  1 
ATOM   529  C CD1 . LEU B 1 7  ? 0.454   16.538  17.872  1.00 35.21 ? 7   LEU B CD1 1 
ATOM   530  C CD2 . LEU B 1 7  ? -1.434  14.903  17.806  1.00 34.74 ? 7   LEU B CD2 1 
ATOM   531  N N   . VAL B 1 8  ? 0.884   12.017  14.664  1.00 33.36 ? 8   VAL B N   1 
ATOM   532  C CA  . VAL B 1 8  ? 1.528   11.606  13.413  1.00 32.61 ? 8   VAL B CA  1 
ATOM   533  C C   . VAL B 1 8  ? 1.247   12.622  12.306  1.00 32.42 ? 8   VAL B C   1 
ATOM   534  O O   . VAL B 1 8  ? 0.221   13.304  12.323  1.00 32.36 ? 8   VAL B O   1 
ATOM   535  C CB  . VAL B 1 8  ? 1.096   10.184  12.942  1.00 32.34 ? 8   VAL B CB  1 
ATOM   536  C CG1 . VAL B 1 8  ? 1.700   9.106   13.834  1.00 32.46 ? 8   VAL B CG1 1 
ATOM   537  C CG2 . VAL B 1 8  ? -0.428  10.054  12.866  1.00 32.37 ? 8   VAL B CG2 1 
ATOM   538  N N   . LEU B 1 9  ? 2.167   12.714  11.353  1.00 32.23 ? 9   LEU B N   1 
ATOM   539  C CA  . LEU B 1 9  ? 2.008   13.601  10.207  1.00 32.58 ? 9   LEU B CA  1 
ATOM   540  C C   . LEU B 1 9  ? 1.767   12.793  8.939   1.00 32.61 ? 9   LEU B C   1 
ATOM   541  O O   . LEU B 1 9  ? 2.490   11.839  8.661   1.00 32.56 ? 9   LEU B O   1 
ATOM   542  C CB  . LEU B 1 9  ? 3.248   14.486  10.034  1.00 32.55 ? 9   LEU B CB  1 
ATOM   543  C CG  . LEU B 1 9  ? 3.374   15.279  8.726   1.00 33.02 ? 9   LEU B CG  1 
ATOM   544  C CD1 . LEU B 1 9  ? 2.489   16.517  8.743   1.00 33.29 ? 9   LEU B CD1 1 
ATOM   545  C CD2 . LEU B 1 9  ? 4.823   15.661  8.475   1.00 33.76 ? 9   LEU B CD2 1 
ATOM   546  N N   . ALA B 1 10 ? 0.748   13.184  8.178   1.00 33.02 ? 10  ALA B N   1 
ATOM   547  C CA  . ALA B 1 10 ? 0.454   12.547  6.899   1.00 33.43 ? 10  ALA B CA  1 
ATOM   548  C C   . ALA B 1 10 ? 1.487   12.959  5.854   1.00 33.85 ? 10  ALA B C   1 
ATOM   549  O O   . ALA B 1 10 ? 1.590   14.134  5.489   1.00 34.01 ? 10  ALA B O   1 
ATOM   550  C CB  . ALA B 1 10 ? -0.955  12.891  6.438   1.00 33.20 ? 10  ALA B CB  1 
ATOM   551  N N   . LEU B 1 11 ? 2.259   11.980  5.392   1.00 34.39 ? 11  LEU B N   1 
ATOM   552  C CA  . LEU B 1 11 ? 3.328   12.220  4.427   1.00 35.01 ? 11  LEU B CA  1 
ATOM   553  C C   . LEU B 1 11 ? 2.810   12.233  2.990   1.00 35.20 ? 11  LEU B C   1 
ATOM   554  O O   . LEU B 1 11 ? 3.458   12.785  2.094   1.00 35.50 ? 11  LEU B O   1 
ATOM   555  C CB  . LEU B 1 11 ? 4.433   11.168  4.578   1.00 35.08 ? 11  LEU B CB  1 
ATOM   556  C CG  . LEU B 1 11 ? 5.219   11.084  5.893   1.00 35.38 ? 11  LEU B CG  1 
ATOM   557  C CD1 . LEU B 1 11 ? 6.121   9.863   5.884   1.00 36.03 ? 11  LEU B CD1 1 
ATOM   558  C CD2 . LEU B 1 11 ? 6.031   12.355  6.157   1.00 35.53 ? 11  LEU B CD2 1 
ATOM   559  N N   . TYR B 1 12 ? 1.653   11.607  2.777   1.00 35.45 ? 12  TYR B N   1 
ATOM   560  C CA  . TYR B 1 12 ? 1.038   11.496  1.455   1.00 35.57 ? 12  TYR B CA  1 
ATOM   561  C C   . TYR B 1 12 ? -0.477  11.508  1.605   1.00 35.28 ? 12  TYR B C   1 
ATOM   562  O O   . TYR B 1 12 ? -1.000  11.257  2.698   1.00 35.44 ? 12  TYR B O   1 
ATOM   563  C CB  . TYR B 1 12 ? 1.461   10.191  0.762   1.00 35.78 ? 12  TYR B CB  1 
ATOM   564  C CG  . TYR B 1 12 ? 2.958   9.954   0.702   1.00 37.31 ? 12  TYR B CG  1 
ATOM   565  C CD1 . TYR B 1 12 ? 3.725   10.464  -0.348  1.00 38.44 ? 12  TYR B CD1 1 
ATOM   566  C CD2 . TYR B 1 12 ? 3.606   9.218   1.695   1.00 37.89 ? 12  TYR B CD2 1 
ATOM   567  C CE1 . TYR B 1 12 ? 5.104   10.250  -0.403  1.00 39.63 ? 12  TYR B CE1 1 
ATOM   568  C CE2 . TYR B 1 12 ? 4.985   9.000   1.650   1.00 39.55 ? 12  TYR B CE2 1 
ATOM   569  C CZ  . TYR B 1 12 ? 5.724   9.516   0.599   1.00 39.93 ? 12  TYR B CZ  1 
ATOM   570  O OH  . TYR B 1 12 ? 7.085   9.298   0.554   1.00 41.51 ? 12  TYR B OH  1 
ATOM   571  N N   . ASP B 1 13 ? -1.180  11.809  0.515   1.00 34.79 ? 13  ASP B N   1 
ATOM   572  C CA  . ASP B 1 13 ? -2.631  11.648  0.464   1.00 34.32 ? 13  ASP B CA  1 
ATOM   573  C C   . ASP B 1 13 ? -2.990  10.168  0.587   1.00 33.63 ? 13  ASP B C   1 
ATOM   574  O O   . ASP B 1 13 ? -2.249  9.309   0.107   1.00 33.27 ? 13  ASP B O   1 
ATOM   575  C CB  . ASP B 1 13 ? -3.190  12.179  -0.861  1.00 34.66 ? 13  ASP B CB  1 
ATOM   576  C CG  . ASP B 1 13 ? -2.970  13.670  -1.048  1.00 35.72 ? 13  ASP B CG  1 
ATOM   577  O OD1 . ASP B 1 13 ? -2.534  14.357  -0.097  1.00 36.17 ? 13  ASP B OD1 1 
ATOM   578  O OD2 . ASP B 1 13 ? -3.244  14.160  -2.164  1.00 37.21 ? 13  ASP B OD2 1 
ATOM   579  N N   . TYR B 1 14 ? -4.114  9.880   1.240   1.00 32.96 ? 14  TYR B N   1 
ATOM   580  C CA  . TYR B 1 14 ? -4.666  8.520   1.260   1.00 32.30 ? 14  TYR B CA  1 
ATOM   581  C C   . TYR B 1 14 ? -6.191  8.500   1.242   1.00 32.44 ? 14  TYR B C   1 
ATOM   582  O O   . TYR B 1 14 ? -6.826  9.135   2.078   1.00 32.48 ? 14  TYR B O   1 
ATOM   583  C CB  . TYR B 1 14 ? -4.166  7.717   2.468   1.00 32.16 ? 14  TYR B CB  1 
ATOM   584  C CG  . TYR B 1 14 ? -4.636  6.281   2.420   1.00 30.72 ? 14  TYR B CG  1 
ATOM   585  C CD1 . TYR B 1 14 ? -4.052  5.374   1.536   1.00 29.99 ? 14  TYR B CD1 1 
ATOM   586  C CD2 . TYR B 1 14 ? -5.679  5.833   3.231   1.00 29.56 ? 14  TYR B CD2 1 
ATOM   587  C CE1 . TYR B 1 14 ? -4.480  4.060   1.468   1.00 30.21 ? 14  TYR B CE1 1 
ATOM   588  C CE2 . TYR B 1 14 ? -6.121  4.510   3.171   1.00 29.41 ? 14  TYR B CE2 1 
ATOM   589  C CZ  . TYR B 1 14 ? -5.514  3.631   2.282   1.00 29.84 ? 14  TYR B CZ  1 
ATOM   590  O OH  . TYR B 1 14 ? -5.921  2.321   2.196   1.00 30.58 ? 14  TYR B OH  1 
ATOM   591  N N   . GLN B 1 15 ? -6.761  7.747   0.301   1.00 32.54 ? 15  GLN B N   1 
ATOM   592  C CA  A GLN B 1 15 ? -8.210  7.585   0.208   0.59 32.77 ? 15  GLN B CA  1 
ATOM   593  C CA  B GLN B 1 15 ? -8.211  7.579   0.202   0.41 32.63 ? 15  GLN B CA  1 
ATOM   594  C C   . GLN B 1 15 ? -8.650  6.226   0.748   1.00 32.63 ? 15  GLN B C   1 
ATOM   595  O O   . GLN B 1 15 ? -8.135  5.187   0.323   1.00 32.73 ? 15  GLN B O   1 
ATOM   596  C CB  A GLN B 1 15 ? -8.683  7.759   -1.240  0.59 32.87 ? 15  GLN B CB  1 
ATOM   597  C CB  B GLN B 1 15 ? -8.681  7.732   -1.249  0.41 32.65 ? 15  GLN B CB  1 
ATOM   598  C CG  A GLN B 1 15 ? -10.203 7.862   -1.410  0.59 33.77 ? 15  GLN B CG  1 
ATOM   599  C CG  B GLN B 1 15 ? -9.294  9.086   -1.578  0.41 32.91 ? 15  GLN B CG  1 
ATOM   600  C CD  A GLN B 1 15 ? -10.798 9.103   -0.757  0.59 34.86 ? 15  GLN B CD  1 
ATOM   601  C CD  B GLN B 1 15 ? -8.282  10.212  -1.567  0.41 33.14 ? 15  GLN B CD  1 
ATOM   602  O OE1 A GLN B 1 15 ? -11.715 9.007   0.059   0.59 35.81 ? 15  GLN B OE1 1 
ATOM   603  O OE1 B GLN B 1 15 ? -8.591  11.331  -1.164  0.41 33.19 ? 15  GLN B OE1 1 
ATOM   604  N NE2 A GLN B 1 15 ? -10.274 10.274  -1.113  0.59 35.60 ? 15  GLN B NE2 1 
ATOM   605  N NE2 B GLN B 1 15 ? -7.065  9.921   -2.013  0.41 33.54 ? 15  GLN B NE2 1 
ATOM   606  N N   . GLU B 1 16 ? -9.604  6.251   1.683   1.00 32.56 ? 16  GLU B N   1 
ATOM   607  C CA  A GLU B 1 16 ? -10.174 5.039   2.278   0.50 32.50 ? 16  GLU B CA  1 
ATOM   608  C CA  B GLU B 1 16 ? -10.159 5.032   2.275   0.50 32.58 ? 16  GLU B CA  1 
ATOM   609  C C   . GLU B 1 16 ? -10.640 4.040   1.213   1.00 32.50 ? 16  GLU B C   1 
ATOM   610  O O   . GLU B 1 16 ? -11.243 4.430   0.209   1.00 32.55 ? 16  GLU B O   1 
ATOM   611  C CB  A GLU B 1 16 ? -11.336 5.406   3.215   0.50 32.43 ? 16  GLU B CB  1 
ATOM   612  C CB  B GLU B 1 16 ? -11.277 5.361   3.285   0.50 32.56 ? 16  GLU B CB  1 
ATOM   613  C CG  A GLU B 1 16 ? -12.563 5.981   2.506   0.50 32.62 ? 16  GLU B CG  1 
ATOM   614  C CG  B GLU B 1 16 ? -12.484 6.120   2.726   0.50 33.13 ? 16  GLU B CG  1 
ATOM   615  C CD  A GLU B 1 16 ? -13.369 6.914   3.380   0.50 32.72 ? 16  GLU B CD  1 
ATOM   616  C CD  B GLU B 1 16 ? -13.564 5.198   2.194   0.50 33.99 ? 16  GLU B CD  1 
ATOM   617  O OE1 A GLU B 1 16 ? -12.779 7.852   3.951   0.50 32.99 ? 16  GLU B OE1 1 
ATOM   618  O OE1 B GLU B 1 16 ? -14.425 5.669   1.418   0.50 34.92 ? 16  GLU B OE1 1 
ATOM   619  O OE2 A GLU B 1 16 ? -14.597 6.719   3.479   0.50 32.79 ? 16  GLU B OE2 1 
ATOM   620  O OE2 B GLU B 1 16 ? -13.554 4.002   2.550   0.50 33.50 ? 16  GLU B OE2 1 
ATOM   621  N N   . LYS B 1 17 ? -10.355 2.759   1.436   1.00 32.37 ? 17  LYS B N   1 
ATOM   622  C CA  . LYS B 1 17 ? -10.787 1.691   0.518   1.00 32.39 ? 17  LYS B CA  1 
ATOM   623  C C   . LYS B 1 17 ? -11.511 0.523   1.205   1.00 31.69 ? 17  LYS B C   1 
ATOM   624  O O   . LYS B 1 17 ? -11.893 -0.456  0.553   1.00 31.98 ? 17  LYS B O   1 
ATOM   625  C CB  . LYS B 1 17 ? -9.636  1.204   -0.386  1.00 32.55 ? 17  LYS B CB  1 
ATOM   626  C CG  . LYS B 1 17 ? -8.240  1.727   -0.037  1.00 33.99 ? 17  LYS B CG  1 
ATOM   627  C CD  . LYS B 1 17 ? -7.277  1.617   -1.222  1.00 34.32 ? 17  LYS B CD  1 
ATOM   628  C CE  . LYS B 1 17 ? -7.342  2.842   -2.154  1.00 34.38 ? 17  LYS B CE  1 
ATOM   629  N NZ  . LYS B 1 17 ? -6.584  4.027   -1.638  1.00 33.30 ? 17  LYS B NZ  1 
ATOM   630  N N   . SER B 1 18 ? -11.691 0.630   2.520   1.00 31.05 ? 18  SER B N   1 
ATOM   631  C CA  . SER B 1 18 ? -12.475 -0.333  3.285   1.00 30.22 ? 18  SER B CA  1 
ATOM   632  C C   . SER B 1 18 ? -13.140 0.391   4.458   1.00 29.13 ? 18  SER B C   1 
ATOM   633  O O   . SER B 1 18 ? -12.705 1.481   4.824   1.00 28.58 ? 18  SER B O   1 
ATOM   634  C CB  . SER B 1 18 ? -11.610 -1.505  3.764   1.00 30.30 ? 18  SER B CB  1 
ATOM   635  O OG  . SER B 1 18 ? -10.787 -1.145  4.851   1.00 31.58 ? 18  SER B OG  1 
ATOM   636  N N   . PRO B 1 19 ? -14.200 -0.201  5.037   1.00 29.05 ? 19  PRO B N   1 
ATOM   637  C CA  . PRO B 1 19 ? -14.987 0.518   6.045   1.00 28.36 ? 19  PRO B CA  1 
ATOM   638  C C   . PRO B 1 19 ? -14.231 1.050   7.268   1.00 28.35 ? 19  PRO B C   1 
ATOM   639  O O   . PRO B 1 19 ? -14.686 2.017   7.877   1.00 27.77 ? 19  PRO B O   1 
ATOM   640  C CB  . PRO B 1 19 ? -16.039 -0.514  6.457   1.00 28.98 ? 19  PRO B CB  1 
ATOM   641  C CG  . PRO B 1 19 ? -16.243 -1.315  5.224   1.00 28.85 ? 19  PRO B CG  1 
ATOM   642  C CD  . PRO B 1 19 ? -14.858 -1.464  4.651   1.00 28.84 ? 19  PRO B CD  1 
ATOM   643  N N   . ARG B 1 20 ? -13.099 0.435   7.621   1.00 27.89 ? 20  ARG B N   1 
ATOM   644  C CA  . ARG B 1 20 ? -12.354 0.846   8.817   1.00 28.21 ? 20  ARG B CA  1 
ATOM   645  C C   . ARG B 1 20 ? -11.270 1.874   8.509   1.00 27.56 ? 20  ARG B C   1 
ATOM   646  O O   . ARG B 1 20 ? -10.487 2.237   9.380   1.00 27.00 ? 20  ARG B O   1 
ATOM   647  C CB  . ARG B 1 20 ? -11.732 -0.369  9.531   1.00 28.46 ? 20  ARG B CB  1 
ATOM   648  C CG  . ARG B 1 20 ? -12.725 -1.376  10.130  1.00 31.48 ? 20  ARG B CG  1 
ATOM   649  C CD  . ARG B 1 20 ? -13.794 -0.731  11.023  1.00 35.04 ? 20  ARG B CD  1 
ATOM   650  N NE  . ARG B 1 20 ? -13.255 0.240   11.976  1.00 38.21 ? 20  ARG B NE  1 
ATOM   651  C CZ  . ARG B 1 20 ? -13.996 1.067   12.710  1.00 39.56 ? 20  ARG B CZ  1 
ATOM   652  N NH1 . ARG B 1 20 ? -13.405 1.914   13.546  1.00 40.36 ? 20  ARG B NH1 1 
ATOM   653  N NH2 . ARG B 1 20 ? -15.325 1.053   12.612  1.00 38.80 ? 20  ARG B NH2 1 
ATOM   654  N N   . GLU B 1 21 ? -11.221 2.344   7.269   1.00 27.18 ? 21  GLU B N   1 
ATOM   655  C CA  . GLU B 1 21 ? -10.129 3.213   6.862   1.00 27.21 ? 21  GLU B CA  1 
ATOM   656  C C   . GLU B 1 21 ? -10.473 4.697   6.923   1.00 27.28 ? 21  GLU B C   1 
ATOM   657  O O   . GLU B 1 21 ? -11.629 5.084   6.763   1.00 26.89 ? 21  GLU B O   1 
ATOM   658  C CB  . GLU B 1 21 ? -9.612  2.806   5.482   1.00 27.25 ? 21  GLU B CB  1 
ATOM   659  C CG  . GLU B 1 21 ? -8.896  1.470   5.486   1.00 27.59 ? 21  GLU B CG  1 
ATOM   660  C CD  . GLU B 1 21 ? -8.449  1.040   4.103   1.00 26.82 ? 21  GLU B CD  1 
ATOM   661  O OE1 . GLU B 1 21 ? -8.120  1.923   3.290   1.00 27.29 ? 21  GLU B OE1 1 
ATOM   662  O OE2 . GLU B 1 21 ? -8.418  -0.180  3.843   1.00 27.88 ? 21  GLU B OE2 1 
ATOM   663  N N   . VAL B 1 22 ? -9.458  5.514   7.179   1.00 27.44 ? 22  VAL B N   1 
ATOM   664  C CA  . VAL B 1 22 ? -9.608  6.965   7.262   1.00 28.22 ? 22  VAL B CA  1 
ATOM   665  C C   . VAL B 1 22 ? -8.970  7.619   6.035   1.00 28.37 ? 22  VAL B C   1 
ATOM   666  O O   . VAL B 1 22 ? -7.880  7.235   5.611   1.00 27.99 ? 22  VAL B O   1 
ATOM   667  C CB  . VAL B 1 22 ? -9.008  7.508   8.591   1.00 28.31 ? 22  VAL B CB  1 
ATOM   668  C CG1 . VAL B 1 22 ? -8.713  9.000   8.518   1.00 28.76 ? 22  VAL B CG1 1 
ATOM   669  C CG2 . VAL B 1 22 ? -9.951  7.206   9.761   1.00 29.01 ? 22  VAL B CG2 1 
ATOM   670  N N   . THR B 1 23 ? -9.667  8.589   5.451   1.00 28.76 ? 23  THR B N   1 
ATOM   671  C CA  . THR B 1 23 ? -9.086  9.405   4.397   1.00 29.81 ? 23  THR B CA  1 
ATOM   672  C C   . THR B 1 23 ? -8.311  10.560  5.025   1.00 30.33 ? 23  THR B C   1 
ATOM   673  O O   . THR B 1 23 ? -8.764  11.152  6.010   1.00 30.58 ? 23  THR B O   1 
ATOM   674  C CB  . THR B 1 23 ? -10.175 9.937   3.431   1.00 29.54 ? 23  THR B CB  1 
ATOM   675  O OG1 . THR B 1 23 ? -10.697 8.846   2.658   1.00 29.62 ? 23  THR B OG1 1 
ATOM   676  C CG2 . THR B 1 23 ? -9.617  10.995  2.480   1.00 30.44 ? 23  THR B CG2 1 
ATOM   677  N N   . MET B 1 24 ? -7.143  10.860  4.462   1.00 31.31 ? 24  MET B N   1 
ATOM   678  C CA  . MET B 1 24 ? -6.338  12.013  4.886   1.00 32.43 ? 24  MET B CA  1 
ATOM   679  C C   . MET B 1 24 ? -5.656  12.734  3.711   1.00 33.30 ? 24  MET B C   1 
ATOM   680  O O   . MET B 1 24 ? -5.617  12.223  2.587   1.00 33.39 ? 24  MET B O   1 
ATOM   681  C CB  . MET B 1 24 ? -5.318  11.608  5.964   1.00 32.31 ? 24  MET B CB  1 
ATOM   682  C CG  . MET B 1 24 ? -4.250  10.621  5.498   1.00 31.85 ? 24  MET B CG  1 
ATOM   683  S SD  . MET B 1 24 ? -3.210  9.930   6.814   1.00 31.40 ? 24  MET B SD  1 
ATOM   684  C CE  . MET B 1 24 ? -2.130  8.938   5.794   1.00 31.67 ? 24  MET B CE  1 
ATOM   685  N N   . LYS B 1 25 ? -5.135  13.928  3.990   1.00 34.34 ? 25  LYS B N   1 
ATOM   686  C CA  . LYS B 1 25 ? -4.391  14.723  3.015   1.00 35.28 ? 25  LYS B CA  1 
ATOM   687  C C   . LYS B 1 25 ? -2.956  14.930  3.479   1.00 35.51 ? 25  LYS B C   1 
ATOM   688  O O   . LYS B 1 25 ? -2.703  15.018  4.678   1.00 35.49 ? 25  LYS B O   1 
ATOM   689  C CB  . LYS B 1 25 ? -5.068  16.083  2.807   1.00 35.60 ? 25  LYS B CB  1 
ATOM   690  C CG  . LYS B 1 25 ? -6.426  16.013  2.114   1.00 36.64 ? 25  LYS B CG  1 
ATOM   691  C CD  . LYS B 1 25 ? -6.285  15.566  0.660   1.00 38.71 ? 25  LYS B CD  1 
ATOM   692  C CE  . LYS B 1 25 ? -7.635  15.485  -0.038  1.00 39.53 ? 25  LYS B CE  1 
ATOM   693  N NZ  . LYS B 1 25 ? -7.472  15.185  -1.490  1.00 40.82 ? 25  LYS B NZ  1 
ATOM   694  N N   . LYS B 1 26 ? -2.025  15.010  2.530   1.00 36.06 ? 26  LYS B N   1 
ATOM   695  C CA  . LYS B 1 26 ? -0.620  15.284  2.840   1.00 36.56 ? 26  LYS B CA  1 
ATOM   696  C C   . LYS B 1 26 ? -0.501  16.575  3.641   1.00 36.53 ? 26  LYS B C   1 
ATOM   697  O O   . LYS B 1 26 ? -0.983  17.625  3.211   1.00 36.77 ? 26  LYS B O   1 
ATOM   698  C CB  . LYS B 1 26 ? 0.220   15.378  1.562   1.00 37.00 ? 26  LYS B CB  1 
ATOM   699  C CG  . LYS B 1 26 ? 1.716   15.532  1.815   1.00 37.85 ? 26  LYS B CG  1 
ATOM   700  C CD  . LYS B 1 26 ? 2.498   15.686  0.518   1.00 39.30 ? 26  LYS B CD  1 
ATOM   701  C CE  . LYS B 1 26 ? 3.928   16.147  0.769   1.00 40.77 ? 26  LYS B CE  1 
ATOM   702  N NZ  . LYS B 1 26 ? 4.793   15.062  1.316   1.00 41.82 ? 26  LYS B NZ  1 
ATOM   703  N N   . GLY B 1 27 ? 0.122   16.486  4.813   1.00 36.38 ? 27  GLY B N   1 
ATOM   704  C CA  . GLY B 1 27 ? 0.262   17.640  5.698   1.00 35.94 ? 27  GLY B CA  1 
ATOM   705  C C   . GLY B 1 27 ? -0.605  17.564  6.942   1.00 35.60 ? 27  GLY B C   1 
ATOM   706  O O   . GLY B 1 27 ? -0.322  18.239  7.933   1.00 36.04 ? 27  GLY B O   1 
ATOM   707  N N   . ASP B 1 28 ? -1.650  16.735  6.896   1.00 35.25 ? 28  ASP B N   1 
ATOM   708  C CA  . ASP B 1 28 ? -2.567  16.551  8.024   1.00 34.59 ? 28  ASP B CA  1 
ATOM   709  C C   . ASP B 1 28 ? -1.850  16.076  9.285   1.00 34.15 ? 28  ASP B C   1 
ATOM   710  O O   . ASP B 1 28 ? -0.864  15.339  9.213   1.00 34.19 ? 28  ASP B O   1 
ATOM   711  C CB  . ASP B 1 28 ? -3.672  15.546  7.674   1.00 34.65 ? 28  ASP B CB  1 
ATOM   712  C CG  . ASP B 1 28 ? -4.725  16.119  6.740   1.00 35.33 ? 28  ASP B CG  1 
ATOM   713  O OD1 . ASP B 1 28 ? -4.664  17.323  6.407   1.00 35.29 ? 28  ASP B OD1 1 
ATOM   714  O OD2 . ASP B 1 28 ? -5.624  15.351  6.344   1.00 36.59 ? 28  ASP B OD2 1 
ATOM   715  N N   . ILE B 1 29 ? -2.353  16.512  10.435  1.00 33.75 ? 29  ILE B N   1 
ATOM   716  C CA  . ILE B 1 29 ? -1.858  16.038  11.722  1.00 33.20 ? 29  ILE B CA  1 
ATOM   717  C C   . ILE B 1 29 ? -2.953  15.206  12.379  1.00 32.72 ? 29  ILE B C   1 
ATOM   718  O O   . ILE B 1 29 ? -4.086  15.669  12.572  1.00 32.92 ? 29  ILE B O   1 
ATOM   719  C CB  . ILE B 1 29 ? -1.397  17.198  12.657  1.00 33.29 ? 29  ILE B CB  1 
ATOM   720  C CG1 . ILE B 1 29 ? -0.338  18.071  11.977  1.00 33.74 ? 29  ILE B CG1 1 
ATOM   721  C CG2 . ILE B 1 29 ? -0.827  16.647  13.958  1.00 33.23 ? 29  ILE B CG2 1 
ATOM   722  C CD1 . ILE B 1 29 ? -0.869  19.386  11.440  1.00 35.87 ? 29  ILE B CD1 1 
ATOM   723  N N   . LEU B 1 30 ? -2.615  13.962  12.701  1.00 31.99 ? 30  LEU B N   1 
ATOM   724  C CA  . LEU B 1 30 ? -3.574  13.031  13.276  1.00 31.09 ? 30  LEU B CA  1 
ATOM   725  C C   . LEU B 1 30 ? -3.083  12.559  14.639  1.00 30.53 ? 30  LEU B C   1 
ATOM   726  O O   . LEU B 1 30 ? -1.877  12.534  14.896  1.00 30.58 ? 30  LEU B O   1 
ATOM   727  C CB  . LEU B 1 30 ? -3.779  11.828  12.344  1.00 31.00 ? 30  LEU B CB  1 
ATOM   728  C CG  . LEU B 1 30 ? -4.070  12.033  10.845  1.00 31.24 ? 30  LEU B CG  1 
ATOM   729  C CD1 . LEU B 1 30 ? -2.813  12.336  10.040  1.00 31.52 ? 30  LEU B CD1 1 
ATOM   730  C CD2 . LEU B 1 30 ? -4.709  10.790  10.297  1.00 31.57 ? 30  LEU B CD2 1 
ATOM   731  N N   . THR B 1 31 ? -4.021  12.211  15.511  1.00 30.00 ? 31  THR B N   1 
ATOM   732  C CA  . THR B 1 31 ? -3.695  11.580  16.780  1.00 29.46 ? 31  THR B CA  1 
ATOM   733  C C   . THR B 1 31 ? -3.456  10.094  16.532  1.00 28.92 ? 31  THR B C   1 
ATOM   734  O O   . THR B 1 31 ? -4.281  9.423   15.909  1.00 28.80 ? 31  THR B O   1 
ATOM   735  C CB  . THR B 1 31 ? -4.831  11.758  17.812  1.00 29.66 ? 31  THR B CB  1 
ATOM   736  O OG1 . THR B 1 31 ? -5.138  13.152  17.964  1.00 30.32 ? 31  THR B OG1 1 
ATOM   737  C CG2 . THR B 1 31 ? -4.424  11.189  19.168  1.00 30.65 ? 31  THR B CG2 1 
ATOM   738  N N   . LEU B 1 32 ? -2.324  9.590   17.018  1.00 28.02 ? 32  LEU B N   1 
ATOM   739  C CA  . LEU B 1 32 ? -2.020  8.163   16.932  1.00 27.46 ? 32  LEU B CA  1 
ATOM   740  C C   . LEU B 1 32 ? -2.700  7.405   18.066  1.00 27.53 ? 32  LEU B C   1 
ATOM   741  O O   . LEU B 1 32 ? -2.582  7.781   19.240  1.00 27.42 ? 32  LEU B O   1 
ATOM   742  C CB  . LEU B 1 32 ? -0.502  7.937   16.957  1.00 26.98 ? 32  LEU B CB  1 
ATOM   743  C CG  . LEU B 1 32 ? -0.032  6.482   16.827  1.00 27.36 ? 32  LEU B CG  1 
ATOM   744  C CD1 . LEU B 1 32 ? -0.396  5.892   15.444  1.00 27.06 ? 32  LEU B CD1 1 
ATOM   745  C CD2 . LEU B 1 32 ? 1.469   6.386   17.078  1.00 27.22 ? 32  LEU B CD2 1 
ATOM   746  N N   . LEU B 1 33 ? -3.428  6.351   17.708  1.00 27.41 ? 33  LEU B N   1 
ATOM   747  C CA  . LEU B 1 33 ? -4.138  5.539   18.691  1.00 27.91 ? 33  LEU B CA  1 
ATOM   748  C C   . LEU B 1 33 ? -3.494  4.176   18.870  1.00 27.76 ? 33  LEU B C   1 
ATOM   749  O O   . LEU B 1 33 ? -3.553  3.603   19.960  1.00 27.96 ? 33  LEU B O   1 
ATOM   750  C CB  . LEU B 1 33 ? -5.607  5.365   18.303  1.00 28.26 ? 33  LEU B CB  1 
ATOM   751  C CG  . LEU B 1 33 ? -6.431  6.647   18.171  1.00 28.29 ? 33  LEU B CG  1 
ATOM   752  C CD1 . LEU B 1 33 ? -7.844  6.311   17.722  1.00 30.27 ? 33  LEU B CD1 1 
ATOM   753  C CD2 . LEU B 1 33 ? -6.436  7.434   19.484  1.00 29.68 ? 33  LEU B CD2 1 
ATOM   754  N N   . ASN B 1 34 ? -2.906  3.648   17.795  1.00 27.37 ? 34  ASN B N   1 
ATOM   755  C CA  . ASN B 1 34 ? -2.242  2.351   17.851  1.00 27.09 ? 34  ASN B CA  1 
ATOM   756  C C   . ASN B 1 34 ? -1.311  2.078   16.677  1.00 26.81 ? 34  ASN B C   1 
ATOM   757  O O   . ASN B 1 34 ? -1.713  2.204   15.521  1.00 27.00 ? 34  ASN B O   1 
ATOM   758  C CB  . ASN B 1 34 ? -3.265  1.226   17.977  1.00 27.03 ? 34  ASN B CB  1 
ATOM   759  C CG  . ASN B 1 34 ? -2.672  -0.002  18.589  1.00 27.65 ? 34  ASN B CG  1 
ATOM   760  O OD1 . ASN B 1 34 ? -2.071  -0.819  17.896  1.00 27.52 ? 34  ASN B OD1 1 
ATOM   761  N ND2 . ASN B 1 34 ? -2.806  -0.132  19.911  1.00 28.23 ? 34  ASN B ND2 1 
ATOM   762  N N   . SER B 1 35 ? -0.081  1.681   16.999  1.00 26.27 ? 35  SER B N   1 
ATOM   763  C CA  . SER B 1 35 ? 0.977   1.452   16.012  1.00 26.33 ? 35  SER B CA  1 
ATOM   764  C C   . SER B 1 35 ? 1.544   0.029   16.050  1.00 26.21 ? 35  SER B C   1 
ATOM   765  O O   . SER B 1 35 ? 2.626   -0.231  15.512  1.00 25.76 ? 35  SER B O   1 
ATOM   766  C CB  . SER B 1 35 ? 2.108   2.465   16.238  1.00 26.13 ? 35  SER B CB  1 
ATOM   767  O OG  . SER B 1 35 ? 2.544   2.430   17.593  1.00 27.30 ? 35  SER B OG  1 
ATOM   768  N N   . THR B 1 36 ? 0.812   -0.892  16.672  1.00 26.22 ? 36  THR B N   1 
ATOM   769  C CA  . THR B 1 36 ? 1.315   -2.258  16.873  1.00 26.66 ? 36  THR B CA  1 
ATOM   770  C C   . THR B 1 36 ? 1.279   -3.145  15.628  1.00 27.21 ? 36  THR B C   1 
ATOM   771  O O   . THR B 1 36 ? 2.046   -4.103  15.533  1.00 27.66 ? 36  THR B O   1 
ATOM   772  C CB  . THR B 1 36 ? 0.613   -2.983  18.033  1.00 26.50 ? 36  THR B CB  1 
ATOM   773  O OG1 . THR B 1 36 ? -0.773  -3.162  17.724  1.00 26.93 ? 36  THR B OG1 1 
ATOM   774  C CG2 . THR B 1 36 ? 0.761   -2.182  19.329  1.00 25.99 ? 36  THR B CG2 1 
ATOM   775  N N   . ASN B 1 37 ? 0.378   -2.845  14.689  1.00 27.33 ? 37  ASN B N   1 
ATOM   776  C CA  . ASN B 1 37 ? 0.366   -3.524  13.390  1.00 28.05 ? 37  ASN B CA  1 
ATOM   777  C C   . ASN B 1 37 ? 1.387   -2.866  12.463  1.00 28.19 ? 37  ASN B C   1 
ATOM   778  O O   . ASN B 1 37 ? 1.434   -1.647  12.368  1.00 27.83 ? 37  ASN B O   1 
ATOM   779  C CB  . ASN B 1 37 ? -1.043  -3.498  12.775  1.00 28.05 ? 37  ASN B CB  1 
ATOM   780  C CG  . ASN B 1 37 ? -1.134  -4.259  11.456  1.00 28.63 ? 37  ASN B CG  1 
ATOM   781  O OD1 . ASN B 1 37 ? -0.689  -3.784  10.415  1.00 28.63 ? 37  ASN B OD1 1 
ATOM   782  N ND2 . ASN B 1 37 ? -1.737  -5.440  11.499  1.00 31.10 ? 37  ASN B ND2 1 
ATOM   783  N N   . LYS B 1 38 ? 2.210   -3.676  11.796  1.00 28.93 ? 38  LYS B N   1 
ATOM   784  C CA  . LYS B 1 38 ? 3.293   -3.165  10.944  1.00 29.36 ? 38  LYS B CA  1 
ATOM   785  C C   . LYS B 1 38 ? 2.806   -2.469  9.668   1.00 29.32 ? 38  LYS B C   1 
ATOM   786  O O   . LYS B 1 38 ? 3.491   -1.594  9.134   1.00 30.01 ? 38  LYS B O   1 
ATOM   787  C CB  . LYS B 1 38 ? 4.284   -4.287  10.585  1.00 29.77 ? 38  LYS B CB  1 
ATOM   788  C CG  . LYS B 1 38 ? 3.643   -5.550  10.025  1.00 31.39 ? 38  LYS B CG  1 
ATOM   789  C CD  . LYS B 1 38 ? 4.678   -6.603  9.626   0.74 32.84 ? 38  LYS B CD  1 
ATOM   790  C CE  . LYS B 1 38 ? 5.237   -6.368  8.219   0.63 33.91 ? 38  LYS B CE  1 
ATOM   791  N NZ  . LYS B 1 38 ? 4.210   -6.566  7.146   1.00 35.83 ? 38  LYS B NZ  1 
ATOM   792  N N   . ASP B 1 39 ? 1.616   -2.844  9.208   1.00 29.01 ? 39  ASP B N   1 
ATOM   793  C CA  . ASP B 1 39 ? 1.065   -2.320  7.957   1.00 28.65 ? 39  ASP B CA  1 
ATOM   794  C C   . ASP B 1 39 ? 0.075   -1.173  8.146   1.00 27.73 ? 39  ASP B C   1 
ATOM   795  O O   . ASP B 1 39 ? 0.064   -0.221  7.360   1.00 27.47 ? 39  ASP B O   1 
ATOM   796  C CB  . ASP B 1 39 ? 0.393   -3.443  7.163   1.00 29.27 ? 39  ASP B CB  1 
ATOM   797  C CG  . ASP B 1 39 ? 1.391   -4.432  6.577   1.00 31.03 ? 39  ASP B CG  1 
ATOM   798  O OD1 . ASP B 1 39 ? 2.473   -4.011  6.117   1.00 34.35 ? 39  ASP B OD1 1 
ATOM   799  O OD2 . ASP B 1 39 ? 1.081   -5.639  6.568   1.00 33.31 ? 39  ASP B OD2 1 
ATOM   800  N N   . TRP B 1 40 ? -0.763  -1.285  9.173   1.00 26.81 ? 40  TRP B N   1 
ATOM   801  C CA  . TRP B 1 40 ? -1.865  -0.348  9.403   1.00 26.39 ? 40  TRP B CA  1 
ATOM   802  C C   . TRP B 1 40 ? -1.797  0.241   10.802  1.00 25.78 ? 40  TRP B C   1 
ATOM   803  O O   . TRP B 1 40 ? -1.696  -0.496  11.783  1.00 26.06 ? 40  TRP B O   1 
ATOM   804  C CB  . TRP B 1 40 ? -3.211  -1.048  9.220   1.00 26.35 ? 40  TRP B CB  1 
ATOM   805  C CG  . TRP B 1 40 ? -3.430  -1.618  7.855   1.00 27.28 ? 40  TRP B CG  1 
ATOM   806  C CD1 . TRP B 1 40 ? -3.226  -2.909  7.464   1.00 27.82 ? 40  TRP B CD1 1 
ATOM   807  C CD2 . TRP B 1 40 ? -3.904  -0.917  6.701   1.00 27.72 ? 40  TRP B CD2 1 
ATOM   808  N NE1 . TRP B 1 40 ? -3.544  -3.059  6.135   1.00 28.92 ? 40  TRP B NE1 1 
ATOM   809  C CE2 . TRP B 1 40 ? -3.958  -1.851  5.640   1.00 28.81 ? 40  TRP B CE2 1 
ATOM   810  C CE3 . TRP B 1 40 ? -4.281  0.411   6.458   1.00 27.60 ? 40  TRP B CE3 1 
ATOM   811  C CZ2 . TRP B 1 40 ? -4.387  -1.503  4.355   1.00 28.16 ? 40  TRP B CZ2 1 
ATOM   812  C CZ3 . TRP B 1 40 ? -4.709  0.758   5.175   1.00 28.47 ? 40  TRP B CZ3 1 
ATOM   813  C CH2 . TRP B 1 40 ? -4.754  -0.200  4.140   1.00 27.88 ? 40  TRP B CH2 1 
ATOM   814  N N   . TRP B 1 41 ? -1.835  1.568   10.876  1.00 25.38 ? 41  TRP B N   1 
ATOM   815  C CA  . TRP B 1 41 ? -1.875  2.281   12.145  1.00 24.69 ? 41  TRP B CA  1 
ATOM   816  C C   . TRP B 1 41 ? -3.254  2.870   12.381  1.00 24.54 ? 41  TRP B C   1 
ATOM   817  O O   . TRP B 1 41 ? -3.873  3.400   11.458  1.00 24.23 ? 41  TRP B O   1 
ATOM   818  C CB  . TRP B 1 41 ? -0.805  3.370   12.171  1.00 24.97 ? 41  TRP B CB  1 
ATOM   819  C CG  . TRP B 1 41 ? 0.577   2.829   12.389  1.00 25.56 ? 41  TRP B CG  1 
ATOM   820  C CD1 . TRP B 1 41 ? 0.946   1.509   12.452  1.00 25.66 ? 41  TRP B CD1 1 
ATOM   821  C CD2 . TRP B 1 41 ? 1.777   3.586   12.535  1.00 26.06 ? 41  TRP B CD2 1 
ATOM   822  N NE1 . TRP B 1 41 ? 2.302   1.405   12.645  1.00 26.87 ? 41  TRP B NE1 1 
ATOM   823  C CE2 . TRP B 1 41 ? 2.837   2.664   12.703  1.00 27.18 ? 41  TRP B CE2 1 
ATOM   824  C CE3 . TRP B 1 41 ? 2.061   4.956   12.555  1.00 26.14 ? 41  TRP B CE3 1 
ATOM   825  C CZ2 . TRP B 1 41 ? 4.161   3.071   12.883  1.00 27.43 ? 41  TRP B CZ2 1 
ATOM   826  C CZ3 . TRP B 1 41 ? 3.376   5.363   12.730  1.00 27.78 ? 41  TRP B CZ3 1 
ATOM   827  C CH2 . TRP B 1 41 ? 4.412   4.422   12.890  1.00 28.27 ? 41  TRP B CH2 1 
ATOM   828  N N   . LYS B 1 42 ? -3.735  2.777   13.619  1.00 24.65 ? 42  LYS B N   1 
ATOM   829  C CA  . LYS B 1 42 ? -5.024  3.361   13.973  1.00 25.14 ? 42  LYS B CA  1 
ATOM   830  C C   . LYS B 1 42 ? -4.811  4.816   14.383  1.00 25.43 ? 42  LYS B C   1 
ATOM   831  O O   . LYS B 1 42 ? -3.969  5.114   15.229  1.00 25.10 ? 42  LYS B O   1 
ATOM   832  C CB  . LYS B 1 42 ? -5.697  2.569   15.093  1.00 25.15 ? 42  LYS B CB  1 
ATOM   833  C CG  . LYS B 1 42 ? -7.172  2.892   15.280  1.00 27.37 ? 42  LYS B CG  1 
ATOM   834  C CD  . LYS B 1 42 ? -7.780  2.081   16.397  1.00 30.08 ? 42  LYS B CD  1 
ATOM   835  C CE  . LYS B 1 42 ? -9.289  2.257   16.446  1.00 32.13 ? 42  LYS B CE  1 
ATOM   836  N NZ  . LYS B 1 42 ? -9.845  1.642   17.686  1.00 34.13 ? 42  LYS B NZ  1 
ATOM   837  N N   . VAL B 1 43 ? -5.574  5.708   13.757  1.00 25.83 ? 43  VAL B N   1 
ATOM   838  C CA  . VAL B 1 43 ? -5.433  7.151   13.957  1.00 26.63 ? 43  VAL B CA  1 
ATOM   839  C C   . VAL B 1 43 ? -6.794  7.776   14.243  1.00 28.02 ? 43  VAL B C   1 
ATOM   840  O O   . VAL B 1 43 ? -7.836  7.144   14.040  1.00 28.08 ? 43  VAL B O   1 
ATOM   841  C CB  . VAL B 1 43 ? -4.794  7.848   12.724  1.00 26.27 ? 43  VAL B CB  1 
ATOM   842  C CG1 . VAL B 1 43 ? -3.334  7.419   12.537  1.00 25.15 ? 43  VAL B CG1 1 
ATOM   843  C CG2 . VAL B 1 43 ? -5.613  7.586   11.458  1.00 26.24 ? 43  VAL B CG2 1 
ATOM   844  N N   . GLU B 1 44 ? -6.769  9.015   14.727  1.00 29.52 ? 44  GLU B N   1 
ATOM   845  C CA  . GLU B 1 44 ? -7.984  9.788   14.967  1.00 31.56 ? 44  GLU B CA  1 
ATOM   846  C C   . GLU B 1 44 ? -7.847  11.158  14.307  1.00 32.32 ? 44  GLU B C   1 
ATOM   847  O O   . GLU B 1 44 ? -6.843  11.855  14.500  1.00 32.54 ? 44  GLU B O   1 
ATOM   848  C CB  . GLU B 1 44 ? -8.243  9.911   16.473  1.00 31.80 ? 44  GLU B CB  1 
ATOM   849  C CG  . GLU B 1 44 ? -9.505  10.683  16.861  1.00 34.11 ? 44  GLU B CG  1 
ATOM   850  C CD  . GLU B 1 44 ? -9.794  10.622  18.354  1.00 37.26 ? 44  GLU B CD  1 
ATOM   851  O OE1 . GLU B 1 44 ? -8.844  10.738  19.162  1.00 39.09 ? 44  GLU B OE1 1 
ATOM   852  O OE2 . GLU B 1 44 ? -10.978 10.463  18.725  1.00 38.98 ? 44  GLU B OE2 1 
ATOM   853  N N   . VAL B 1 45 ? -8.835  11.510  13.480  1.00 33.42 ? 45  VAL B N   1 
ATOM   854  C CA  . VAL B 1 45 ? -8.949  12.846  12.891  1.00 34.65 ? 45  VAL B CA  1 
ATOM   855  C C   . VAL B 1 45 ? -10.407 13.270  13.026  1.00 34.78 ? 45  VAL B C   1 
ATOM   856  O O   . VAL B 1 45 ? -11.307 12.479  12.733  1.00 34.83 ? 45  VAL B O   1 
ATOM   857  C CB  . VAL B 1 45 ? -8.598  12.897  11.378  1.00 34.72 ? 45  VAL B CB  1 
ATOM   858  C CG1 . VAL B 1 45 ? -7.809  14.161  11.056  1.00 35.75 ? 45  VAL B CG1 1 
ATOM   859  C CG2 . VAL B 1 45 ? -7.835  11.675  10.932  1.00 35.84 ? 45  VAL B CG2 1 
ATOM   860  N N   A ASN B 1 46 ? -10.631 14.503  13.480  0.50 35.01 ? 46  ASN B N   1 
ATOM   861  N N   B ASN B 1 46 ? -10.622 14.516  13.444  0.50 35.05 ? 46  ASN B N   1 
ATOM   862  C CA  A ASN B 1 46 ? -11.976 15.004  13.791  0.50 35.10 ? 46  ASN B CA  1 
ATOM   863  C CA  B ASN B 1 46 ? -11.955 15.129  13.547  0.50 35.21 ? 46  ASN B CA  1 
ATOM   864  C C   A ASN B 1 46 ? -12.695 14.112  14.804  0.50 34.91 ? 46  ASN B C   1 
ATOM   865  C C   B ASN B 1 46 ? -13.146 14.166  13.483  0.50 35.06 ? 46  ASN B C   1 
ATOM   866  O O   A ASN B 1 46 ? -12.278 14.001  15.957  0.50 34.85 ? 46  ASN B O   1 
ATOM   867  O O   B ASN B 1 46 ? -13.746 13.978  12.422  0.50 35.15 ? 46  ASN B O   1 
ATOM   868  C CB  A ASN B 1 46 ? -12.816 15.154  12.515  0.50 35.31 ? 46  ASN B CB  1 
ATOM   869  C CB  B ASN B 1 46 ? -12.120 16.212  12.477  0.50 35.34 ? 46  ASN B CB  1 
ATOM   870  C CG  A ASN B 1 46 ? -12.139 16.020  11.470  0.50 35.85 ? 46  ASN B CG  1 
ATOM   871  C CG  B ASN B 1 46 ? -10.915 17.130  12.381  0.50 35.78 ? 46  ASN B CG  1 
ATOM   872  O OD1 A ASN B 1 46 ? -11.967 15.608  10.322  0.50 37.06 ? 46  ASN B OD1 1 
ATOM   873  O OD1 B ASN B 1 46 ? -10.376 17.577  13.394  0.50 36.66 ? 46  ASN B OD1 1 
ATOM   874  N ND2 A ASN B 1 46 ? -11.744 17.226  11.864  0.50 36.40 ? 46  ASN B ND2 1 
ATOM   875  N ND2 B ASN B 1 46 ? -10.493 17.422  11.155  0.50 36.27 ? 46  ASN B ND2 1 
ATOM   876  N N   A ASP B 1 47 ? -13.778 13.478  14.365  0.50 34.64 ? 47  ASP B N   1 
ATOM   877  N N   B ASP B 1 47 ? -13.471 13.554  14.618  0.50 35.01 ? 47  ASP B N   1 
ATOM   878  C CA  A ASP B 1 47 ? -14.475 12.495  15.188  0.50 34.38 ? 47  ASP B CA  1 
ATOM   879  C CA  B ASP B 1 47 ? -14.672 12.727  14.742  0.50 34.85 ? 47  ASP B CA  1 
ATOM   880  C C   A ASP B 1 47 ? -14.401 11.116  14.535  0.50 34.02 ? 47  ASP B C   1 
ATOM   881  C C   B ASP B 1 47 ? -14.631 11.407  13.966  0.50 34.26 ? 47  ASP B C   1 
ATOM   882  O O   A ASP B 1 47 ? -15.214 10.235  14.833  0.50 34.09 ? 47  ASP B O   1 
ATOM   883  O O   B ASP B 1 47 ? -15.675 10.824  13.683  0.50 34.43 ? 47  ASP B O   1 
ATOM   884  C CB  A ASP B 1 47 ? -15.942 12.889  15.394  0.50 34.26 ? 47  ASP B CB  1 
ATOM   885  C CB  B ASP B 1 47 ? -15.920 13.525  14.351  0.50 35.06 ? 47  ASP B CB  1 
ATOM   886  C CG  A ASP B 1 47 ? -16.107 14.132  16.251  0.50 34.62 ? 47  ASP B CG  1 
ATOM   887  C CG  B ASP B 1 47 ? -16.500 14.305  15.513  0.50 35.64 ? 47  ASP B CG  1 
ATOM   888  O OD1 A ASP B 1 47 ? -15.087 14.756  16.613  0.50 34.15 ? 47  ASP B OD1 1 
ATOM   889  O OD1 B ASP B 1 47 ? -16.795 13.682  16.557  0.50 35.92 ? 47  ASP B OD1 1 
ATOM   890  O OD2 A ASP B 1 47 ? -17.265 14.490  16.560  0.50 35.10 ? 47  ASP B OD2 1 
ATOM   891  O OD2 B ASP B 1 47 ? -16.661 15.538  15.383  0.50 35.31 ? 47  ASP B OD2 1 
ATOM   892  N N   . ARG B 1 48 ? -13.429 10.943  13.638  1.00 33.80 ? 48  ARG B N   1 
ATOM   893  C CA  . ARG B 1 48 ? -13.234 9.667   12.946  1.00 32.61 ? 48  ARG B CA  1 
ATOM   894  C C   . ARG B 1 48 ? -12.075 8.890   13.566  1.00 31.82 ? 48  ARG B C   1 
ATOM   895  O O   . ARG B 1 48 ? -11.005 9.447   13.799  1.00 32.04 ? 48  ARG B O   1 
ATOM   896  C CB  . ARG B 1 48 ? -12.961 9.881   11.453  1.00 32.64 ? 48  ARG B CB  1 
ATOM   897  C CG  . ARG B 1 48 ? -14.176 10.274  10.619  1.00 32.80 ? 48  ARG B CG  1 
ATOM   898  C CD  . ARG B 1 48 ? -13.784 10.498  9.159   1.00 34.17 ? 48  ARG B CD  1 
ATOM   899  N NE  . ARG B 1 48 ? -13.685 9.239   8.423   1.00 34.22 ? 48  ARG B NE  1 
ATOM   900  C CZ  . ARG B 1 48 ? -13.118 9.098   7.226   1.00 34.67 ? 48  ARG B CZ  1 
ATOM   901  N NH1 . ARG B 1 48 ? -12.568 10.138  6.605   1.00 35.38 ? 48  ARG B NH1 1 
ATOM   902  N NH2 . ARG B 1 48 ? -13.093 7.905   6.648   1.00 33.77 ? 48  ARG B NH2 1 
ATOM   903  N N   . GLN B 1 49 ? -12.298 7.608   13.829  1.00 30.51 ? 49  GLN B N   1 
ATOM   904  C CA  . GLN B 1 49 ? -11.232 6.724   14.295  1.00 29.73 ? 49  GLN B CA  1 
ATOM   905  C C   . GLN B 1 49 ? -11.142 5.521   13.380  1.00 28.72 ? 49  GLN B C   1 
ATOM   906  O O   . GLN B 1 49 ? -12.117 4.785   13.217  1.00 28.36 ? 49  GLN B O   1 
ATOM   907  C CB  . GLN B 1 49 ? -11.484 6.268   15.729  1.00 30.17 ? 49  GLN B CB  1 
ATOM   908  C CG  . GLN B 1 49 ? -11.396 7.378   16.761  1.00 31.88 ? 49  GLN B CG  1 
ATOM   909  C CD  . GLN B 1 49 ? -11.587 6.868   18.178  1.00 34.42 ? 49  GLN B CD  1 
ATOM   910  O OE1 . GLN B 1 49 ? -11.675 5.661   18.415  1.00 36.18 ? 49  GLN B OE1 1 
ATOM   911  N NE2 . GLN B 1 49 ? -11.657 7.790   19.130  1.00 35.67 ? 49  GLN B NE2 1 
ATOM   912  N N   . GLY B 1 50 ? -9.974  5.334   12.775  1.00 27.51 ? 50  GLY B N   1 
ATOM   913  C CA  . GLY B 1 50 ? -9.761  4.209   11.873  1.00 26.33 ? 50  GLY B CA  1 
ATOM   914  C C   . GLY B 1 50 ? -8.322  4.086   11.425  1.00 25.77 ? 50  GLY B C   1 
ATOM   915  O O   . GLY B 1 50 ? -7.418  4.637   12.056  1.00 25.31 ? 50  GLY B O   1 
ATOM   916  N N   . PHE B 1 51 ? -8.115  3.387   10.312  1.00 24.85 ? 51  PHE B N   1 
ATOM   917  C CA  . PHE B 1 51 ? -6.771  2.978   9.914   1.00 24.51 ? 51  PHE B CA  1 
ATOM   918  C C   . PHE B 1 51 ? -6.234  3.657   8.667   1.00 24.15 ? 51  PHE B C   1 
ATOM   919  O O   . PHE B 1 51 ? -6.968  3.933   7.717   1.00 24.18 ? 51  PHE B O   1 
ATOM   920  C CB  . PHE B 1 51 ? -6.720  1.461   9.721   1.00 24.16 ? 51  PHE B CB  1 
ATOM   921  C CG  . PHE B 1 51 ? -6.937  0.687   10.977  1.00 24.61 ? 51  PHE B CG  1 
ATOM   922  C CD1 . PHE B 1 51 ? -8.219  0.322   11.374  1.00 25.64 ? 51  PHE B CD1 1 
ATOM   923  C CD2 . PHE B 1 51 ? -5.856  0.317   11.769  1.00 24.74 ? 51  PHE B CD2 1 
ATOM   924  C CE1 . PHE B 1 51 ? -8.427  -0.407  12.544  1.00 25.72 ? 51  PHE B CE1 1 
ATOM   925  C CE2 . PHE B 1 51 ? -6.056  -0.410  12.947  1.00 26.10 ? 51  PHE B CE2 1 
ATOM   926  C CZ  . PHE B 1 51 ? -7.341  -0.770  13.330  1.00 26.85 ? 51  PHE B CZ  1 
ATOM   927  N N   . VAL B 1 52 ? -4.934  3.932   8.690   1.00 24.08 ? 52  VAL B N   1 
ATOM   928  C CA  . VAL B 1 52 ? -4.205  4.377   7.503   1.00 23.39 ? 52  VAL B CA  1 
ATOM   929  C C   . VAL B 1 52 ? -2.935  3.537   7.394   1.00 23.38 ? 52  VAL B C   1 
ATOM   930  O O   . VAL B 1 52 ? -2.492  2.966   8.392   1.00 22.36 ? 52  VAL B O   1 
ATOM   931  C CB  . VAL B 1 52 ? -3.847  5.898   7.538   1.00 23.54 ? 52  VAL B CB  1 
ATOM   932  C CG1 . VAL B 1 52 ? -5.118  6.760   7.501   1.00 23.51 ? 52  VAL B CG1 1 
ATOM   933  C CG2 . VAL B 1 52 ? -2.962  6.254   8.745   1.00 23.74 ? 52  VAL B CG2 1 
ATOM   934  N N   . PRO B 1 53 ? -2.359  3.436   6.186   1.00 23.29 ? 53  PRO B N   1 
ATOM   935  C CA  . PRO B 1 53 ? -1.101  2.694   6.066   1.00 24.01 ? 53  PRO B CA  1 
ATOM   936  C C   . PRO B 1 53 ? 0.019   3.312   6.914   1.00 24.12 ? 53  PRO B C   1 
ATOM   937  O O   . PRO B 1 53 ? 0.194   4.532   6.916   1.00 24.11 ? 53  PRO B O   1 
ATOM   938  C CB  . PRO B 1 53 ? -0.779  2.799   4.571   1.00 24.03 ? 53  PRO B CB  1 
ATOM   939  C CG  . PRO B 1 53 ? -2.089  3.086   3.912   1.00 23.93 ? 53  PRO B CG  1 
ATOM   940  C CD  . PRO B 1 53 ? -2.835  3.935   4.881   1.00 23.81 ? 53  PRO B CD  1 
ATOM   941  N N   . ALA B 1 54 ? 0.767   2.464   7.619   1.00 24.85 ? 54  ALA B N   1 
ATOM   942  C CA  . ALA B 1 54 ? 1.844   2.905   8.507   1.00 26.06 ? 54  ALA B CA  1 
ATOM   943  C C   . ALA B 1 54 ? 2.888   3.737   7.770   1.00 26.47 ? 54  ALA B C   1 
ATOM   944  O O   . ALA B 1 54 ? 3.404   4.715   8.304   1.00 27.26 ? 54  ALA B O   1 
ATOM   945  C CB  . ALA B 1 54 ? 2.496   1.710   9.181   1.00 26.09 ? 54  ALA B CB  1 
ATOM   946  N N   . ALA B 1 55 ? 3.177   3.345   6.533   1.00 27.17 ? 55  ALA B N   1 
ATOM   947  C CA  . ALA B 1 55 ? 4.213   3.988   5.725   1.00 28.13 ? 55  ALA B CA  1 
ATOM   948  C C   . ALA B 1 55 ? 3.824   5.380   5.212   1.00 28.46 ? 55  ALA B C   1 
ATOM   949  O O   . ALA B 1 55 ? 4.674   6.114   4.692   1.00 28.74 ? 55  ALA B O   1 
ATOM   950  C CB  . ALA B 1 55 ? 4.598   3.079   4.569   1.00 28.01 ? 55  ALA B CB  1 
ATOM   951  N N   . TYR B 1 56 ? 2.549   5.739   5.370   1.00 28.82 ? 56  TYR B N   1 
ATOM   952  C CA  . TYR B 1 56 ? 2.031   7.037   4.940   1.00 29.32 ? 56  TYR B CA  1 
ATOM   953  C C   . TYR B 1 56 ? 2.093   8.111   6.023   1.00 29.82 ? 56  TYR B C   1 
ATOM   954  O O   . TYR B 1 56 ? 1.789   9.275   5.757   1.00 29.80 ? 56  TYR B O   1 
ATOM   955  C CB  . TYR B 1 56 ? 0.585   6.901   4.454   1.00 28.88 ? 56  TYR B CB  1 
ATOM   956  C CG  . TYR B 1 56 ? 0.433   6.353   3.057   1.00 28.73 ? 56  TYR B CG  1 
ATOM   957  C CD1 . TYR B 1 56 ? 0.967   5.114   2.712   1.00 29.06 ? 56  TYR B CD1 1 
ATOM   958  C CD2 . TYR B 1 56 ? -0.271  7.061   2.088   1.00 29.31 ? 56  TYR B CD2 1 
ATOM   959  C CE1 . TYR B 1 56 ? 0.817   4.598   1.428   1.00 30.42 ? 56  TYR B CE1 1 
ATOM   960  C CE2 . TYR B 1 56 ? -0.430  6.557   0.799   1.00 29.58 ? 56  TYR B CE2 1 
ATOM   961  C CZ  . TYR B 1 56 ? 0.123   5.329   0.477   1.00 30.95 ? 56  TYR B CZ  1 
ATOM   962  O OH  . TYR B 1 56 ? -0.030  4.822   -0.794  1.00 32.56 ? 56  TYR B OH  1 
ATOM   963  N N   . VAL B 1 57 ? 2.457   7.725   7.245   1.00 30.56 ? 57  VAL B N   1 
ATOM   964  C CA  . VAL B 1 57 ? 2.547   8.683   8.345   1.00 31.63 ? 57  VAL B CA  1 
ATOM   965  C C   . VAL B 1 57 ? 3.900   8.634   9.046   1.00 32.78 ? 57  VAL B C   1 
ATOM   966  O O   . VAL B 1 57 ? 4.580   7.609   9.031   1.00 32.71 ? 57  VAL B O   1 
ATOM   967  C CB  . VAL B 1 57 ? 1.398   8.522   9.392   1.00 31.51 ? 57  VAL B CB  1 
ATOM   968  C CG1 . VAL B 1 57 ? 0.048   8.885   8.786   1.00 31.19 ? 57  VAL B CG1 1 
ATOM   969  C CG2 . VAL B 1 57 ? 1.371   7.124   9.972   1.00 30.45 ? 57  VAL B CG2 1 
ATOM   970  N N   . LYS B 1 58 ? 4.285   9.760   9.640   1.00 34.37 ? 58  LYS B N   1 
ATOM   971  C CA  . LYS B 1 58 ? 5.525   9.867   10.396  1.00 35.89 ? 58  LYS B CA  1 
ATOM   972  C C   . LYS B 1 58 ? 5.216   10.247  11.844  1.00 36.74 ? 58  LYS B C   1 
ATOM   973  O O   . LYS B 1 58 ? 4.435   11.164  12.088  1.00 36.85 ? 58  LYS B O   1 
ATOM   974  C CB  . LYS B 1 58 ? 6.441   10.921  9.762   1.00 36.04 ? 58  LYS B CB  1 
ATOM   975  C CG  . LYS B 1 58 ? 7.878   10.890  10.284  1.00 37.08 ? 58  LYS B CG  1 
ATOM   976  C CD  . LYS B 1 58 ? 8.733   11.999  9.682   1.00 38.51 ? 58  LYS B CD  1 
ATOM   977  C CE  . LYS B 1 58 ? 10.171  11.911  10.175  1.00 38.90 ? 58  LYS B CE  1 
ATOM   978  N NZ  . LYS B 1 58 ? 11.029  13.015  9.649   1.00 39.85 ? 58  LYS B NZ  1 
ATOM   979  N N   . LYS B 1 59 ? 5.820   9.533   12.792  1.00 38.08 ? 59  LYS B N   1 
ATOM   980  C CA  . LYS B 1 59 ? 5.718   9.886   14.213  1.00 39.72 ? 59  LYS B CA  1 
ATOM   981  C C   . LYS B 1 59 ? 6.498   11.169  14.487  1.00 40.78 ? 59  LYS B C   1 
ATOM   982  O O   . LYS B 1 59 ? 7.668   11.284  14.115  1.00 41.17 ? 59  LYS B O   1 
ATOM   983  C CB  . LYS B 1 59 ? 6.237   8.754   15.103  1.00 39.57 ? 59  LYS B CB  1 
ATOM   984  C CG  . LYS B 1 59 ? 5.289   7.580   15.246  1.00 40.06 ? 59  LYS B CG  1 
ATOM   985  C CD  . LYS B 1 59 ? 5.940   6.448   16.030  0.89 40.47 ? 59  LYS B CD  1 
ATOM   986  C CE  . LYS B 1 59 ? 5.040   5.224   16.086  0.69 40.66 ? 59  LYS B CE  1 
ATOM   987  N NZ  . LYS B 1 59 ? 5.717   4.040   16.696  0.85 40.70 ? 59  LYS B NZ  1 
ATOM   988  N N   . LEU B 1 60 ? 5.850   12.124  15.149  1.00 42.23 ? 60  LEU B N   1 
ATOM   989  C CA  . LEU B 1 60 ? 6.416   13.464  15.321  1.00 43.70 ? 60  LEU B CA  1 
ATOM   990  C C   . LEU B 1 60 ? 7.428   13.612  16.451  1.00 44.80 ? 60  LEU B C   1 
ATOM   991  O O   . LEU B 1 60 ? 7.129   13.337  17.613  1.00 44.98 ? 60  LEU B O   1 
ATOM   992  C CB  . LEU B 1 60 ? 5.303   14.509  15.461  1.00 43.49 ? 60  LEU B CB  1 
ATOM   993  C CG  . LEU B 1 60 ? 4.508   14.818  14.190  1.00 43.46 ? 60  LEU B CG  1 
ATOM   994  C CD1 . LEU B 1 60 ? 3.471   15.887  14.462  1.00 43.74 ? 60  LEU B CD1 1 
ATOM   995  C CD2 . LEU B 1 60 ? 5.424   15.232  13.043  1.00 43.69 ? 60  LEU B CD2 1 
ATOM   996  N N   . ASP B 1 61 ? 8.630   14.043  16.063  1.00 46.18 ? 61  ASP B N   1 
ATOM   997  C CA  . ASP B 1 61 ? 9.741   14.393  16.955  1.00 47.33 ? 61  ASP B CA  1 
ATOM   998  C C   . ASP B 1 61 ? 10.887  14.988  16.123  1.00 47.72 ? 61  ASP B C   1 
ATOM   999  O O   . ASP B 1 61 ? 11.033  14.641  14.945  1.00 48.06 ? 61  ASP B O   1 
ATOM   1000 C CB  . ASP B 1 61 ? 10.226  13.182  17.761  1.00 47.57 ? 61  ASP B CB  1 
ATOM   1001 C CG  . ASP B 1 61 ? 9.740   13.208  19.204  1.00 48.52 ? 61  ASP B CG  1 
ATOM   1002 O OD1 . ASP B 1 61 ? 10.185  14.091  19.972  1.00 49.72 ? 61  ASP B OD1 1 
ATOM   1003 O OD2 . ASP B 1 61 ? 8.921   12.340  19.573  1.00 50.05 ? 61  ASP B OD2 1 
ATOM   1004 N N   . PRO B 1 62 ? 11.697  15.888  16.721  0.73 48.04 ? 62  PRO B N   1 
ATOM   1005 C CA  . PRO B 1 62 ? 12.767  16.517  15.941  0.65 48.18 ? 62  PRO B CA  1 
ATOM   1006 C C   . PRO B 1 62 ? 13.976  15.602  15.759  0.52 48.31 ? 62  PRO B C   1 
ATOM   1007 O O   . PRO B 1 62 ? 14.384  15.341  14.626  0.92 48.51 ? 62  PRO B O   1 
ATOM   1008 C CB  . PRO B 1 62 ? 13.143  17.734  16.785  0.77 48.21 ? 62  PRO B CB  1 
ATOM   1009 C CG  . PRO B 1 62 ? 12.826  17.338  18.182  0.58 48.26 ? 62  PRO B CG  1 
ATOM   1010 C CD  . PRO B 1 62 ? 11.672  16.373  18.115  0.84 48.03 ? 62  PRO B CD  1 
ATOM   1011 N N   . PRO C 2 1  ? -6.655  -7.061  1.998   0.47 57.74 ? 74  PRO C N   1 
ATOM   1012 C CA  . PRO C 2 1  ? -5.489  -6.695  1.192   0.47 57.58 ? 74  PRO C CA  1 
ATOM   1013 C C   . PRO C 2 1  ? -4.567  -5.766  1.949   0.47 61.55 ? 74  PRO C C   1 
ATOM   1014 O O   . PRO C 2 1  ? -5.028  -5.104  2.859   0.47 61.23 ? 74  PRO C O   1 
ATOM   1015 C CB  . PRO C 2 1  ? -6.108  -5.974  -0.003  0.47 50.35 ? 74  PRO C CB  1 
ATOM   1016 C CG  . PRO C 2 1  ? -7.507  -5.713  0.360   0.47 52.80 ? 74  PRO C CG  1 
ATOM   1017 C CD  . PRO C 2 1  ? -7.888  -6.841  1.240   0.47 56.21 ? 74  PRO C CD  1 
ATOM   1018 N N   . PRO C 2 2  ? -3.294  -5.744  1.557   0.47 56.81 ? 75  PRO C N   1 
ATOM   1019 C CA  . PRO C 2 2  ? -2.267  -4.939  2.200   0.47 46.85 ? 75  PRO C CA  1 
ATOM   1020 C C   . PRO C 2 2  ? -2.326  -3.504  1.735   0.47 33.84 ? 75  PRO C C   1 
ATOM   1021 O O   . PRO C 2 2  ? -3.202  -3.160  1.023   0.47 33.93 ? 75  PRO C O   1 
ATOM   1022 C CB  . PRO C 2 2  ? -0.967  -5.614  1.747   0.47 48.68 ? 75  PRO C CB  1 
ATOM   1023 C CG  . PRO C 2 2  ? -1.369  -6.896  1.096   0.47 51.42 ? 75  PRO C CG  1 
ATOM   1024 C CD  . PRO C 2 2  ? -2.808  -7.095  1.291   0.47 56.17 ? 75  PRO C CD  1 
ATOM   1025 N N   . PRO C 2 3  ? -1.426  -2.669  2.200   0.47 33.79 ? 76  PRO C N   1 
ATOM   1026 C CA  . PRO C 2 3  ? -1.503  -1.259  1.883   0.47 40.28 ? 76  PRO C CA  1 
ATOM   1027 C C   . PRO C 2 3  ? -0.747  -1.049  0.648   0.47 42.64 ? 76  PRO C C   1 
ATOM   1028 O O   . PRO C 2 3  ? 0.028   -1.897  0.353   0.47 44.95 ? 76  PRO C O   1 
ATOM   1029 C CB  . PRO C 2 3  ? -0.833  -0.575  3.081   0.47 38.87 ? 76  PRO C CB  1 
ATOM   1030 C CG  . PRO C 2 3  ? -0.234  -1.568  3.814   0.47 37.80 ? 76  PRO C CG  1 
ATOM   1031 C CD  . PRO C 2 3  ? -0.832  -2.875  3.521   0.47 35.40 ? 76  PRO C CD  1 
ATOM   1032 N N   . VAL C 2 4  ? -0.957  0.012   -0.088  0.47 42.25 ? 77  VAL C N   1 
ATOM   1033 C CA  . VAL C 2 4  ? -0.164  0.192   -1.266  0.47 44.36 ? 77  VAL C CA  1 
ATOM   1034 C C   . VAL C 2 4  ? 1.120   0.820   -0.791  0.47 50.22 ? 77  VAL C C   1 
ATOM   1035 O O   . VAL C 2 4  ? 1.251   1.087   0.372   0.47 51.68 ? 77  VAL C O   1 
ATOM   1036 C CB  . VAL C 2 4  ? -0.977  0.913   -2.358  0.47 43.60 ? 77  VAL C CB  1 
ATOM   1037 C CG1 . VAL C 2 4  ? -0.234  1.006   -3.697  0.47 37.55 ? 77  VAL C CG1 1 
ATOM   1038 C CG2 . VAL C 2 4  ? -2.254  0.101   -2.577  0.47 46.41 ? 77  VAL C CG2 1 
ATOM   1039 N N   . PRO C 2 5  ? 2.119   0.998   -1.619  0.47 51.29 ? 78  PRO C N   1 
ATOM   1040 C CA  . PRO C 2 5  ? 3.282   1.679   -1.079  0.47 47.56 ? 78  PRO C CA  1 
ATOM   1041 C C   . PRO C 2 5  ? 3.177   3.129   -1.476  0.47 54.03 ? 78  PRO C C   1 
ATOM   1042 O O   . PRO C 2 5  ? 2.237   3.418   -2.170  0.47 60.82 ? 78  PRO C O   1 
ATOM   1043 C CB  . PRO C 2 5  ? 4.444   0.892   -1.664  0.47 42.06 ? 78  PRO C CB  1 
ATOM   1044 C CG  . PRO C 2 5  ? 3.896   -0.438  -1.870  0.47 42.43 ? 78  PRO C CG  1 
ATOM   1045 C CD  . PRO C 2 5  ? 2.504   -0.261  -2.277  0.47 47.28 ? 78  PRO C CD  1 
ATOM   1046 N N   . PRO C 2 6  ? 4.043   4.024   -1.010  0.47 54.03 ? 79  PRO C N   1 
ATOM   1047 C CA  . PRO C 2 6  ? 3.796   5.462   -1.153  0.47 62.24 ? 79  PRO C CA  1 
ATOM   1048 C C   . PRO C 2 6  ? 4.096   6.094   -2.491  0.47 69.87 ? 79  PRO C C   1 
ATOM   1049 O O   . PRO C 2 6  ? 4.478   5.363   -3.370  0.47 73.23 ? 79  PRO C O   1 
ATOM   1050 C CB  . PRO C 2 6  ? 4.684   6.055   -0.100  0.47 58.89 ? 79  PRO C CB  1 
ATOM   1051 C CG  . PRO C 2 6  ? 4.764   5.036   0.915   0.47 51.96 ? 79  PRO C CG  1 
ATOM   1052 C CD  . PRO C 2 6  ? 4.610   3.722   0.308   0.47 49.78 ? 79  PRO C CD  1 
ATOM   1053 N N   . PRO D 2 1  ? 4.372   7.963   -3.398  0.53 36.21 ? 74  PRO D N   1 
ATOM   1054 C CA  . PRO D 2 1  ? 3.609   7.253   -2.389  0.53 43.02 ? 74  PRO D CA  1 
ATOM   1055 C C   . PRO D 2 1  ? 4.091   5.846   -2.290  0.53 51.14 ? 74  PRO D C   1 
ATOM   1056 O O   . PRO D 2 1  ? 4.499   5.302   -3.287  0.53 57.92 ? 74  PRO D O   1 
ATOM   1057 C CB  . PRO D 2 1  ? 2.218   7.246   -2.977  0.53 36.10 ? 74  PRO D CB  1 
ATOM   1058 C CG  . PRO D 2 1  ? 2.226   8.291   -3.994  0.53 37.34 ? 74  PRO D CG  1 
ATOM   1059 C CD  . PRO D 2 1  ? 3.545   8.263   -4.563  0.53 36.81 ? 74  PRO D CD  1 
ATOM   1060 N N   . PRO D 2 2  ? 4.029   5.258   -1.115  0.53 45.61 ? 75  PRO D N   1 
ATOM   1061 C CA  . PRO D 2 2  ? 4.329   3.848   -0.959  0.53 39.87 ? 75  PRO D CA  1 
ATOM   1062 C C   . PRO D 2 2  ? 3.196   2.990   -1.504  0.53 43.09 ? 75  PRO D C   1 
ATOM   1063 O O   . PRO D 2 2  ? 2.231   3.510   -2.000  0.53 48.57 ? 75  PRO D O   1 
ATOM   1064 C CB  . PRO D 2 2  ? 4.460   3.717   0.541   0.53 34.85 ? 75  PRO D CB  1 
ATOM   1065 C CG  . PRO D 2 2  ? 4.984   4.957   0.956   0.53 36.92 ? 75  PRO D CG  1 
ATOM   1066 C CD  . PRO D 2 2  ? 4.521   6.021   0.024   0.53 42.68 ? 75  PRO D CD  1 
ATOM   1067 N N   . PRO D 2 3  ? 3.331   1.685   -1.474  0.53 40.91 ? 76  PRO D N   1 
ATOM   1068 C CA  . PRO D 2 3  ? 2.237   0.880   -1.971  0.53 45.24 ? 76  PRO D CA  1 
ATOM   1069 C C   . PRO D 2 3  ? 1.284   0.760   -0.851  0.53 45.32 ? 76  PRO D C   1 
ATOM   1070 O O   . PRO D 2 3  ? 1.705   0.786   0.264   0.53 43.75 ? 76  PRO D O   1 
ATOM   1071 C CB  . PRO D 2 3  ? 2.901   -0.461  -2.298  0.53 38.17 ? 76  PRO D CB  1 
ATOM   1072 C CG  . PRO D 2 3  ? 4.101   -0.472  -1.627  0.53 32.78 ? 76  PRO D CG  1 
ATOM   1073 C CD  . PRO D 2 3  ? 4.562   0.890   -1.388  0.53 31.51 ? 76  PRO D CD  1 
ATOM   1074 N N   . VAL D 2 4  ? 0.009   0.685   -1.133  0.53 42.54 ? 77  VAL D N   1 
ATOM   1075 C CA  . VAL D 2 4  ? -0.952  0.571   -0.077  0.53 40.32 ? 77  VAL D CA  1 
ATOM   1076 C C   . VAL D 2 4  ? -0.987  -0.868  0.306   0.53 39.67 ? 77  VAL D C   1 
ATOM   1077 O O   . VAL D 2 4  ? -1.023  -1.694  -0.542  0.53 40.47 ? 77  VAL D O   1 
ATOM   1078 C CB  . VAL D 2 4  ? -2.343  1.086   -0.545  0.53 33.26 ? 77  VAL D CB  1 
ATOM   1079 C CG1 . VAL D 2 4  ? -3.429  0.762   0.459   0.53 28.70 ? 77  VAL D CG1 1 
ATOM   1080 C CG2 . VAL D 2 4  ? -2.276  2.570   -0.837  0.53 27.56 ? 77  VAL D CG2 1 
ATOM   1081 N N   . PRO D 2 5  ? -0.948  -1.187  1.580   0.53 39.67 ? 78  PRO D N   1 
ATOM   1082 C CA  . PRO D 2 5  ? -0.979  -2.588  1.978   0.53 36.80 ? 78  PRO D CA  1 
ATOM   1083 C C   . PRO D 2 5  ? -2.212  -3.396  1.624   0.53 35.39 ? 78  PRO D C   1 
ATOM   1084 O O   . PRO D 2 5  ? -3.164  -2.904  1.117   0.53 47.20 ? 78  PRO D O   1 
ATOM   1085 C CB  . PRO D 2 5  ? -0.782  -2.526  3.504   0.53 38.89 ? 78  PRO D CB  1 
ATOM   1086 C CG  . PRO D 2 5  ? -0.466  -1.148  3.807   0.53 39.47 ? 78  PRO D CG  1 
ATOM   1087 C CD  . PRO D 2 5  ? -0.981  -0.307  2.754   0.53 37.64 ? 78  PRO D CD  1 
ATOM   1088 N N   . PRO D 2 6  ? -2.164  -4.684  1.879   0.53 71.93 ? 79  PRO D N   1 
ATOM   1089 C CA  . PRO D 2 6  ? -3.345  -5.508  1.651   0.53 76.37 ? 79  PRO D CA  1 
ATOM   1090 C C   . PRO D 2 6  ? -4.271  -5.462  2.865   0.53 80.63 ? 79  PRO D C   1 
ATOM   1091 O O   . PRO D 2 6  ? -5.470  -5.289  2.745   0.53 80.02 ? 79  PRO D O   1 
ATOM   1092 C CB  . PRO D 2 6  ? -2.777  -6.908  1.480   0.53 74.46 ? 79  PRO D CB  1 
ATOM   1093 C CG  . PRO D 2 6  ? -1.387  -6.750  1.150   0.53 68.04 ? 79  PRO D CG  1 
ATOM   1094 C CD  . PRO D 2 6  ? -0.939  -5.501  1.835   0.53 67.90 ? 79  PRO D CD  1 
HETATM 1095 C C1  . BME E 3 .  ? 7.604   4.014   -7.766  0.87 77.99 ? 84  BME A C1  1 
HETATM 1096 C C2  . BME E 3 .  ? 6.367   4.114   -8.658  0.69 77.89 ? 84  BME A C2  1 
HETATM 1097 O O1  . BME E 3 .  ? 8.527   3.079   -8.330  1.00 78.16 ? 84  BME A O1  1 
HETATM 1098 S S2  . BME E 3 .  ? 5.439   2.558   -8.591  0.75 77.77 ? 84  BME A S2  1 
HETATM 1099 S S   . SO4 F 4 .  ? 7.927   6.599   11.865  0.72 55.61 ? 84  SO4 B S   1 
HETATM 1100 O O1  . SO4 F 4 .  ? 8.152   6.538   10.423  0.84 55.73 ? 84  SO4 B O1  1 
HETATM 1101 O O2  . SO4 F 4 .  ? 8.287   5.319   12.467  0.72 55.60 ? 84  SO4 B O2  1 
HETATM 1102 O O3  . SO4 F 4 .  ? 8.752   7.658   12.442  0.90 55.87 ? 84  SO4 B O3  1 
HETATM 1103 O O4  . SO4 F 4 .  ? 6.519   6.886   12.119  0.68 55.52 ? 84  SO4 B O4  1 
HETATM 1104 C C1  . BME G 3 .  ? -7.828  -3.979  8.938   1.00 79.87 ? 85  BME B C1  1 
HETATM 1105 C C2  . BME G 3 .  ? -7.896  -2.457  8.804   1.00 79.78 ? 85  BME B C2  1 
HETATM 1106 O O1  . BME G 3 .  ? -6.519  -4.363  9.367   1.00 79.75 ? 85  BME B O1  1 
HETATM 1107 S S2  . BME G 3 .  ? -7.655  -1.985  7.070   1.00 79.96 ? 85  BME B S2  1 
HETATM 1108 O O   . HOH H 5 .  ? -1.533  6.452   -13.987 1.00 38.64 ? 85  HOH A O   1 
HETATM 1109 O O   . HOH H 5 .  ? 4.933   5.167   -12.233 1.00 39.81 ? 86  HOH A O   1 
HETATM 1110 O O   . HOH H 5 .  ? 15.151  -9.999  -14.902 1.00 36.41 ? 87  HOH A O   1 
HETATM 1111 O O   . HOH H 5 .  ? 12.013  -4.574  -7.512  1.00 27.77 ? 88  HOH A O   1 
HETATM 1112 O O   . HOH H 5 .  ? -7.102  -14.346 -12.195 1.00 39.24 ? 89  HOH A O   1 
HETATM 1113 O O   . HOH H 5 .  ? 11.970  -14.250 -14.701 1.00 40.81 ? 90  HOH A O   1 
HETATM 1114 O O   . HOH H 5 .  ? 4.603   -3.987  -1.087  1.00 32.51 ? 91  HOH A O   1 
HETATM 1115 O O   . HOH H 5 .  ? -7.210  -5.249  -4.026  1.00 44.59 ? 92  HOH A O   1 
HETATM 1116 O O   . HOH H 5 .  ? 13.301  -2.941  -9.494  1.00 32.82 ? 93  HOH A O   1 
HETATM 1117 O O   . HOH H 5 .  ? -8.420  -9.424  -4.012  1.00 46.66 ? 94  HOH A O   1 
HETATM 1118 O O   . HOH H 5 .  ? 14.259  -2.835  -11.909 1.00 51.30 ? 95  HOH A O   1 
HETATM 1119 O O   . HOH H 5 .  ? 13.392  -0.981  -14.234 1.00 47.72 ? 96  HOH A O   1 
HETATM 1120 O O   . HOH H 5 .  ? 16.509  -1.073  -13.327 1.00 52.19 ? 97  HOH A O   1 
HETATM 1121 O O   . HOH H 5 .  ? 13.824  -13.330 -6.903  1.00 51.34 ? 98  HOH A O   1 
HETATM 1122 O O   . HOH H 5 .  ? 12.709  1.989   -11.405 1.00 54.67 ? 99  HOH A O   1 
HETATM 1123 O O   . HOH H 5 .  ? -2.329  -15.827 -15.333 1.00 43.50 ? 100 HOH A O   1 
HETATM 1124 O O   . HOH H 5 .  ? 1.586   4.675   -6.534  1.00 35.71 ? 102 HOH A O   1 
HETATM 1125 O O   . HOH H 5 .  ? -6.471  -17.143 -6.450  1.00 42.87 ? 103 HOH A O   1 
HETATM 1126 O O   . HOH H 5 .  ? -9.462  -17.538 -1.522  1.00 60.76 ? 104 HOH A O   1 
HETATM 1127 O O   . HOH H 5 .  ? 7.405   -14.290 -1.887  1.00 44.49 ? 105 HOH A O   1 
HETATM 1128 O O   . HOH H 5 .  ? 6.131   -8.079  1.328   1.00 42.54 ? 106 HOH A O   1 
HETATM 1129 O O   . HOH H 5 .  ? -5.744  -1.743  -5.919  1.00 39.88 ? 107 HOH A O   1 
HETATM 1130 O O   . HOH H 5 .  ? -4.542  -18.866 -10.265 1.00 36.46 ? 108 HOH A O   1 
HETATM 1131 O O   . HOH H 5 .  ? -5.396  -19.301 -7.581  1.00 37.64 ? 109 HOH A O   1 
HETATM 1132 O O   . HOH H 5 .  ? 5.696   -3.355  1.329   1.00 46.13 ? 110 HOH A O   1 
HETATM 1133 O O   . HOH H 5 .  ? 3.301   -11.732 0.002   1.00 71.63 ? 111 HOH A O   1 
HETATM 1134 O O   . HOH H 5 .  ? 1.225   -10.394 1.572   1.00 42.02 ? 112 HOH A O   1 
HETATM 1135 O O   . HOH H 5 .  ? -4.247  -15.987 -5.221  1.00 30.25 ? 113 HOH A O   1 
HETATM 1136 O O   . HOH I 5 .  ? -1.669  -0.643  14.422  1.00 26.78 ? 86  HOH B O   1 
HETATM 1137 O O   . HOH I 5 .  ? -4.060  -1.903  15.632  1.00 34.72 ? 87  HOH B O   1 
HETATM 1138 O O   . HOH I 5 .  ? -4.647  6.668   -1.777  1.00 31.95 ? 88  HOH B O   1 
HETATM 1139 O O   . HOH I 5 .  ? 5.660   5.204   9.935   1.00 35.87 ? 89  HOH B O   1 
HETATM 1140 O O   . HOH I 5 .  ? 2.154   0.804   5.572   1.00 26.45 ? 90  HOH B O   1 
HETATM 1141 O O   . HOH I 5 .  ? -6.201  -1.104  17.044  1.00 45.23 ? 91  HOH B O   1 
HETATM 1142 O O   . HOH I 5 .  ? -12.077 -2.276  6.907   1.00 36.60 ? 92  HOH B O   1 
HETATM 1143 O O   . HOH I 5 .  ? 3.450   13.641  19.081  1.00 37.77 ? 94  HOH B O   1 
HETATM 1144 O O   . HOH I 5 .  ? -7.681  -1.624  1.908   1.00 32.19 ? 95  HOH B O   1 
HETATM 1145 O O   . HOH I 5 .  ? -7.436  13.324  19.409  1.00 49.74 ? 97  HOH B O   1 
HETATM 1146 O O   . HOH I 5 .  ? 4.203   4.541   18.910  1.00 37.29 ? 98  HOH B O   1 
HETATM 1147 O O   . HOH I 5 .  ? -10.729 -0.927  15.333  1.00 54.34 ? 99  HOH B O   1 
HETATM 1148 O O   . HOH I 5 .  ? 8.562   11.953  2.742   1.00 42.13 ? 100 HOH B O   1 
HETATM 1149 O O   . HOH I 5 .  ? -4.608  9.071   -3.428  1.00 61.97 ? 101 HOH B O   1 
HETATM 1150 O O   . HOH J 5 .  ? 0.659   3.968   -3.810  1.00 44.11 ? 101 HOH C O   1 
HETATM 1151 O O   . HOH K 5 .  ? 2.862   0.532   2.823   1.00 36.87 ? 93  HOH D O   1 
HETATM 1152 O O   . HOH K 5 .  ? -5.437  -2.044  0.451   1.00 30.91 ? 96  HOH D O   1 
# 
loop_
_pdbx_poly_seq_scheme.asym_id 
_pdbx_poly_seq_scheme.entity_id 
_pdbx_poly_seq_scheme.seq_id 
_pdbx_poly_seq_scheme.mon_id 
_pdbx_poly_seq_scheme.ndb_seq_num 
_pdbx_poly_seq_scheme.pdb_seq_num 
_pdbx_poly_seq_scheme.auth_seq_num 
_pdbx_poly_seq_scheme.pdb_mon_id 
_pdbx_poly_seq_scheme.auth_mon_id 
_pdbx_poly_seq_scheme.pdb_strand_id 
_pdbx_poly_seq_scheme.pdb_ins_code 
_pdbx_poly_seq_scheme.hetero 
A 1 1  MET 1  1  ?  ?   ?   A . n 
A 1 2  GLY 2  2  ?  ?   ?   A . n 
A 1 3  THR 3  3  ?  ?   ?   A . n 
A 1 4  GLY 4  4  ?  ?   ?   A . n 
A 1 5  LYS 5  5  5  LYS LYS A . n 
A 1 6  GLU 6  6  6  GLU GLU A . n 
A 1 7  LEU 7  7  7  LEU LEU A . n 
A 1 8  VAL 8  8  8  VAL VAL A . n 
A 1 9  LEU 9  9  9  LEU LEU A . n 
A 1 10 ALA 10 10 10 ALA ALA A . n 
A 1 11 LEU 11 11 11 LEU LEU A . n 
A 1 12 TYR 12 12 12 TYR TYR A . n 
A 1 13 ASP 13 13 13 ASP ASP A . n 
A 1 14 TYR 14 14 14 TYR TYR A . n 
A 1 15 GLN 15 15 15 GLN GLN A . n 
A 1 16 GLU 16 16 16 GLU GLU A . n 
A 1 17 LYS 17 17 17 LYS LYS A . n 
A 1 18 SER 18 18 18 SER SER A . n 
A 1 19 PRO 19 19 19 PRO PRO A . n 
A 1 20 ARG 20 20 20 ARG ARG A . n 
A 1 21 GLU 21 21 21 GLU GLU A . n 
A 1 22 VAL 22 22 22 VAL VAL A . n 
A 1 23 THR 23 23 23 THR THR A . n 
A 1 24 MET 24 24 24 MET MET A . n 
A 1 25 LYS 25 25 25 LYS LYS A . n 
A 1 26 LYS 26 26 26 LYS LYS A . n 
A 1 27 GLY 27 27 27 GLY GLY A . n 
A 1 28 ASP 28 28 28 ASP ASP A . n 
A 1 29 ILE 29 29 29 ILE ILE A . n 
A 1 30 LEU 30 30 30 LEU LEU A . n 
A 1 31 THR 31 31 31 THR THR A . n 
A 1 32 LEU 32 32 32 LEU LEU A . n 
A 1 33 LEU 33 33 33 LEU LEU A . n 
A 1 34 ASN 34 34 34 ASN ASN A . n 
A 1 35 SER 35 35 35 SER SER A . n 
A 1 36 THR 36 36 36 THR THR A . n 
A 1 37 ASN 37 37 37 ASN ASN A . n 
A 1 38 LYS 38 38 38 LYS LYS A . n 
A 1 39 ASP 39 39 39 ASP ASP A . n 
A 1 40 TRP 40 40 40 TRP TRP A . n 
A 1 41 TRP 41 41 41 TRP TRP A . n 
A 1 42 LYS 42 42 42 LYS LYS A . n 
A 1 43 VAL 43 43 43 VAL VAL A . n 
A 1 44 GLU 44 44 44 GLU GLU A . n 
A 1 45 VAL 45 45 45 VAL VAL A . n 
A 1 46 ASN 46 46 46 ASN ASN A . n 
A 1 47 ASP 47 47 47 ASP ASP A . n 
A 1 48 ARG 48 48 48 ARG ARG A . n 
A 1 49 GLN 49 49 49 GLN GLN A . n 
A 1 50 GLY 50 50 50 GLY GLY A . n 
A 1 51 PHE 51 51 51 PHE PHE A . n 
A 1 52 VAL 52 52 52 VAL VAL A . n 
A 1 53 PRO 53 53 53 PRO PRO A . n 
A 1 54 ALA 54 54 54 ALA ALA A . n 
A 1 55 ALA 55 55 55 ALA ALA A . n 
A 1 56 TYR 56 56 56 TYR TYR A . n 
A 1 57 VAL 57 57 57 VAL VAL A . n 
A 1 58 LYS 58 58 58 LYS LYS A . n 
A 1 59 LYS 59 59 59 LYS LYS A . n 
A 1 60 LEU 60 60 60 LEU LEU A . n 
A 1 61 ASP 61 61 61 ASP ASP A . n 
A 1 62 PRO 62 62 62 PRO PRO A . n 
A 1 63 ALA 63 63 ?  ?   ?   A . n 
A 1 64 GLN 64 64 ?  ?   ?   A . n 
A 1 65 SER 65 65 ?  ?   ?   A . n 
A 1 66 ALA 66 66 ?  ?   ?   A . n 
A 1 67 SER 67 67 ?  ?   ?   A . n 
A 1 68 ARG 68 68 ?  ?   ?   A . n 
A 1 69 GLU 69 69 ?  ?   ?   A . n 
A 1 70 ASN 70 70 ?  ?   ?   A . n 
A 1 71 LEU 71 71 ?  ?   ?   A . n 
A 1 72 GLY 72 72 ?  ?   ?   A . n 
A 1 73 GLY 73 73 ?  ?   ?   A . n 
B 1 1  MET 1  1  ?  ?   ?   B . n 
B 1 2  GLY 2  2  ?  ?   ?   B . n 
B 1 3  THR 3  3  ?  ?   ?   B . n 
B 1 4  GLY 4  4  ?  ?   ?   B . n 
B 1 5  LYS 5  5  5  LYS LYS B . n 
B 1 6  GLU 6  6  6  GLU GLU B . n 
B 1 7  LEU 7  7  7  LEU LEU B . n 
B 1 8  VAL 8  8  8  VAL VAL B . n 
B 1 9  LEU 9  9  9  LEU LEU B . n 
B 1 10 ALA 10 10 10 ALA ALA B . n 
B 1 11 LEU 11 11 11 LEU LEU B . n 
B 1 12 TYR 12 12 12 TYR TYR B . n 
B 1 13 ASP 13 13 13 ASP ASP B . n 
B 1 14 TYR 14 14 14 TYR TYR B . n 
B 1 15 GLN 15 15 15 GLN GLN B . n 
B 1 16 GLU 16 16 16 GLU GLU B . n 
B 1 17 LYS 17 17 17 LYS LYS B . n 
B 1 18 SER 18 18 18 SER SER B . n 
B 1 19 PRO 19 19 19 PRO PRO B . n 
B 1 20 ARG 20 20 20 ARG ARG B . n 
B 1 21 GLU 21 21 21 GLU GLU B . n 
B 1 22 VAL 22 22 22 VAL VAL B . n 
B 1 23 THR 23 23 23 THR THR B . n 
B 1 24 MET 24 24 24 MET MET B . n 
B 1 25 LYS 25 25 25 LYS LYS B . n 
B 1 26 LYS 26 26 26 LYS LYS B . n 
B 1 27 GLY 27 27 27 GLY GLY B . n 
B 1 28 ASP 28 28 28 ASP ASP B . n 
B 1 29 ILE 29 29 29 ILE ILE B . n 
B 1 30 LEU 30 30 30 LEU LEU B . n 
B 1 31 THR 31 31 31 THR THR B . n 
B 1 32 LEU 32 32 32 LEU LEU B . n 
B 1 33 LEU 33 33 33 LEU LEU B . n 
B 1 34 ASN 34 34 34 ASN ASN B . n 
B 1 35 SER 35 35 35 SER SER B . n 
B 1 36 THR 36 36 36 THR THR B . n 
B 1 37 ASN 37 37 37 ASN ASN B . n 
B 1 38 LYS 38 38 38 LYS LYS B . n 
B 1 39 ASP 39 39 39 ASP ASP B . n 
B 1 40 TRP 40 40 40 TRP TRP B . n 
B 1 41 TRP 41 41 41 TRP TRP B . n 
B 1 42 LYS 42 42 42 LYS LYS B . n 
B 1 43 VAL 43 43 43 VAL VAL B . n 
B 1 44 GLU 44 44 44 GLU GLU B . n 
B 1 45 VAL 45 45 45 VAL VAL B . n 
B 1 46 ASN 46 46 46 ASN ASN B . n 
B 1 47 ASP 47 47 47 ASP ASP B . n 
B 1 48 ARG 48 48 48 ARG ARG B . n 
B 1 49 GLN 49 49 49 GLN GLN B . n 
B 1 50 GLY 50 50 50 GLY GLY B . n 
B 1 51 PHE 51 51 51 PHE PHE B . n 
B 1 52 VAL 52 52 52 VAL VAL B . n 
B 1 53 PRO 53 53 53 PRO PRO B . n 
B 1 54 ALA 54 54 54 ALA ALA B . n 
B 1 55 ALA 55 55 55 ALA ALA B . n 
B 1 56 TYR 56 56 56 TYR TYR B . n 
B 1 57 VAL 57 57 57 VAL VAL B . n 
B 1 58 LYS 58 58 58 LYS LYS B . n 
B 1 59 LYS 59 59 59 LYS LYS B . n 
B 1 60 LEU 60 60 60 LEU LEU B . n 
B 1 61 ASP 61 61 61 ASP ASP B . n 
B 1 62 PRO 62 62 62 PRO PRO B . n 
B 1 63 ALA 63 63 ?  ?   ?   B . n 
B 1 64 GLN 64 64 ?  ?   ?   B . n 
B 1 65 SER 65 65 ?  ?   ?   B . n 
B 1 66 ALA 66 66 ?  ?   ?   B . n 
B 1 67 SER 67 67 ?  ?   ?   B . n 
B 1 68 ARG 68 68 ?  ?   ?   B . n 
B 1 69 GLU 69 69 ?  ?   ?   B . n 
B 1 70 ASN 70 70 ?  ?   ?   B . n 
B 1 71 LEU 71 71 ?  ?   ?   B . n 
B 1 72 GLY 72 72 ?  ?   ?   B . n 
B 1 73 GLY 73 73 ?  ?   ?   B . n 
C 2 1  PRO 1  74 74 PRO PRO C . n 
C 2 2  PRO 2  75 75 PRO PRO C . n 
C 2 3  PRO 3  76 76 PRO PRO C . n 
C 2 4  VAL 4  77 77 VAL VAL C . n 
C 2 5  PRO 5  78 78 PRO PRO C . n 
C 2 6  PRO 6  79 79 PRO PRO C . n 
C 2 7  TYR 7  80 ?  ?   ?   C . n 
C 2 8  SER 8  81 ?  ?   ?   C . n 
C 2 9  ALA 9  82 ?  ?   ?   C . n 
C 2 10 GLY 10 83 ?  ?   ?   C . n 
D 2 1  PRO 1  74 74 PRO PRO D . n 
D 2 2  PRO 2  75 75 PRO PRO D . n 
D 2 3  PRO 3  76 76 PRO PRO D . n 
D 2 4  VAL 4  77 77 VAL VAL D . n 
D 2 5  PRO 5  78 78 PRO PRO D . n 
D 2 6  PRO 6  79 79 PRO PRO D . n 
D 2 7  TYR 7  80 ?  ?   ?   D . n 
D 2 8  SER 8  81 ?  ?   ?   D . n 
D 2 9  ALA 9  82 ?  ?   ?   D . n 
D 2 10 GLY 10 83 ?  ?   ?   D . n 
# 
loop_
_pdbx_nonpoly_scheme.asym_id 
_pdbx_nonpoly_scheme.entity_id 
_pdbx_nonpoly_scheme.mon_id 
_pdbx_nonpoly_scheme.ndb_seq_num 
_pdbx_nonpoly_scheme.pdb_seq_num 
_pdbx_nonpoly_scheme.auth_seq_num 
_pdbx_nonpoly_scheme.pdb_mon_id 
_pdbx_nonpoly_scheme.auth_mon_id 
_pdbx_nonpoly_scheme.pdb_strand_id 
_pdbx_nonpoly_scheme.pdb_ins_code 
E 3 BME 1  84  84  BME BME A . 
F 4 SO4 1  84  84  SO4 SO4 B . 
G 3 BME 1  85  85  BME BME B . 
H 5 HOH 1  85  85  HOH HOH A . 
H 5 HOH 2  86  86  HOH HOH A . 
H 5 HOH 3  87  87  HOH HOH A . 
H 5 HOH 4  88  88  HOH HOH A . 
H 5 HOH 5  89  89  HOH HOH A . 
H 5 HOH 6  90  90  HOH HOH A . 
H 5 HOH 7  91  91  HOH HOH A . 
H 5 HOH 8  92  92  HOH HOH A . 
H 5 HOH 9  93  93  HOH HOH A . 
H 5 HOH 10 94  94  HOH HOH A . 
H 5 HOH 11 95  95  HOH HOH A . 
H 5 HOH 12 96  96  HOH HOH A . 
H 5 HOH 13 97  97  HOH HOH A . 
H 5 HOH 14 98  98  HOH HOH A . 
H 5 HOH 15 99  99  HOH HOH A . 
H 5 HOH 16 100 100 HOH HOH A . 
H 5 HOH 17 102 102 HOH HOH A . 
H 5 HOH 18 103 103 HOH HOH A . 
H 5 HOH 19 104 104 HOH HOH A . 
H 5 HOH 20 105 105 HOH HOH A . 
H 5 HOH 21 106 106 HOH HOH A . 
H 5 HOH 22 107 107 HOH HOH A . 
H 5 HOH 23 108 108 HOH HOH A . 
H 5 HOH 24 109 109 HOH HOH A . 
H 5 HOH 25 110 110 HOH HOH A . 
H 5 HOH 26 111 111 HOH HOH A . 
H 5 HOH 27 112 112 HOH HOH A . 
H 5 HOH 28 113 113 HOH HOH A . 
I 5 HOH 1  86  86  HOH HOH B . 
I 5 HOH 2  87  87  HOH HOH B . 
I 5 HOH 3  88  88  HOH HOH B . 
I 5 HOH 4  89  89  HOH HOH B . 
I 5 HOH 5  90  90  HOH HOH B . 
I 5 HOH 6  91  91  HOH HOH B . 
I 5 HOH 7  92  92  HOH HOH B . 
I 5 HOH 8  94  94  HOH HOH B . 
I 5 HOH 9  95  95  HOH HOH B . 
I 5 HOH 10 97  97  HOH HOH B . 
I 5 HOH 11 98  98  HOH HOH B . 
I 5 HOH 12 99  99  HOH HOH B . 
I 5 HOH 13 100 100 HOH HOH B . 
I 5 HOH 14 101 101 HOH HOH B . 
J 5 HOH 1  101 101 HOH HOH C . 
K 5 HOH 1  93  93  HOH HOH D . 
K 5 HOH 2  96  96  HOH HOH D . 
# 
loop_
_pdbx_struct_assembly.id 
_pdbx_struct_assembly.details 
_pdbx_struct_assembly.method_details 
_pdbx_struct_assembly.oligomeric_details 
_pdbx_struct_assembly.oligomeric_count 
1 author_defined_assembly ? dimeric 2 
2 author_defined_assembly ? dimeric 2 
# 
loop_
_pdbx_struct_assembly_gen.assembly_id 
_pdbx_struct_assembly_gen.oper_expression 
_pdbx_struct_assembly_gen.asym_id_list 
1 1 A,C,E,H,J   
2 1 B,D,F,G,I,K 
# 
_pdbx_struct_oper_list.id                   1 
_pdbx_struct_oper_list.type                 'identity operation' 
_pdbx_struct_oper_list.name                 1_555 
_pdbx_struct_oper_list.symmetry_operation   x,y,z 
_pdbx_struct_oper_list.matrix[1][1]         1.0000000000 
_pdbx_struct_oper_list.matrix[1][2]         0.0000000000 
_pdbx_struct_oper_list.matrix[1][3]         0.0000000000 
_pdbx_struct_oper_list.vector[1]            0.0000000000 
_pdbx_struct_oper_list.matrix[2][1]         0.0000000000 
_pdbx_struct_oper_list.matrix[2][2]         1.0000000000 
_pdbx_struct_oper_list.matrix[2][3]         0.0000000000 
_pdbx_struct_oper_list.vector[2]            0.0000000000 
_pdbx_struct_oper_list.matrix[3][1]         0.0000000000 
_pdbx_struct_oper_list.matrix[3][2]         0.0000000000 
_pdbx_struct_oper_list.matrix[3][3]         1.0000000000 
_pdbx_struct_oper_list.vector[3]            0.0000000000 
# 
loop_
_pdbx_audit_revision_history.ordinal 
_pdbx_audit_revision_history.data_content_type 
_pdbx_audit_revision_history.major_revision 
_pdbx_audit_revision_history.minor_revision 
_pdbx_audit_revision_history.revision_date 
1 'Structure model' 1 0 2011-11-23 
2 'Structure model' 1 1 2011-11-30 
3 'Structure model' 1 2 2023-09-13 
# 
_pdbx_audit_revision_details.ordinal             1 
_pdbx_audit_revision_details.revision_ordinal    1 
_pdbx_audit_revision_details.data_content_type   'Structure model' 
_pdbx_audit_revision_details.provider            repository 
_pdbx_audit_revision_details.type                'Initial release' 
_pdbx_audit_revision_details.description         ? 
_pdbx_audit_revision_details.details             ? 
# 
loop_
_pdbx_audit_revision_group.ordinal 
_pdbx_audit_revision_group.revision_ordinal 
_pdbx_audit_revision_group.data_content_type 
_pdbx_audit_revision_group.group 
1 2 'Structure model' 'Database references'    
2 3 'Structure model' 'Data collection'        
3 3 'Structure model' 'Database references'    
4 3 'Structure model' 'Derived calculations'   
5 3 'Structure model' 'Refinement description' 
# 
loop_
_pdbx_audit_revision_category.ordinal 
_pdbx_audit_revision_category.revision_ordinal 
_pdbx_audit_revision_category.data_content_type 
_pdbx_audit_revision_category.category 
1 3 'Structure model' chem_comp_atom                
2 3 'Structure model' chem_comp_bond                
3 3 'Structure model' database_2                    
4 3 'Structure model' diffrn_source                 
5 3 'Structure model' pdbx_initial_refinement_model 
6 3 'Structure model' struct_ref_seq_dif            
7 3 'Structure model' struct_site                   
# 
loop_
_pdbx_audit_revision_item.ordinal 
_pdbx_audit_revision_item.revision_ordinal 
_pdbx_audit_revision_item.data_content_type 
_pdbx_audit_revision_item.item 
1 3 'Structure model' '_database_2.pdbx_DOI'                 
2 3 'Structure model' '_database_2.pdbx_database_accession'  
3 3 'Structure model' '_diffrn_source.pdbx_synchrotron_site' 
4 3 'Structure model' '_struct_ref_seq_dif.details'          
5 3 'Structure model' '_struct_site.pdbx_auth_asym_id'       
6 3 'Structure model' '_struct_site.pdbx_auth_comp_id'       
7 3 'Structure model' '_struct_site.pdbx_auth_seq_id'        
# 
loop_
_software.name 
_software.classification 
_software.version 
_software.citation_id 
_software.pdbx_ordinal 
XDS    'data scaling'   .        ? 1 
PHASER phasing          .        ? 2 
REFMAC refinement       5.5.0109 ? 3 
XDS    'data reduction' .        ? 4 
# 
_pdbx_entry_details.entry_id                 3THK 
_pdbx_entry_details.nonpolymer_details       ? 
_pdbx_entry_details.sequence_details         
;THE PROTEIN WAS EXPRESSED AS ONE CHIMERIC ENTITY WITH THE COMPLETE SEQUENCE OF MGTGKELVLALYDYQEKSPREVTMKKGDILTLLNSTNKDWWKVEVNDRQGFVPAAYVKKLDPAQSASRENLGGPPPVPPYSAG. BUT IT IS REPRESENTED HERE AS TWO ENTITIES FOR EASE OF UNDERSTANDING FOR THE USERS. CHAINS C AND D (THE PEPTIDE PART) ARE THUS THE C-TERMINAL PART OF CHAINS A AND B (THE PROTEIN PART). DUE TO LACK OF DENSITY IN THE LINKER REGION, THE CORRECT ASSOCIATION BETWEEN THE TWO DIFFERENT PROTEIN AND PEPTIDE PARTS ARE UNKNOWN
;
_pdbx_entry_details.compound_details         ? 
_pdbx_entry_details.source_details           ? 
_pdbx_entry_details.has_ligand_of_interest   ? 
# 
loop_
_pdbx_validate_rmsd_angle.id 
_pdbx_validate_rmsd_angle.PDB_model_num 
_pdbx_validate_rmsd_angle.auth_atom_id_1 
_pdbx_validate_rmsd_angle.auth_asym_id_1 
_pdbx_validate_rmsd_angle.auth_comp_id_1 
_pdbx_validate_rmsd_angle.auth_seq_id_1 
_pdbx_validate_rmsd_angle.PDB_ins_code_1 
_pdbx_validate_rmsd_angle.label_alt_id_1 
_pdbx_validate_rmsd_angle.auth_atom_id_2 
_pdbx_validate_rmsd_angle.auth_asym_id_2 
_pdbx_validate_rmsd_angle.auth_comp_id_2 
_pdbx_validate_rmsd_angle.auth_seq_id_2 
_pdbx_validate_rmsd_angle.PDB_ins_code_2 
_pdbx_validate_rmsd_angle.label_alt_id_2 
_pdbx_validate_rmsd_angle.auth_atom_id_3 
_pdbx_validate_rmsd_angle.auth_asym_id_3 
_pdbx_validate_rmsd_angle.auth_comp_id_3 
_pdbx_validate_rmsd_angle.auth_seq_id_3 
_pdbx_validate_rmsd_angle.PDB_ins_code_3 
_pdbx_validate_rmsd_angle.label_alt_id_3 
_pdbx_validate_rmsd_angle.angle_value 
_pdbx_validate_rmsd_angle.angle_target_value 
_pdbx_validate_rmsd_angle.angle_deviation 
_pdbx_validate_rmsd_angle.angle_standard_deviation 
_pdbx_validate_rmsd_angle.linker_flag 
1 1 C C PRO 74 ? ? N C PRO 75 ? ? CD C PRO 75 ? ? 110.87 128.40 -17.53 2.10 Y 
2 1 C C VAL 77 ? ? N C PRO 78 ? ? CD C PRO 78 ? ? 111.46 128.40 -16.94 2.10 Y 
3 1 C C PRO 78 ? ? N C PRO 79 ? ? CD C PRO 79 ? ? 115.34 128.40 -13.06 2.10 Y 
# 
loop_
_pdbx_validate_torsion.id 
_pdbx_validate_torsion.PDB_model_num 
_pdbx_validate_torsion.auth_comp_id 
_pdbx_validate_torsion.auth_asym_id 
_pdbx_validate_torsion.auth_seq_id 
_pdbx_validate_torsion.PDB_ins_code 
_pdbx_validate_torsion.label_alt_id 
_pdbx_validate_torsion.phi 
_pdbx_validate_torsion.psi 
1 1 ASN A 46 ? A 60.18 -123.97 
2 1 ASN A 46 ? B 15.61 92.67   
3 1 ASP A 47 ? B 83.72 -9.20   
4 1 ASN B 46 ? A 56.02 -114.79 
5 1 ASN B 46 ? B 14.79 82.51   
# 
loop_
_pdbx_unobs_or_zero_occ_residues.id 
_pdbx_unobs_or_zero_occ_residues.PDB_model_num 
_pdbx_unobs_or_zero_occ_residues.polymer_flag 
_pdbx_unobs_or_zero_occ_residues.occupancy_flag 
_pdbx_unobs_or_zero_occ_residues.auth_asym_id 
_pdbx_unobs_or_zero_occ_residues.auth_comp_id 
_pdbx_unobs_or_zero_occ_residues.auth_seq_id 
_pdbx_unobs_or_zero_occ_residues.PDB_ins_code 
_pdbx_unobs_or_zero_occ_residues.label_asym_id 
_pdbx_unobs_or_zero_occ_residues.label_comp_id 
_pdbx_unobs_or_zero_occ_residues.label_seq_id 
1  1 Y 1 A MET 1  ? A MET 1  
2  1 Y 1 A GLY 2  ? A GLY 2  
3  1 Y 1 A THR 3  ? A THR 3  
4  1 Y 1 A GLY 4  ? A GLY 4  
5  1 Y 1 A ALA 63 ? A ALA 63 
6  1 Y 1 A GLN 64 ? A GLN 64 
7  1 Y 1 A SER 65 ? A SER 65 
8  1 Y 1 A ALA 66 ? A ALA 66 
9  1 Y 1 A SER 67 ? A SER 67 
10 1 Y 1 A ARG 68 ? A ARG 68 
11 1 Y 1 A GLU 69 ? A GLU 69 
12 1 Y 1 A ASN 70 ? A ASN 70 
13 1 Y 1 A LEU 71 ? A LEU 71 
14 1 Y 1 A GLY 72 ? A GLY 72 
15 1 Y 1 A GLY 73 ? A GLY 73 
16 1 Y 1 B MET 1  ? B MET 1  
17 1 Y 1 B GLY 2  ? B GLY 2  
18 1 Y 1 B THR 3  ? B THR 3  
19 1 Y 1 B GLY 4  ? B GLY 4  
20 1 Y 1 B ALA 63 ? B ALA 63 
21 1 Y 1 B GLN 64 ? B GLN 64 
22 1 Y 1 B SER 65 ? B SER 65 
23 1 Y 1 B ALA 66 ? B ALA 66 
24 1 Y 1 B SER 67 ? B SER 67 
25 1 Y 1 B ARG 68 ? B ARG 68 
26 1 Y 1 B GLU 69 ? B GLU 69 
27 1 Y 1 B ASN 70 ? B ASN 70 
28 1 Y 1 B LEU 71 ? B LEU 71 
29 1 Y 1 B GLY 72 ? B GLY 72 
30 1 Y 1 B GLY 73 ? B GLY 73 
31 1 Y 1 C TYR 80 ? C TYR 7  
32 1 Y 1 C SER 81 ? C SER 8  
33 1 Y 1 C ALA 82 ? C ALA 9  
34 1 Y 1 C GLY 83 ? C GLY 10 
35 1 Y 1 D TYR 80 ? D TYR 7  
36 1 Y 1 D SER 81 ? D SER 8  
37 1 Y 1 D ALA 82 ? D ALA 9  
38 1 Y 1 D GLY 83 ? D GLY 10 
# 
loop_
_chem_comp_atom.comp_id 
_chem_comp_atom.atom_id 
_chem_comp_atom.type_symbol 
_chem_comp_atom.pdbx_aromatic_flag 
_chem_comp_atom.pdbx_stereo_config 
_chem_comp_atom.pdbx_ordinal 
ALA N    N N N 1   
ALA CA   C N S 2   
ALA C    C N N 3   
ALA O    O N N 4   
ALA CB   C N N 5   
ALA OXT  O N N 6   
ALA H    H N N 7   
ALA H2   H N N 8   
ALA HA   H N N 9   
ALA HB1  H N N 10  
ALA HB2  H N N 11  
ALA HB3  H N N 12  
ALA HXT  H N N 13  
ARG N    N N N 14  
ARG CA   C N S 15  
ARG C    C N N 16  
ARG O    O N N 17  
ARG CB   C N N 18  
ARG CG   C N N 19  
ARG CD   C N N 20  
ARG NE   N N N 21  
ARG CZ   C N N 22  
ARG NH1  N N N 23  
ARG NH2  N N N 24  
ARG OXT  O N N 25  
ARG H    H N N 26  
ARG H2   H N N 27  
ARG HA   H N N 28  
ARG HB2  H N N 29  
ARG HB3  H N N 30  
ARG HG2  H N N 31  
ARG HG3  H N N 32  
ARG HD2  H N N 33  
ARG HD3  H N N 34  
ARG HE   H N N 35  
ARG HH11 H N N 36  
ARG HH12 H N N 37  
ARG HH21 H N N 38  
ARG HH22 H N N 39  
ARG HXT  H N N 40  
ASN N    N N N 41  
ASN CA   C N S 42  
ASN C    C N N 43  
ASN O    O N N 44  
ASN CB   C N N 45  
ASN CG   C N N 46  
ASN OD1  O N N 47  
ASN ND2  N N N 48  
ASN OXT  O N N 49  
ASN H    H N N 50  
ASN H2   H N N 51  
ASN HA   H N N 52  
ASN HB2  H N N 53  
ASN HB3  H N N 54  
ASN HD21 H N N 55  
ASN HD22 H N N 56  
ASN HXT  H N N 57  
ASP N    N N N 58  
ASP CA   C N S 59  
ASP C    C N N 60  
ASP O    O N N 61  
ASP CB   C N N 62  
ASP CG   C N N 63  
ASP OD1  O N N 64  
ASP OD2  O N N 65  
ASP OXT  O N N 66  
ASP H    H N N 67  
ASP H2   H N N 68  
ASP HA   H N N 69  
ASP HB2  H N N 70  
ASP HB3  H N N 71  
ASP HD2  H N N 72  
ASP HXT  H N N 73  
BME C1   C N N 74  
BME C2   C N N 75  
BME O1   O N N 76  
BME S2   S N N 77  
BME H11  H N N 78  
BME H12  H N N 79  
BME H21  H N N 80  
BME H22  H N N 81  
BME HO1  H N N 82  
BME HS2  H N N 83  
GLN N    N N N 84  
GLN CA   C N S 85  
GLN C    C N N 86  
GLN O    O N N 87  
GLN CB   C N N 88  
GLN CG   C N N 89  
GLN CD   C N N 90  
GLN OE1  O N N 91  
GLN NE2  N N N 92  
GLN OXT  O N N 93  
GLN H    H N N 94  
GLN H2   H N N 95  
GLN HA   H N N 96  
GLN HB2  H N N 97  
GLN HB3  H N N 98  
GLN HG2  H N N 99  
GLN HG3  H N N 100 
GLN HE21 H N N 101 
GLN HE22 H N N 102 
GLN HXT  H N N 103 
GLU N    N N N 104 
GLU CA   C N S 105 
GLU C    C N N 106 
GLU O    O N N 107 
GLU CB   C N N 108 
GLU CG   C N N 109 
GLU CD   C N N 110 
GLU OE1  O N N 111 
GLU OE2  O N N 112 
GLU OXT  O N N 113 
GLU H    H N N 114 
GLU H2   H N N 115 
GLU HA   H N N 116 
GLU HB2  H N N 117 
GLU HB3  H N N 118 
GLU HG2  H N N 119 
GLU HG3  H N N 120 
GLU HE2  H N N 121 
GLU HXT  H N N 122 
GLY N    N N N 123 
GLY CA   C N N 124 
GLY C    C N N 125 
GLY O    O N N 126 
GLY OXT  O N N 127 
GLY H    H N N 128 
GLY H2   H N N 129 
GLY HA2  H N N 130 
GLY HA3  H N N 131 
GLY HXT  H N N 132 
HOH O    O N N 133 
HOH H1   H N N 134 
HOH H2   H N N 135 
ILE N    N N N 136 
ILE CA   C N S 137 
ILE C    C N N 138 
ILE O    O N N 139 
ILE CB   C N S 140 
ILE CG1  C N N 141 
ILE CG2  C N N 142 
ILE CD1  C N N 143 
ILE OXT  O N N 144 
ILE H    H N N 145 
ILE H2   H N N 146 
ILE HA   H N N 147 
ILE HB   H N N 148 
ILE HG12 H N N 149 
ILE HG13 H N N 150 
ILE HG21 H N N 151 
ILE HG22 H N N 152 
ILE HG23 H N N 153 
ILE HD11 H N N 154 
ILE HD12 H N N 155 
ILE HD13 H N N 156 
ILE HXT  H N N 157 
LEU N    N N N 158 
LEU CA   C N S 159 
LEU C    C N N 160 
LEU O    O N N 161 
LEU CB   C N N 162 
LEU CG   C N N 163 
LEU CD1  C N N 164 
LEU CD2  C N N 165 
LEU OXT  O N N 166 
LEU H    H N N 167 
LEU H2   H N N 168 
LEU HA   H N N 169 
LEU HB2  H N N 170 
LEU HB3  H N N 171 
LEU HG   H N N 172 
LEU HD11 H N N 173 
LEU HD12 H N N 174 
LEU HD13 H N N 175 
LEU HD21 H N N 176 
LEU HD22 H N N 177 
LEU HD23 H N N 178 
LEU HXT  H N N 179 
LYS N    N N N 180 
LYS CA   C N S 181 
LYS C    C N N 182 
LYS O    O N N 183 
LYS CB   C N N 184 
LYS CG   C N N 185 
LYS CD   C N N 186 
LYS CE   C N N 187 
LYS NZ   N N N 188 
LYS OXT  O N N 189 
LYS H    H N N 190 
LYS H2   H N N 191 
LYS HA   H N N 192 
LYS HB2  H N N 193 
LYS HB3  H N N 194 
LYS HG2  H N N 195 
LYS HG3  H N N 196 
LYS HD2  H N N 197 
LYS HD3  H N N 198 
LYS HE2  H N N 199 
LYS HE3  H N N 200 
LYS HZ1  H N N 201 
LYS HZ2  H N N 202 
LYS HZ3  H N N 203 
LYS HXT  H N N 204 
MET N    N N N 205 
MET CA   C N S 206 
MET C    C N N 207 
MET O    O N N 208 
MET CB   C N N 209 
MET CG   C N N 210 
MET SD   S N N 211 
MET CE   C N N 212 
MET OXT  O N N 213 
MET H    H N N 214 
MET H2   H N N 215 
MET HA   H N N 216 
MET HB2  H N N 217 
MET HB3  H N N 218 
MET HG2  H N N 219 
MET HG3  H N N 220 
MET HE1  H N N 221 
MET HE2  H N N 222 
MET HE3  H N N 223 
MET HXT  H N N 224 
PHE N    N N N 225 
PHE CA   C N S 226 
PHE C    C N N 227 
PHE O    O N N 228 
PHE CB   C N N 229 
PHE CG   C Y N 230 
PHE CD1  C Y N 231 
PHE CD2  C Y N 232 
PHE CE1  C Y N 233 
PHE CE2  C Y N 234 
PHE CZ   C Y N 235 
PHE OXT  O N N 236 
PHE H    H N N 237 
PHE H2   H N N 238 
PHE HA   H N N 239 
PHE HB2  H N N 240 
PHE HB3  H N N 241 
PHE HD1  H N N 242 
PHE HD2  H N N 243 
PHE HE1  H N N 244 
PHE HE2  H N N 245 
PHE HZ   H N N 246 
PHE HXT  H N N 247 
PRO N    N N N 248 
PRO CA   C N S 249 
PRO C    C N N 250 
PRO O    O N N 251 
PRO CB   C N N 252 
PRO CG   C N N 253 
PRO CD   C N N 254 
PRO OXT  O N N 255 
PRO H    H N N 256 
PRO HA   H N N 257 
PRO HB2  H N N 258 
PRO HB3  H N N 259 
PRO HG2  H N N 260 
PRO HG3  H N N 261 
PRO HD2  H N N 262 
PRO HD3  H N N 263 
PRO HXT  H N N 264 
SER N    N N N 265 
SER CA   C N S 266 
SER C    C N N 267 
SER O    O N N 268 
SER CB   C N N 269 
SER OG   O N N 270 
SER OXT  O N N 271 
SER H    H N N 272 
SER H2   H N N 273 
SER HA   H N N 274 
SER HB2  H N N 275 
SER HB3  H N N 276 
SER HG   H N N 277 
SER HXT  H N N 278 
SO4 S    S N N 279 
SO4 O1   O N N 280 
SO4 O2   O N N 281 
SO4 O3   O N N 282 
SO4 O4   O N N 283 
THR N    N N N 284 
THR CA   C N S 285 
THR C    C N N 286 
THR O    O N N 287 
THR CB   C N R 288 
THR OG1  O N N 289 
THR CG2  C N N 290 
THR OXT  O N N 291 
THR H    H N N 292 
THR H2   H N N 293 
THR HA   H N N 294 
THR HB   H N N 295 
THR HG1  H N N 296 
THR HG21 H N N 297 
THR HG22 H N N 298 
THR HG23 H N N 299 
THR HXT  H N N 300 
TRP N    N N N 301 
TRP CA   C N S 302 
TRP C    C N N 303 
TRP O    O N N 304 
TRP CB   C N N 305 
TRP CG   C Y N 306 
TRP CD1  C Y N 307 
TRP CD2  C Y N 308 
TRP NE1  N Y N 309 
TRP CE2  C Y N 310 
TRP CE3  C Y N 311 
TRP CZ2  C Y N 312 
TRP CZ3  C Y N 313 
TRP CH2  C Y N 314 
TRP OXT  O N N 315 
TRP H    H N N 316 
TRP H2   H N N 317 
TRP HA   H N N 318 
TRP HB2  H N N 319 
TRP HB3  H N N 320 
TRP HD1  H N N 321 
TRP HE1  H N N 322 
TRP HE3  H N N 323 
TRP HZ2  H N N 324 
TRP HZ3  H N N 325 
TRP HH2  H N N 326 
TRP HXT  H N N 327 
TYR N    N N N 328 
TYR CA   C N S 329 
TYR C    C N N 330 
TYR O    O N N 331 
TYR CB   C N N 332 
TYR CG   C Y N 333 
TYR CD1  C Y N 334 
TYR CD2  C Y N 335 
TYR CE1  C Y N 336 
TYR CE2  C Y N 337 
TYR CZ   C Y N 338 
TYR OH   O N N 339 
TYR OXT  O N N 340 
TYR H    H N N 341 
TYR H2   H N N 342 
TYR HA   H N N 343 
TYR HB2  H N N 344 
TYR HB3  H N N 345 
TYR HD1  H N N 346 
TYR HD2  H N N 347 
TYR HE1  H N N 348 
TYR HE2  H N N 349 
TYR HH   H N N 350 
TYR HXT  H N N 351 
VAL N    N N N 352 
VAL CA   C N S 353 
VAL C    C N N 354 
VAL O    O N N 355 
VAL CB   C N N 356 
VAL CG1  C N N 357 
VAL CG2  C N N 358 
VAL OXT  O N N 359 
VAL H    H N N 360 
VAL H2   H N N 361 
VAL HA   H N N 362 
VAL HB   H N N 363 
VAL HG11 H N N 364 
VAL HG12 H N N 365 
VAL HG13 H N N 366 
VAL HG21 H N N 367 
VAL HG22 H N N 368 
VAL HG23 H N N 369 
VAL HXT  H N N 370 
# 
loop_
_chem_comp_bond.comp_id 
_chem_comp_bond.atom_id_1 
_chem_comp_bond.atom_id_2 
_chem_comp_bond.value_order 
_chem_comp_bond.pdbx_aromatic_flag 
_chem_comp_bond.pdbx_stereo_config 
_chem_comp_bond.pdbx_ordinal 
ALA N   CA   sing N N 1   
ALA N   H    sing N N 2   
ALA N   H2   sing N N 3   
ALA CA  C    sing N N 4   
ALA CA  CB   sing N N 5   
ALA CA  HA   sing N N 6   
ALA C   O    doub N N 7   
ALA C   OXT  sing N N 8   
ALA CB  HB1  sing N N 9   
ALA CB  HB2  sing N N 10  
ALA CB  HB3  sing N N 11  
ALA OXT HXT  sing N N 12  
ARG N   CA   sing N N 13  
ARG N   H    sing N N 14  
ARG N   H2   sing N N 15  
ARG CA  C    sing N N 16  
ARG CA  CB   sing N N 17  
ARG CA  HA   sing N N 18  
ARG C   O    doub N N 19  
ARG C   OXT  sing N N 20  
ARG CB  CG   sing N N 21  
ARG CB  HB2  sing N N 22  
ARG CB  HB3  sing N N 23  
ARG CG  CD   sing N N 24  
ARG CG  HG2  sing N N 25  
ARG CG  HG3  sing N N 26  
ARG CD  NE   sing N N 27  
ARG CD  HD2  sing N N 28  
ARG CD  HD3  sing N N 29  
ARG NE  CZ   sing N N 30  
ARG NE  HE   sing N N 31  
ARG CZ  NH1  sing N N 32  
ARG CZ  NH2  doub N N 33  
ARG NH1 HH11 sing N N 34  
ARG NH1 HH12 sing N N 35  
ARG NH2 HH21 sing N N 36  
ARG NH2 HH22 sing N N 37  
ARG OXT HXT  sing N N 38  
ASN N   CA   sing N N 39  
ASN N   H    sing N N 40  
ASN N   H2   sing N N 41  
ASN CA  C    sing N N 42  
ASN CA  CB   sing N N 43  
ASN CA  HA   sing N N 44  
ASN C   O    doub N N 45  
ASN C   OXT  sing N N 46  
ASN CB  CG   sing N N 47  
ASN CB  HB2  sing N N 48  
ASN CB  HB3  sing N N 49  
ASN CG  OD1  doub N N 50  
ASN CG  ND2  sing N N 51  
ASN ND2 HD21 sing N N 52  
ASN ND2 HD22 sing N N 53  
ASN OXT HXT  sing N N 54  
ASP N   CA   sing N N 55  
ASP N   H    sing N N 56  
ASP N   H2   sing N N 57  
ASP CA  C    sing N N 58  
ASP CA  CB   sing N N 59  
ASP CA  HA   sing N N 60  
ASP C   O    doub N N 61  
ASP C   OXT  sing N N 62  
ASP CB  CG   sing N N 63  
ASP CB  HB2  sing N N 64  
ASP CB  HB3  sing N N 65  
ASP CG  OD1  doub N N 66  
ASP CG  OD2  sing N N 67  
ASP OD2 HD2  sing N N 68  
ASP OXT HXT  sing N N 69  
BME C1  C2   sing N N 70  
BME C1  O1   sing N N 71  
BME C1  H11  sing N N 72  
BME C1  H12  sing N N 73  
BME C2  S2   sing N N 74  
BME C2  H21  sing N N 75  
BME C2  H22  sing N N 76  
BME O1  HO1  sing N N 77  
BME S2  HS2  sing N N 78  
GLN N   CA   sing N N 79  
GLN N   H    sing N N 80  
GLN N   H2   sing N N 81  
GLN CA  C    sing N N 82  
GLN CA  CB   sing N N 83  
GLN CA  HA   sing N N 84  
GLN C   O    doub N N 85  
GLN C   OXT  sing N N 86  
GLN CB  CG   sing N N 87  
GLN CB  HB2  sing N N 88  
GLN CB  HB3  sing N N 89  
GLN CG  CD   sing N N 90  
GLN CG  HG2  sing N N 91  
GLN CG  HG3  sing N N 92  
GLN CD  OE1  doub N N 93  
GLN CD  NE2  sing N N 94  
GLN NE2 HE21 sing N N 95  
GLN NE2 HE22 sing N N 96  
GLN OXT HXT  sing N N 97  
GLU N   CA   sing N N 98  
GLU N   H    sing N N 99  
GLU N   H2   sing N N 100 
GLU CA  C    sing N N 101 
GLU CA  CB   sing N N 102 
GLU CA  HA   sing N N 103 
GLU C   O    doub N N 104 
GLU C   OXT  sing N N 105 
GLU CB  CG   sing N N 106 
GLU CB  HB2  sing N N 107 
GLU CB  HB3  sing N N 108 
GLU CG  CD   sing N N 109 
GLU CG  HG2  sing N N 110 
GLU CG  HG3  sing N N 111 
GLU CD  OE1  doub N N 112 
GLU CD  OE2  sing N N 113 
GLU OE2 HE2  sing N N 114 
GLU OXT HXT  sing N N 115 
GLY N   CA   sing N N 116 
GLY N   H    sing N N 117 
GLY N   H2   sing N N 118 
GLY CA  C    sing N N 119 
GLY CA  HA2  sing N N 120 
GLY CA  HA3  sing N N 121 
GLY C   O    doub N N 122 
GLY C   OXT  sing N N 123 
GLY OXT HXT  sing N N 124 
HOH O   H1   sing N N 125 
HOH O   H2   sing N N 126 
ILE N   CA   sing N N 127 
ILE N   H    sing N N 128 
ILE N   H2   sing N N 129 
ILE CA  C    sing N N 130 
ILE CA  CB   sing N N 131 
ILE CA  HA   sing N N 132 
ILE C   O    doub N N 133 
ILE C   OXT  sing N N 134 
ILE CB  CG1  sing N N 135 
ILE CB  CG2  sing N N 136 
ILE CB  HB   sing N N 137 
ILE CG1 CD1  sing N N 138 
ILE CG1 HG12 sing N N 139 
ILE CG1 HG13 sing N N 140 
ILE CG2 HG21 sing N N 141 
ILE CG2 HG22 sing N N 142 
ILE CG2 HG23 sing N N 143 
ILE CD1 HD11 sing N N 144 
ILE CD1 HD12 sing N N 145 
ILE CD1 HD13 sing N N 146 
ILE OXT HXT  sing N N 147 
LEU N   CA   sing N N 148 
LEU N   H    sing N N 149 
LEU N   H2   sing N N 150 
LEU CA  C    sing N N 151 
LEU CA  CB   sing N N 152 
LEU CA  HA   sing N N 153 
LEU C   O    doub N N 154 
LEU C   OXT  sing N N 155 
LEU CB  CG   sing N N 156 
LEU CB  HB2  sing N N 157 
LEU CB  HB3  sing N N 158 
LEU CG  CD1  sing N N 159 
LEU CG  CD2  sing N N 160 
LEU CG  HG   sing N N 161 
LEU CD1 HD11 sing N N 162 
LEU CD1 HD12 sing N N 163 
LEU CD1 HD13 sing N N 164 
LEU CD2 HD21 sing N N 165 
LEU CD2 HD22 sing N N 166 
LEU CD2 HD23 sing N N 167 
LEU OXT HXT  sing N N 168 
LYS N   CA   sing N N 169 
LYS N   H    sing N N 170 
LYS N   H2   sing N N 171 
LYS CA  C    sing N N 172 
LYS CA  CB   sing N N 173 
LYS CA  HA   sing N N 174 
LYS C   O    doub N N 175 
LYS C   OXT  sing N N 176 
LYS CB  CG   sing N N 177 
LYS CB  HB2  sing N N 178 
LYS CB  HB3  sing N N 179 
LYS CG  CD   sing N N 180 
LYS CG  HG2  sing N N 181 
LYS CG  HG3  sing N N 182 
LYS CD  CE   sing N N 183 
LYS CD  HD2  sing N N 184 
LYS CD  HD3  sing N N 185 
LYS CE  NZ   sing N N 186 
LYS CE  HE2  sing N N 187 
LYS CE  HE3  sing N N 188 
LYS NZ  HZ1  sing N N 189 
LYS NZ  HZ2  sing N N 190 
LYS NZ  HZ3  sing N N 191 
LYS OXT HXT  sing N N 192 
MET N   CA   sing N N 193 
MET N   H    sing N N 194 
MET N   H2   sing N N 195 
MET CA  C    sing N N 196 
MET CA  CB   sing N N 197 
MET CA  HA   sing N N 198 
MET C   O    doub N N 199 
MET C   OXT  sing N N 200 
MET CB  CG   sing N N 201 
MET CB  HB2  sing N N 202 
MET CB  HB3  sing N N 203 
MET CG  SD   sing N N 204 
MET CG  HG2  sing N N 205 
MET CG  HG3  sing N N 206 
MET SD  CE   sing N N 207 
MET CE  HE1  sing N N 208 
MET CE  HE2  sing N N 209 
MET CE  HE3  sing N N 210 
MET OXT HXT  sing N N 211 
PHE N   CA   sing N N 212 
PHE N   H    sing N N 213 
PHE N   H2   sing N N 214 
PHE CA  C    sing N N 215 
PHE CA  CB   sing N N 216 
PHE CA  HA   sing N N 217 
PHE C   O    doub N N 218 
PHE C   OXT  sing N N 219 
PHE CB  CG   sing N N 220 
PHE CB  HB2  sing N N 221 
PHE CB  HB3  sing N N 222 
PHE CG  CD1  doub Y N 223 
PHE CG  CD2  sing Y N 224 
PHE CD1 CE1  sing Y N 225 
PHE CD1 HD1  sing N N 226 
PHE CD2 CE2  doub Y N 227 
PHE CD2 HD2  sing N N 228 
PHE CE1 CZ   doub Y N 229 
PHE CE1 HE1  sing N N 230 
PHE CE2 CZ   sing Y N 231 
PHE CE2 HE2  sing N N 232 
PHE CZ  HZ   sing N N 233 
PHE OXT HXT  sing N N 234 
PRO N   CA   sing N N 235 
PRO N   CD   sing N N 236 
PRO N   H    sing N N 237 
PRO CA  C    sing N N 238 
PRO CA  CB   sing N N 239 
PRO CA  HA   sing N N 240 
PRO C   O    doub N N 241 
PRO C   OXT  sing N N 242 
PRO CB  CG   sing N N 243 
PRO CB  HB2  sing N N 244 
PRO CB  HB3  sing N N 245 
PRO CG  CD   sing N N 246 
PRO CG  HG2  sing N N 247 
PRO CG  HG3  sing N N 248 
PRO CD  HD2  sing N N 249 
PRO CD  HD3  sing N N 250 
PRO OXT HXT  sing N N 251 
SER N   CA   sing N N 252 
SER N   H    sing N N 253 
SER N   H2   sing N N 254 
SER CA  C    sing N N 255 
SER CA  CB   sing N N 256 
SER CA  HA   sing N N 257 
SER C   O    doub N N 258 
SER C   OXT  sing N N 259 
SER CB  OG   sing N N 260 
SER CB  HB2  sing N N 261 
SER CB  HB3  sing N N 262 
SER OG  HG   sing N N 263 
SER OXT HXT  sing N N 264 
SO4 S   O1   doub N N 265 
SO4 S   O2   doub N N 266 
SO4 S   O3   sing N N 267 
SO4 S   O4   sing N N 268 
THR N   CA   sing N N 269 
THR N   H    sing N N 270 
THR N   H2   sing N N 271 
THR CA  C    sing N N 272 
THR CA  CB   sing N N 273 
THR CA  HA   sing N N 274 
THR C   O    doub N N 275 
THR C   OXT  sing N N 276 
THR CB  OG1  sing N N 277 
THR CB  CG2  sing N N 278 
THR CB  HB   sing N N 279 
THR OG1 HG1  sing N N 280 
THR CG2 HG21 sing N N 281 
THR CG2 HG22 sing N N 282 
THR CG2 HG23 sing N N 283 
THR OXT HXT  sing N N 284 
TRP N   CA   sing N N 285 
TRP N   H    sing N N 286 
TRP N   H2   sing N N 287 
TRP CA  C    sing N N 288 
TRP CA  CB   sing N N 289 
TRP CA  HA   sing N N 290 
TRP C   O    doub N N 291 
TRP C   OXT  sing N N 292 
TRP CB  CG   sing N N 293 
TRP CB  HB2  sing N N 294 
TRP CB  HB3  sing N N 295 
TRP CG  CD1  doub Y N 296 
TRP CG  CD2  sing Y N 297 
TRP CD1 NE1  sing Y N 298 
TRP CD1 HD1  sing N N 299 
TRP CD2 CE2  doub Y N 300 
TRP CD2 CE3  sing Y N 301 
TRP NE1 CE2  sing Y N 302 
TRP NE1 HE1  sing N N 303 
TRP CE2 CZ2  sing Y N 304 
TRP CE3 CZ3  doub Y N 305 
TRP CE3 HE3  sing N N 306 
TRP CZ2 CH2  doub Y N 307 
TRP CZ2 HZ2  sing N N 308 
TRP CZ3 CH2  sing Y N 309 
TRP CZ3 HZ3  sing N N 310 
TRP CH2 HH2  sing N N 311 
TRP OXT HXT  sing N N 312 
TYR N   CA   sing N N 313 
TYR N   H    sing N N 314 
TYR N   H2   sing N N 315 
TYR CA  C    sing N N 316 
TYR CA  CB   sing N N 317 
TYR CA  HA   sing N N 318 
TYR C   O    doub N N 319 
TYR C   OXT  sing N N 320 
TYR CB  CG   sing N N 321 
TYR CB  HB2  sing N N 322 
TYR CB  HB3  sing N N 323 
TYR CG  CD1  doub Y N 324 
TYR CG  CD2  sing Y N 325 
TYR CD1 CE1  sing Y N 326 
TYR CD1 HD1  sing N N 327 
TYR CD2 CE2  doub Y N 328 
TYR CD2 HD2  sing N N 329 
TYR CE1 CZ   doub Y N 330 
TYR CE1 HE1  sing N N 331 
TYR CE2 CZ   sing Y N 332 
TYR CE2 HE2  sing N N 333 
TYR CZ  OH   sing N N 334 
TYR OH  HH   sing N N 335 
TYR OXT HXT  sing N N 336 
VAL N   CA   sing N N 337 
VAL N   H    sing N N 338 
VAL N   H2   sing N N 339 
VAL CA  C    sing N N 340 
VAL CA  CB   sing N N 341 
VAL CA  HA   sing N N 342 
VAL C   O    doub N N 343 
VAL C   OXT  sing N N 344 
VAL CB  CG1  sing N N 345 
VAL CB  CG2  sing N N 346 
VAL CB  HB   sing N N 347 
VAL CG1 HG11 sing N N 348 
VAL CG1 HG12 sing N N 349 
VAL CG1 HG13 sing N N 350 
VAL CG2 HG21 sing N N 351 
VAL CG2 HG22 sing N N 352 
VAL CG2 HG23 sing N N 353 
VAL OXT HXT  sing N N 354 
# 
loop_
_pdbx_entity_nonpoly.entity_id 
_pdbx_entity_nonpoly.name 
_pdbx_entity_nonpoly.comp_id 
3 BETA-MERCAPTOETHANOL BME 
4 'SULFATE ION'        SO4 
5 water                HOH 
# 
_pdbx_initial_refinement_model.id               1 
_pdbx_initial_refinement_model.entity_id_list   ? 
_pdbx_initial_refinement_model.type             'experimental model' 
_pdbx_initial_refinement_model.source_name      PDB 
_pdbx_initial_refinement_model.accession_code   1SHG 
_pdbx_initial_refinement_model.details          'PDB ENTRY 1SHG' 
# 
loop_
_pdbx_reflns_twin.domain_id 
_pdbx_reflns_twin.crystal_id 
_pdbx_reflns_twin.diffrn_id 
_pdbx_reflns_twin.type 
_pdbx_reflns_twin.operator 
_pdbx_reflns_twin.fraction 
1 1 1 ? 'H, K, L'     0.564 
2 1 1 ? '-H-K, K, -L' 0.436 
# 
